data_1LGW
# 
_entry.id   1LGW 
# 
_audit_conform.dict_name       mmcif_pdbx.dic 
_audit_conform.dict_version    5.376 
_audit_conform.dict_location   http://mmcif.pdb.org/dictionaries/ascii/mmcif_pdbx.dic 
# 
loop_
_database_2.database_id 
_database_2.database_code 
_database_2.pdbx_database_accession 
_database_2.pdbx_DOI 
PDB   1LGW         pdb_00001lgw 10.2210/pdb1lgw/pdb 
RCSB  RCSB015940   ?            ?                   
WWPDB D_1000015940 ?            ?                   
# 
loop_
_pdbx_database_related.db_name 
_pdbx_database_related.db_id 
_pdbx_database_related.details 
_pdbx_database_related.content_type 
PDB 1LGU 'T4 Lysozyme Mutant L99A/M102Q'                              unspecified 
PDB 1LGX 'T4 lysozyme mutant L99A/M102Q bound by 3,5-difluoroaniline' unspecified 
PDB 1LI2 'T4 lysozyme mutant L99A/M102Q bound by phenol'              unspecified 
PDB 1LI3 'T4 lysozyme mutant L99A/M102Q bound by 3-chlorophenol'      unspecified 
PDB 1LI6 'T4 lysozyme mutant L99A/M102Q bound by 5-methylpyrrole'     unspecified 
# 
_pdbx_database_status.status_code                     REL 
_pdbx_database_status.entry_id                        1LGW 
_pdbx_database_status.recvd_initial_deposition_date   2002-04-16 
_pdbx_database_status.deposit_site                    RCSB 
_pdbx_database_status.process_site                    RCSB 
_pdbx_database_status.status_code_sf                  REL 
_pdbx_database_status.SG_entry                        . 
_pdbx_database_status.pdb_format_compatible           Y 
_pdbx_database_status.status_code_mr                  ? 
_pdbx_database_status.status_code_cs                  ? 
_pdbx_database_status.status_code_nmr_data            ? 
_pdbx_database_status.methods_development_category    ? 
# 
loop_
_audit_author.name 
_audit_author.pdbx_ordinal 
'Wei, B.Q.'      1 
'Baase, W.A.'    2 
'Weaver, L.H.'   3 
'Matthews, B.W.' 4 
'Shoichet, B.K.' 5 
# 
_citation.id                        primary 
_citation.title                     'A Model Binding Site for Testing Scoring Functions in Molecular Docking' 
_citation.journal_abbrev            J.Mol.Biol. 
_citation.journal_volume            322 
_citation.page_first                339 
_citation.page_last                 355 
_citation.year                      2002 
_citation.journal_id_ASTM           JMOBAK 
_citation.country                   UK 
_citation.journal_id_ISSN           0022-2836 
_citation.journal_id_CSD            0070 
_citation.book_publisher            ? 
_citation.pdbx_database_id_PubMed   12217695 
_citation.pdbx_database_id_DOI      '10.1016/S0022-2836(02)00777-5' 
# 
loop_
_citation_author.citation_id 
_citation_author.name 
_citation_author.ordinal 
_citation_author.identifier_ORCID 
primary 'Wei, B.Q.'      1 ? 
primary 'Baase, W.A.'    2 ? 
primary 'Weaver, L.H.'   3 ? 
primary 'Matthews, B.W.' 4 ? 
primary 'Shoichet, B.K.' 5 ? 
# 
_cell.entry_id           1LGW 
_cell.length_a           60.800 
_cell.length_b           60.800 
_cell.length_c           97.740 
_cell.angle_alpha        90.00 
_cell.angle_beta         90.00 
_cell.angle_gamma        120.00 
_cell.Z_PDB              6 
_cell.pdbx_unique_axis   ? 
# 
_symmetry.entry_id                         1LGW 
_symmetry.space_group_name_H-M             'P 32 2 1' 
_symmetry.pdbx_full_space_group_name_H-M   ? 
_symmetry.cell_setting                     ? 
_symmetry.Int_Tables_number                154 
# 
loop_
_entity.id 
_entity.type 
_entity.src_method 
_entity.pdbx_description 
_entity.formula_weight 
_entity.pdbx_number_of_molecules 
_entity.pdbx_ec 
_entity.pdbx_mutation 
_entity.pdbx_fragment 
_entity.details 
1 polymer     man Lysozyme             18617.320 1  3.2.1.17 'L99A, M102Q' ? ? 
2 non-polymer syn 'CHLORIDE ION'       35.453    2  ?        ?             ? ? 
3 non-polymer syn BETA-MERCAPTOETHANOL 78.133    2  ?        ?             ? ? 
4 non-polymer syn 2-FLUOROANILINE      111.117   1  ?        ?             ? ? 
5 water       nat water                18.015    68 ?        ?             ? ? 
# 
_entity_name_com.entity_id   1 
_entity_name_com.name        'Lysis protein, Muramidase, Endolysin' 
# 
_entity_poly.entity_id                      1 
_entity_poly.type                           'polypeptide(L)' 
_entity_poly.nstd_linkage                   no 
_entity_poly.nstd_monomer                   no 
_entity_poly.pdbx_seq_one_letter_code       
;MNIFEMLRIDEGLRLKIYKDTEGYYTIGIGHLLTKSPSLNAAKSELDKAIGRNCNGVITKDEAEKLFNQDVDAAVRGILR
NAKLKPVYDSLDAVRRCAAINQVFQMGETGVAGFTNSLRMLQQKRWDEAAVNLAKSRWYNQTPNRAKRVITTFRTGTWDA
YKNL
;
_entity_poly.pdbx_seq_one_letter_code_can   
;MNIFEMLRIDEGLRLKIYKDTEGYYTIGIGHLLTKSPSLNAAKSELDKAIGRNCNGVITKDEAEKLFNQDVDAAVRGILR
NAKLKPVYDSLDAVRRCAAINQVFQMGETGVAGFTNSLRMLQQKRWDEAAVNLAKSRWYNQTPNRAKRVITTFRTGTWDA
YKNL
;
_entity_poly.pdbx_strand_id                 A 
_entity_poly.pdbx_target_identifier         ? 
# 
loop_
_entity_poly_seq.entity_id 
_entity_poly_seq.num 
_entity_poly_seq.mon_id 
_entity_poly_seq.hetero 
1 1   MET n 
1 2   ASN n 
1 3   ILE n 
1 4   PHE n 
1 5   GLU n 
1 6   MET n 
1 7   LEU n 
1 8   ARG n 
1 9   ILE n 
1 10  ASP n 
1 11  GLU n 
1 12  GLY n 
1 13  LEU n 
1 14  ARG n 
1 15  LEU n 
1 16  LYS n 
1 17  ILE n 
1 18  TYR n 
1 19  LYS n 
1 20  ASP n 
1 21  THR n 
1 22  GLU n 
1 23  GLY n 
1 24  TYR n 
1 25  TYR n 
1 26  THR n 
1 27  ILE n 
1 28  GLY n 
1 29  ILE n 
1 30  GLY n 
1 31  HIS n 
1 32  LEU n 
1 33  LEU n 
1 34  THR n 
1 35  LYS n 
1 36  SER n 
1 37  PRO n 
1 38  SER n 
1 39  LEU n 
1 40  ASN n 
1 41  ALA n 
1 42  ALA n 
1 43  LYS n 
1 44  SER n 
1 45  GLU n 
1 46  LEU n 
1 47  ASP n 
1 48  LYS n 
1 49  ALA n 
1 50  ILE n 
1 51  GLY n 
1 52  ARG n 
1 53  ASN n 
1 54  CYS n 
1 55  ASN n 
1 56  GLY n 
1 57  VAL n 
1 58  ILE n 
1 59  THR n 
1 60  LYS n 
1 61  ASP n 
1 62  GLU n 
1 63  ALA n 
1 64  GLU n 
1 65  LYS n 
1 66  LEU n 
1 67  PHE n 
1 68  ASN n 
1 69  GLN n 
1 70  ASP n 
1 71  VAL n 
1 72  ASP n 
1 73  ALA n 
1 74  ALA n 
1 75  VAL n 
1 76  ARG n 
1 77  GLY n 
1 78  ILE n 
1 79  LEU n 
1 80  ARG n 
1 81  ASN n 
1 82  ALA n 
1 83  LYS n 
1 84  LEU n 
1 85  LYS n 
1 86  PRO n 
1 87  VAL n 
1 88  TYR n 
1 89  ASP n 
1 90  SER n 
1 91  LEU n 
1 92  ASP n 
1 93  ALA n 
1 94  VAL n 
1 95  ARG n 
1 96  ARG n 
1 97  CYS n 
1 98  ALA n 
1 99  ALA n 
1 100 ILE n 
1 101 ASN n 
1 102 GLN n 
1 103 VAL n 
1 104 PHE n 
1 105 GLN n 
1 106 MET n 
1 107 GLY n 
1 108 GLU n 
1 109 THR n 
1 110 GLY n 
1 111 VAL n 
1 112 ALA n 
1 113 GLY n 
1 114 PHE n 
1 115 THR n 
1 116 ASN n 
1 117 SER n 
1 118 LEU n 
1 119 ARG n 
1 120 MET n 
1 121 LEU n 
1 122 GLN n 
1 123 GLN n 
1 124 LYS n 
1 125 ARG n 
1 126 TRP n 
1 127 ASP n 
1 128 GLU n 
1 129 ALA n 
1 130 ALA n 
1 131 VAL n 
1 132 ASN n 
1 133 LEU n 
1 134 ALA n 
1 135 LYS n 
1 136 SER n 
1 137 ARG n 
1 138 TRP n 
1 139 TYR n 
1 140 ASN n 
1 141 GLN n 
1 142 THR n 
1 143 PRO n 
1 144 ASN n 
1 145 ARG n 
1 146 ALA n 
1 147 LYS n 
1 148 ARG n 
1 149 VAL n 
1 150 ILE n 
1 151 THR n 
1 152 THR n 
1 153 PHE n 
1 154 ARG n 
1 155 THR n 
1 156 GLY n 
1 157 THR n 
1 158 TRP n 
1 159 ASP n 
1 160 ALA n 
1 161 TYR n 
1 162 LYS n 
1 163 ASN n 
1 164 LEU n 
# 
_entity_src_gen.entity_id                          1 
_entity_src_gen.pdbx_src_id                        1 
_entity_src_gen.pdbx_alt_source_flag               sample 
_entity_src_gen.pdbx_seq_type                      ? 
_entity_src_gen.pdbx_beg_seq_num                   ? 
_entity_src_gen.pdbx_end_seq_num                   ? 
_entity_src_gen.gene_src_common_name               ? 
_entity_src_gen.gene_src_genus                     'T4-like viruses' 
_entity_src_gen.pdbx_gene_src_gene                 ? 
_entity_src_gen.gene_src_species                   'Enterobacteria phage T4 sensu lato' 
_entity_src_gen.gene_src_strain                    ? 
_entity_src_gen.gene_src_tissue                    ? 
_entity_src_gen.gene_src_tissue_fraction           ? 
_entity_src_gen.gene_src_details                   ? 
_entity_src_gen.pdbx_gene_src_fragment             ? 
_entity_src_gen.pdbx_gene_src_scientific_name      'Enterobacteria phage T4' 
_entity_src_gen.pdbx_gene_src_ncbi_taxonomy_id     10665 
_entity_src_gen.pdbx_gene_src_variant              ? 
_entity_src_gen.pdbx_gene_src_cell_line            ? 
_entity_src_gen.pdbx_gene_src_atcc                 ? 
_entity_src_gen.pdbx_gene_src_organ                ? 
_entity_src_gen.pdbx_gene_src_organelle            ? 
_entity_src_gen.pdbx_gene_src_cell                 ? 
_entity_src_gen.pdbx_gene_src_cellular_location    ? 
_entity_src_gen.host_org_common_name               ? 
_entity_src_gen.pdbx_host_org_scientific_name      'Escherichia coli' 
_entity_src_gen.pdbx_host_org_ncbi_taxonomy_id     562 
_entity_src_gen.host_org_genus                     Escherichia 
_entity_src_gen.pdbx_host_org_gene                 ? 
_entity_src_gen.pdbx_host_org_organ                ? 
_entity_src_gen.host_org_species                   ? 
_entity_src_gen.pdbx_host_org_tissue               ? 
_entity_src_gen.pdbx_host_org_tissue_fraction      ? 
_entity_src_gen.pdbx_host_org_strain               ? 
_entity_src_gen.pdbx_host_org_variant              ? 
_entity_src_gen.pdbx_host_org_cell_line            ? 
_entity_src_gen.pdbx_host_org_atcc                 ? 
_entity_src_gen.pdbx_host_org_culture_collection   ? 
_entity_src_gen.pdbx_host_org_cell                 ? 
_entity_src_gen.pdbx_host_org_organelle            ? 
_entity_src_gen.pdbx_host_org_cellular_location    ? 
_entity_src_gen.pdbx_host_org_vector_type          ? 
_entity_src_gen.pdbx_host_org_vector               ? 
_entity_src_gen.host_org_details                   ? 
_entity_src_gen.expression_system_id               ? 
_entity_src_gen.plasmid_name                       ? 
_entity_src_gen.plasmid_details                    ? 
_entity_src_gen.pdbx_description                   ? 
# 
_struct_ref.id                         1 
_struct_ref.db_name                    UNP 
_struct_ref.db_code                    LYS_BPT4 
_struct_ref.entity_id                  1 
_struct_ref.pdbx_seq_one_letter_code   
;MNIFEMLRIDEGLRLKIYKDTEGYYTIGIGHLLTKSPSLNAAKSELDKAIGRNCNGVITKDEAEKLFNQDVDAAVRGILR
NAKLKPVYDSLDAVRRCALINMVFQMGETGVAGFTNSLRMLQQKRWDEAAVNLAKSRWYNQTPNRAKRVITTFRTGTWDA
YKNL
;
_struct_ref.pdbx_align_begin           1 
_struct_ref.pdbx_db_accession          P00720 
_struct_ref.pdbx_db_isoform            ? 
# 
_struct_ref_seq.align_id                      1 
_struct_ref_seq.ref_id                        1 
_struct_ref_seq.pdbx_PDB_id_code              1LGW 
_struct_ref_seq.pdbx_strand_id                A 
_struct_ref_seq.seq_align_beg                 1 
_struct_ref_seq.pdbx_seq_align_beg_ins_code   ? 
_struct_ref_seq.seq_align_end                 164 
_struct_ref_seq.pdbx_seq_align_end_ins_code   ? 
_struct_ref_seq.pdbx_db_accession             P00720 
_struct_ref_seq.db_align_beg                  1 
_struct_ref_seq.pdbx_db_align_beg_ins_code    ? 
_struct_ref_seq.db_align_end                  164 
_struct_ref_seq.pdbx_db_align_end_ins_code    ? 
_struct_ref_seq.pdbx_auth_seq_align_beg       1 
_struct_ref_seq.pdbx_auth_seq_align_end       164 
# 
loop_
_struct_ref_seq_dif.align_id 
_struct_ref_seq_dif.pdbx_pdb_id_code 
_struct_ref_seq_dif.mon_id 
_struct_ref_seq_dif.pdbx_pdb_strand_id 
_struct_ref_seq_dif.seq_num 
_struct_ref_seq_dif.pdbx_pdb_ins_code 
_struct_ref_seq_dif.pdbx_seq_db_name 
_struct_ref_seq_dif.pdbx_seq_db_accession_code 
_struct_ref_seq_dif.db_mon_id 
_struct_ref_seq_dif.pdbx_seq_db_seq_num 
_struct_ref_seq_dif.details 
_struct_ref_seq_dif.pdbx_auth_seq_num 
_struct_ref_seq_dif.pdbx_ordinal 
1 1LGW ALA A 99  ? UNP P00720 LEU 99  'engineered mutation' 99  1 
1 1LGW GLN A 102 ? UNP P00720 MET 102 'engineered mutation' 102 2 
# 
loop_
_chem_comp.id 
_chem_comp.type 
_chem_comp.mon_nstd_flag 
_chem_comp.name 
_chem_comp.pdbx_synonyms 
_chem_comp.formula 
_chem_comp.formula_weight 
1AN non-polymer         . 2-FLUOROANILINE      ? 'C6 H6 F N'      111.117 
ALA 'L-peptide linking' y ALANINE              ? 'C3 H7 N O2'     89.093  
ARG 'L-peptide linking' y ARGININE             ? 'C6 H15 N4 O2 1' 175.209 
ASN 'L-peptide linking' y ASPARAGINE           ? 'C4 H8 N2 O3'    132.118 
ASP 'L-peptide linking' y 'ASPARTIC ACID'      ? 'C4 H7 N O4'     133.103 
BME non-polymer         . BETA-MERCAPTOETHANOL ? 'C2 H6 O S'      78.133  
CL  non-polymer         . 'CHLORIDE ION'       ? 'Cl -1'          35.453  
CYS 'L-peptide linking' y CYSTEINE             ? 'C3 H7 N O2 S'   121.158 
GLN 'L-peptide linking' y GLUTAMINE            ? 'C5 H10 N2 O3'   146.144 
GLU 'L-peptide linking' y 'GLUTAMIC ACID'      ? 'C5 H9 N O4'     147.129 
GLY 'peptide linking'   y GLYCINE              ? 'C2 H5 N O2'     75.067  
HIS 'L-peptide linking' y HISTIDINE            ? 'C6 H10 N3 O2 1' 156.162 
HOH non-polymer         . WATER                ? 'H2 O'           18.015  
ILE 'L-peptide linking' y ISOLEUCINE           ? 'C6 H13 N O2'    131.173 
LEU 'L-peptide linking' y LEUCINE              ? 'C6 H13 N O2'    131.173 
LYS 'L-peptide linking' y LYSINE               ? 'C6 H15 N2 O2 1' 147.195 
MET 'L-peptide linking' y METHIONINE           ? 'C5 H11 N O2 S'  149.211 
PHE 'L-peptide linking' y PHENYLALANINE        ? 'C9 H11 N O2'    165.189 
PRO 'L-peptide linking' y PROLINE              ? 'C5 H9 N O2'     115.130 
SER 'L-peptide linking' y SERINE               ? 'C3 H7 N O3'     105.093 
THR 'L-peptide linking' y THREONINE            ? 'C4 H9 N O3'     119.119 
TRP 'L-peptide linking' y TRYPTOPHAN           ? 'C11 H12 N2 O2'  204.225 
TYR 'L-peptide linking' y TYROSINE             ? 'C9 H11 N O3'    181.189 
VAL 'L-peptide linking' y VALINE               ? 'C5 H11 N O2'    117.146 
# 
_exptl.entry_id          1LGW 
_exptl.method            'X-RAY DIFFRACTION' 
_exptl.crystals_number   1 
# 
_exptl_crystal.id                    1 
_exptl_crystal.density_meas          ? 
_exptl_crystal.density_percent_sol   56.08 
_exptl_crystal.density_Matthews      2.80 
_exptl_crystal.description           ? 
# 
_diffrn.id                     1 
_diffrn.ambient_temp           298 
_diffrn.ambient_temp_details   ? 
_diffrn.crystal_id             1 
# 
_diffrn_detector.diffrn_id              1 
_diffrn_detector.detector               'AREA DETECTOR' 
_diffrn_detector.type                   SDMS 
_diffrn_detector.pdbx_collection_date   2001-05-01 
_diffrn_detector.details                'graphite monochrometer plus pinhole' 
# 
_diffrn_radiation.diffrn_id                        1 
_diffrn_radiation.wavelength_id                    1 
_diffrn_radiation.pdbx_monochromatic_or_laue_m_l   M 
_diffrn_radiation.monochromator                    graphite 
_diffrn_radiation.pdbx_diffrn_protocol             'SINGLE WAVELENGTH' 
_diffrn_radiation.pdbx_scattering_type             x-ray 
# 
_diffrn_radiation_wavelength.id           1 
_diffrn_radiation_wavelength.wavelength   1.5418 
_diffrn_radiation_wavelength.wt           1.0 
# 
_diffrn_source.diffrn_id                   1 
_diffrn_source.source                      'ROTATING ANODE' 
_diffrn_source.type                        'RIGAKU RU200' 
_diffrn_source.pdbx_synchrotron_site       ? 
_diffrn_source.pdbx_synchrotron_beamline   ? 
_diffrn_source.pdbx_wavelength             ? 
_diffrn_source.pdbx_wavelength_list        1.5418 
# 
_reflns.entry_id                     1LGW 
_reflns.observed_criterion_sigma_I   0.0 
_reflns.observed_criterion_sigma_F   ? 
_reflns.d_resolution_low             15. 
_reflns.d_resolution_high            1.85 
_reflns.number_obs                   16636 
_reflns.number_all                   16636 
_reflns.percent_possible_obs         87 
_reflns.pdbx_Rmerge_I_obs            0.041 
_reflns.pdbx_Rsym_value              ? 
_reflns.pdbx_netI_over_sigmaI        10.9 
_reflns.B_iso_Wilson_estimate        ? 
_reflns.pdbx_redundancy              ? 
_reflns.R_free_details               ? 
_reflns.limit_h_max                  ? 
_reflns.limit_h_min                  ? 
_reflns.limit_k_max                  ? 
_reflns.limit_k_min                  ? 
_reflns.limit_l_max                  ? 
_reflns.limit_l_min                  ? 
_reflns.observed_criterion_F_max     ? 
_reflns.observed_criterion_F_min     ? 
_reflns.pdbx_diffrn_id               1 
_reflns.pdbx_ordinal                 1 
# 
_reflns_shell.d_res_high             1.85 
_reflns_shell.d_res_low              1.99 
_reflns_shell.percent_possible_all   77 
_reflns_shell.Rmerge_I_obs           0.155 
_reflns_shell.pdbx_Rsym_value        ? 
_reflns_shell.meanI_over_sigI_obs    2.5 
_reflns_shell.pdbx_redundancy        ? 
_reflns_shell.percent_possible_obs   ? 
_reflns_shell.number_unique_all      2773 
_reflns_shell.pdbx_diffrn_id         ? 
_reflns_shell.pdbx_ordinal           1 
# 
_refine.entry_id                                 1LGW 
_refine.ls_number_reflns_obs                     16636 
_refine.ls_number_reflns_all                     16636 
_refine.pdbx_ls_sigma_I                          0.0 
_refine.pdbx_ls_sigma_F                          0.0 
_refine.pdbx_data_cutoff_high_absF               ? 
_refine.pdbx_data_cutoff_low_absF                ? 
_refine.ls_d_res_low                             15. 
_refine.ls_d_res_high                            1.85 
_refine.ls_percent_reflns_obs                    87 
_refine.ls_R_factor_obs                          ? 
_refine.ls_R_factor_all                          ? 
_refine.ls_R_factor_R_work                       0.176 
_refine.ls_R_factor_R_free                       ? 
_refine.ls_R_factor_R_free_error                 ? 
_refine.ls_R_factor_R_free_error_details         ? 
_refine.ls_percent_reflns_R_free                 ? 
_refine.ls_number_reflns_R_free                  ? 
_refine.ls_number_parameters                     ? 
_refine.ls_number_restraints                     ? 
_refine.occupancy_min                            ? 
_refine.occupancy_max                            ? 
_refine.correlation_coeff_Fo_to_Fc               ? 
_refine.correlation_coeff_Fo_to_Fc_free          ? 
_refine.B_iso_mean                               ? 
_refine.aniso_B[1][1]                            ? 
_refine.aniso_B[2][2]                            ? 
_refine.aniso_B[3][3]                            ? 
_refine.aniso_B[1][2]                            ? 
_refine.aniso_B[1][3]                            ? 
_refine.aniso_B[2][3]                            ? 
_refine.solvent_model_details                    ? 
_refine.solvent_model_param_ksol                 ? 
_refine.solvent_model_param_bsol                 ? 
_refine.pdbx_solvent_vdw_probe_radii             ? 
_refine.pdbx_solvent_ion_probe_radii             ? 
_refine.pdbx_solvent_shrinkage_radii             ? 
_refine.pdbx_ls_cross_valid_method               ? 
_refine.details                                  'residues ASN163 and LEU164 are missing in the electron density' 
_refine.pdbx_starting_model                      'PDB ENTRY 1LGU' 
_refine.pdbx_method_to_determine_struct          'MOLECULAR REPLACEMENT' 
_refine.pdbx_isotropic_thermal_model             ? 
_refine.pdbx_stereochemistry_target_values       'Engh & Huber' 
_refine.pdbx_stereochem_target_val_spec_case     ? 
_refine.pdbx_R_Free_selection_details            ? 
_refine.pdbx_overall_ESU_R_Free                  ? 
_refine.overall_SU_B                             ? 
_refine.ls_redundancy_reflns_obs                 ? 
_refine.B_iso_min                                ? 
_refine.B_iso_max                                ? 
_refine.overall_SU_R_Cruickshank_DPI             ? 
_refine.overall_SU_R_free                        ? 
_refine.overall_SU_ML                            ? 
_refine.pdbx_overall_ESU_R                       ? 
_refine.pdbx_data_cutoff_high_rms_absF           ? 
_refine.pdbx_refine_id                           'X-RAY DIFFRACTION' 
_refine.pdbx_diffrn_id                           1 
_refine.pdbx_TLS_residual_ADP_flag               ? 
_refine.pdbx_overall_phase_error                 ? 
_refine.pdbx_overall_SU_R_free_Cruickshank_DPI   ? 
_refine.pdbx_overall_SU_R_Blow_DPI               ? 
_refine.pdbx_overall_SU_R_free_Blow_DPI          ? 
# 
_refine_hist.pdbx_refine_id                   'X-RAY DIFFRACTION' 
_refine_hist.cycle_id                         LAST 
_refine_hist.pdbx_number_atoms_protein        1290 
_refine_hist.pdbx_number_atoms_nucleic_acid   0 
_refine_hist.pdbx_number_atoms_ligand         18 
_refine_hist.number_atoms_solvent             68 
_refine_hist.number_atoms_total               1376 
_refine_hist.d_res_high                       1.85 
_refine_hist.d_res_low                        15. 
# 
loop_
_refine_ls_restr.type 
_refine_ls_restr.dev_ideal 
_refine_ls_restr.dev_ideal_target 
_refine_ls_restr.weight 
_refine_ls_restr.number 
_refine_ls_restr.pdbx_refine_id 
_refine_ls_restr.pdbx_restraint_function 
t_bond_d    0.018 ? ? ? 'X-RAY DIFFRACTION' ? 
t_angle_deg 2.6   ? ? ? 'X-RAY DIFFRACTION' ? 
# 
_struct.entry_id                  1LGW 
_struct.title                     'T4 Lysozyme Mutant L99A/M102Q Bound by 2-fluoroaniline' 
_struct.pdbx_model_details        ? 
_struct.pdbx_CASP_flag            ? 
_struct.pdbx_model_type_details   ? 
# 
_struct_keywords.entry_id        1LGW 
_struct_keywords.pdbx_keywords   HYDROLASE 
_struct_keywords.text            'Glycosidase, Bacteriolytic enzyme, HYDROLASE' 
# 
loop_
_struct_asym.id 
_struct_asym.pdbx_blank_PDB_chainid_flag 
_struct_asym.pdbx_modified 
_struct_asym.entity_id 
_struct_asym.details 
A N N 1 ? 
B N N 2 ? 
C N N 2 ? 
D N N 3 ? 
E N N 3 ? 
F N N 4 ? 
G N N 5 ? 
# 
_struct_biol.id                    1 
_struct_biol.pdbx_parent_biol_id   ? 
_struct_biol.details               ? 
# 
loop_
_struct_conf.conf_type_id 
_struct_conf.id 
_struct_conf.pdbx_PDB_helix_id 
_struct_conf.beg_label_comp_id 
_struct_conf.beg_label_asym_id 
_struct_conf.beg_label_seq_id 
_struct_conf.pdbx_beg_PDB_ins_code 
_struct_conf.end_label_comp_id 
_struct_conf.end_label_asym_id 
_struct_conf.end_label_seq_id 
_struct_conf.pdbx_end_PDB_ins_code 
_struct_conf.beg_auth_comp_id 
_struct_conf.beg_auth_asym_id 
_struct_conf.beg_auth_seq_id 
_struct_conf.end_auth_comp_id 
_struct_conf.end_auth_asym_id 
_struct_conf.end_auth_seq_id 
_struct_conf.pdbx_PDB_helix_class 
_struct_conf.details 
_struct_conf.pdbx_PDB_helix_length 
HELX_P HELX_P1  1  ASN A 2   ? GLY A 12  ? ASN A 2   GLY A 12  1 ? 11 
HELX_P HELX_P2  2  SER A 38  ? GLY A 51  ? SER A 38  GLY A 51  1 ? 14 
HELX_P HELX_P3  3  THR A 59  ? ASN A 81  ? THR A 59  ASN A 81  1 ? 23 
HELX_P HELX_P4  4  LEU A 84  ? LEU A 91  ? LEU A 84  LEU A 91  1 ? 8  
HELX_P HELX_P5  5  ASP A 92  ? GLY A 113 ? ASP A 92  GLY A 113 1 ? 22 
HELX_P HELX_P6  6  PHE A 114 ? LYS A 124 ? PHE A 114 LYS A 124 1 ? 11 
HELX_P HELX_P7  7  ARG A 125 ? LYS A 135 ? ARG A 125 LYS A 135 1 ? 11 
HELX_P HELX_P8  8  SER A 136 ? THR A 142 ? SER A 136 THR A 142 1 ? 7  
HELX_P HELX_P9  9  THR A 142 ? GLY A 156 ? THR A 142 GLY A 156 1 ? 15 
HELX_P HELX_P10 10 TRP A 158 ? LYS A 162 ? TRP A 158 LYS A 162 5 ? 5  
# 
_struct_conf_type.id          HELX_P 
_struct_conf_type.criteria    ? 
_struct_conf_type.reference   ? 
# 
_struct_sheet.id               A 
_struct_sheet.type             ? 
_struct_sheet.number_strands   3 
_struct_sheet.details          ? 
# 
loop_
_struct_sheet_order.sheet_id 
_struct_sheet_order.range_id_1 
_struct_sheet_order.range_id_2 
_struct_sheet_order.offset 
_struct_sheet_order.sense 
A 1 2 ? anti-parallel 
A 2 3 ? anti-parallel 
# 
loop_
_struct_sheet_range.sheet_id 
_struct_sheet_range.id 
_struct_sheet_range.beg_label_comp_id 
_struct_sheet_range.beg_label_asym_id 
_struct_sheet_range.beg_label_seq_id 
_struct_sheet_range.pdbx_beg_PDB_ins_code 
_struct_sheet_range.end_label_comp_id 
_struct_sheet_range.end_label_asym_id 
_struct_sheet_range.end_label_seq_id 
_struct_sheet_range.pdbx_end_PDB_ins_code 
_struct_sheet_range.beg_auth_comp_id 
_struct_sheet_range.beg_auth_asym_id 
_struct_sheet_range.beg_auth_seq_id 
_struct_sheet_range.end_auth_comp_id 
_struct_sheet_range.end_auth_asym_id 
_struct_sheet_range.end_auth_seq_id 
A 1 ARG A 14 ? LYS A 19 ? ARG A 14 LYS A 19 
A 2 TYR A 25 ? GLY A 28 ? TYR A 25 GLY A 28 
A 3 HIS A 31 ? THR A 34 ? HIS A 31 THR A 34 
# 
loop_
_pdbx_struct_sheet_hbond.sheet_id 
_pdbx_struct_sheet_hbond.range_id_1 
_pdbx_struct_sheet_hbond.range_id_2 
_pdbx_struct_sheet_hbond.range_1_label_atom_id 
_pdbx_struct_sheet_hbond.range_1_label_comp_id 
_pdbx_struct_sheet_hbond.range_1_label_asym_id 
_pdbx_struct_sheet_hbond.range_1_label_seq_id 
_pdbx_struct_sheet_hbond.range_1_PDB_ins_code 
_pdbx_struct_sheet_hbond.range_1_auth_atom_id 
_pdbx_struct_sheet_hbond.range_1_auth_comp_id 
_pdbx_struct_sheet_hbond.range_1_auth_asym_id 
_pdbx_struct_sheet_hbond.range_1_auth_seq_id 
_pdbx_struct_sheet_hbond.range_2_label_atom_id 
_pdbx_struct_sheet_hbond.range_2_label_comp_id 
_pdbx_struct_sheet_hbond.range_2_label_asym_id 
_pdbx_struct_sheet_hbond.range_2_label_seq_id 
_pdbx_struct_sheet_hbond.range_2_PDB_ins_code 
_pdbx_struct_sheet_hbond.range_2_auth_atom_id 
_pdbx_struct_sheet_hbond.range_2_auth_comp_id 
_pdbx_struct_sheet_hbond.range_2_auth_asym_id 
_pdbx_struct_sheet_hbond.range_2_auth_seq_id 
A 1 2 N TYR A 18 ? N TYR A 18 O THR A 26 ? O THR A 26 
A 2 3 N TYR A 25 ? N TYR A 25 O LEU A 33 ? O LEU A 33 
# 
loop_
_struct_site.id 
_struct_site.pdbx_evidence_code 
_struct_site.pdbx_auth_asym_id 
_struct_site.pdbx_auth_comp_id 
_struct_site.pdbx_auth_seq_id 
_struct_site.pdbx_auth_ins_code 
_struct_site.pdbx_num_residues 
_struct_site.details 
AC1 Software A CL  173 ? 4 'BINDING SITE FOR RESIDUE CL A 173'  
AC2 Software A CL  178 ? 5 'BINDING SITE FOR RESIDUE CL A 178'  
AC3 Software A BME 169 ? 6 'BINDING SITE FOR RESIDUE BME A 169' 
AC4 Software A BME 170 ? 2 'BINDING SITE FOR RESIDUE BME A 170' 
AC5 Software A 1AN 401 ? 6 'BINDING SITE FOR RESIDUE 1AN A 401' 
# 
loop_
_struct_site_gen.id 
_struct_site_gen.site_id 
_struct_site_gen.pdbx_num_res 
_struct_site_gen.label_comp_id 
_struct_site_gen.label_asym_id 
_struct_site_gen.label_seq_id 
_struct_site_gen.pdbx_auth_ins_code 
_struct_site_gen.auth_comp_id 
_struct_site_gen.auth_asym_id 
_struct_site_gen.auth_seq_id 
_struct_site_gen.label_atom_id 
_struct_site_gen.label_alt_id 
_struct_site_gen.symmetry 
_struct_site_gen.details 
1  AC1 4 THR A 142 ? THR A 142 . ? 1_555 ? 
2  AC1 4 ASN A 144 ? ASN A 144 . ? 1_555 ? 
3  AC1 4 ARG A 145 ? ARG A 145 . ? 1_555 ? 
4  AC1 4 HOH G .   ? HOH A 291 . ? 4_655 ? 
5  AC2 5 ALA A 49  ? ALA A 49  . ? 1_555 ? 
6  AC2 5 GLN A 69  ? GLN A 69  . ? 1_555 ? 
7  AC2 5 SER A 136 ? SER A 136 . ? 3_665 ? 
8  AC2 5 ARG A 137 ? ARG A 137 . ? 3_665 ? 
9  AC2 5 ASN A 140 ? ASN A 140 . ? 3_665 ? 
10 AC3 6 ASP A 72  ? ASP A 72  . ? 1_555 ? 
11 AC3 6 VAL A 75  ? VAL A 75  . ? 1_555 ? 
12 AC3 6 ARG A 76  ? ARG A 76  . ? 1_555 ? 
13 AC3 6 LEU A 79  ? LEU A 79  . ? 5_555 ? 
14 AC3 6 LEU A 79  ? LEU A 79  . ? 1_555 ? 
15 AC3 6 TYR A 88  ? TYR A 88  . ? 5_555 ? 
16 AC4 2 ASP A 72  ? ASP A 72  . ? 5_555 ? 
17 AC4 2 HOH G .   ? HOH A 199 . ? 1_555 ? 
18 AC5 6 VAL A 87  ? VAL A 87  . ? 1_555 ? 
19 AC5 6 ALA A 99  ? ALA A 99  . ? 1_555 ? 
20 AC5 6 GLN A 102 ? GLN A 102 . ? 1_555 ? 
21 AC5 6 VAL A 111 ? VAL A 111 . ? 1_555 ? 
22 AC5 6 LEU A 121 ? LEU A 121 . ? 1_555 ? 
23 AC5 6 PHE A 153 ? PHE A 153 . ? 1_555 ? 
# 
_atom_sites.entry_id                    1LGW 
_atom_sites.fract_transf_matrix[1][1]   -0.01302838 
_atom_sites.fract_transf_matrix[1][2]   0.01357215 
_atom_sites.fract_transf_matrix[1][3]   0.00259537 
_atom_sites.fract_transf_matrix[2][1]   0.00106137 
_atom_sites.fract_transf_matrix[2][2]   0.01619358 
_atom_sites.fract_transf_matrix[2][3]   -0.00986597 
_atom_sites.fract_transf_matrix[3][1]   -0.00576239 
_atom_sites.fract_transf_matrix[3][2]   -0.00411986 
_atom_sites.fract_transf_matrix[3][3]   -0.00738207 
_atom_sites.fract_transf_vector[1]      0.681884 
_atom_sites.fract_transf_vector[2]      0.220948 
_atom_sites.fract_transf_vector[3]      0.100376 
# 
loop_
_atom_type.symbol 
C  
CL 
F  
N  
O  
S  
# 
loop_
_atom_site.group_PDB 
_atom_site.id 
_atom_site.type_symbol 
_atom_site.label_atom_id 
_atom_site.label_alt_id 
_atom_site.label_comp_id 
_atom_site.label_asym_id 
_atom_site.label_entity_id 
_atom_site.label_seq_id 
_atom_site.pdbx_PDB_ins_code 
_atom_site.Cartn_x 
_atom_site.Cartn_y 
_atom_site.Cartn_z 
_atom_site.occupancy 
_atom_site.B_iso_or_equiv 
_atom_site.pdbx_formal_charge 
_atom_site.auth_seq_id 
_atom_site.auth_comp_id 
_atom_site.auth_asym_id 
_atom_site.auth_atom_id 
_atom_site.pdbx_PDB_model_num 
ATOM   1    N  N   . MET A 1 1   ? -8.079  -9.348  12.353  1.00 20.65  ? 1   MET A N   1 
ATOM   2    C  CA  . MET A 1 1   ? -7.477  -8.420  11.442  1.00 22.04  ? 1   MET A CA  1 
ATOM   3    C  C   . MET A 1 1   ? -6.656  -9.191  10.436  1.00 12.36  ? 1   MET A C   1 
ATOM   4    O  O   . MET A 1 1   ? -6.071  -10.175 10.779  1.00 19.76  ? 1   MET A O   1 
ATOM   5    C  CB  . MET A 1 1   ? -6.963  -7.234  12.271  1.00 18.06  ? 1   MET A CB  1 
ATOM   6    C  CG  . MET A 1 1   ? -6.160  -6.251  11.466  1.00 36.62  ? 1   MET A CG  1 
ATOM   7    S  SD  . MET A 1 1   ? -7.165  -4.881  10.889  1.00 38.20  ? 1   MET A SD  1 
ATOM   8    C  CE  . MET A 1 1   ? -7.914  -4.496  12.461  1.00 19.02  ? 1   MET A CE  1 
ATOM   9    N  N   . ASN A 1 2   ? -6.673  -8.737  9.181   1.00 12.05  ? 2   ASN A N   1 
ATOM   10   C  CA  . ASN A 1 2   ? -5.897  -9.300  8.093   1.00 9.45   ? 2   ASN A CA  1 
ATOM   11   C  C   . ASN A 1 2   ? -5.560  -8.108  7.135   1.00 11.34  ? 2   ASN A C   1 
ATOM   12   O  O   . ASN A 1 2   ? -5.960  -6.950  7.353   1.00 7.69   ? 2   ASN A O   1 
ATOM   13   C  CB  . ASN A 1 2   ? -6.665  -10.494 7.501   1.00 8.86   ? 2   ASN A CB  1 
ATOM   14   C  CG  . ASN A 1 2   ? -7.975  -10.073 6.878   1.00 14.27  ? 2   ASN A CG  1 
ATOM   15   O  OD1 . ASN A 1 2   ? -8.087  -9.144  6.042   1.00 10.54  ? 2   ASN A OD1 1 
ATOM   16   N  ND2 . ASN A 1 2   ? -9.018  -10.759 7.298   1.00 11.58  ? 2   ASN A ND2 1 
ATOM   17   N  N   . ILE A 1 3   ? -4.764  -8.406  6.126   1.00 9.28   ? 3   ILE A N   1 
ATOM   18   C  CA  . ILE A 1 3   ? -4.289  -7.399  5.213   1.00 12.27  ? 3   ILE A CA  1 
ATOM   19   C  C   . ILE A 1 3   ? -5.437  -6.573  4.563   1.00 13.93  ? 3   ILE A C   1 
ATOM   20   O  O   . ILE A 1 3   ? -5.341  -5.383  4.276   1.00 8.98   ? 3   ILE A O   1 
ATOM   21   C  CB  . ILE A 1 3   ? -3.240  -8.094  4.274   1.00 8.14   ? 3   ILE A CB  1 
ATOM   22   C  CG1 . ILE A 1 3   ? -2.491  -7.111  3.375   1.00 7.08   ? 3   ILE A CG1 1 
ATOM   23   C  CG2 . ILE A 1 3   ? -3.931  -9.113  3.304   1.00 8.23   ? 3   ILE A CG2 1 
ATOM   24   C  CD1 . ILE A 1 3   ? -1.929  -5.858  4.114   1.00 8.31   ? 3   ILE A CD1 1 
ATOM   25   N  N   . PHE A 1 4   ? -6.529  -7.251  4.188   1.00 10.64  ? 4   PHE A N   1 
ATOM   26   C  CA  . PHE A 1 4   ? -7.630  -6.607  3.489   1.00 10.27  ? 4   PHE A CA  1 
ATOM   27   C  C   . PHE A 1 4   ? -8.304  -5.585  4.353   1.00 9.90   ? 4   PHE A C   1 
ATOM   28   O  O   . PHE A 1 4   ? -8.510  -4.460  3.935   1.00 11.82  ? 4   PHE A O   1 
ATOM   29   C  CB  . PHE A 1 4   ? -8.619  -7.685  3.046   1.00 7.28   ? 4   PHE A CB  1 
ATOM   30   C  CG  . PHE A 1 4   ? -8.032  -8.460  1.870   1.00 15.26  ? 4   PHE A CG  1 
ATOM   31   C  CD1 . PHE A 1 4   ? -7.540  -9.748  2.058   1.00 7.59   ? 4   PHE A CD1 1 
ATOM   32   C  CD2 . PHE A 1 4   ? -7.957  -7.904  0.592   1.00 7.63   ? 4   PHE A CD2 1 
ATOM   33   C  CE1 . PHE A 1 4   ? -6.945  -10.480 1.026   1.00 13.81  ? 4   PHE A CE1 1 
ATOM   34   C  CE2 . PHE A 1 4   ? -7.421  -8.623  -0.473  1.00 15.16  ? 4   PHE A CE2 1 
ATOM   35   C  CZ  . PHE A 1 4   ? -6.912  -9.906  -0.251  1.00 12.46  ? 4   PHE A CZ  1 
ATOM   36   N  N   . GLU A 1 5   ? -8.563  -5.981  5.605   1.00 8.71   ? 5   GLU A N   1 
ATOM   37   C  CA  . GLU A 1 5   ? -9.195  -5.067  6.552   1.00 7.73   ? 5   GLU A CA  1 
ATOM   38   C  C   . GLU A 1 5   ? -8.302  -3.913  6.855   1.00 15.69  ? 5   GLU A C   1 
ATOM   39   O  O   . GLU A 1 5   ? -8.709  -2.793  7.010   1.00 15.22  ? 5   GLU A O   1 
ATOM   40   C  CB  . GLU A 1 5   ? -9.352  -5.808  7.881   1.00 8.38   ? 5   GLU A CB  1 
ATOM   41   C  CG  . GLU A 1 5   ? -10.444 -6.871  7.667   1.00 12.88  ? 5   GLU A CG  1 
ATOM   42   C  CD  . GLU A 1 5   ? -10.782 -7.775  8.860   1.00 32.41  ? 5   GLU A CD  1 
ATOM   43   O  OE1 . GLU A 1 5   ? -10.117 -7.828  9.878   1.00 52.82  ? 5   GLU A OE1 1 
ATOM   44   O  OE2 . GLU A 1 5   ? -11.896 -8.455  8.706   1.00 100.00 ? 5   GLU A OE2 1 
ATOM   45   N  N   . MET A 1 6   ? -7.035  -4.216  6.981   1.00 10.42  ? 6   MET A N   1 
ATOM   46   C  CA  . MET A 1 6   ? -6.073  -3.189  7.283   1.00 3.82   ? 6   MET A CA  1 
ATOM   47   C  C   . MET A 1 6   ? -5.984  -2.191  6.149   1.00 14.43  ? 6   MET A C   1 
ATOM   48   O  O   . MET A 1 6   ? -6.064  -0.973  6.333   1.00 11.74  ? 6   MET A O   1 
ATOM   49   C  CB  . MET A 1 6   ? -4.689  -3.895  7.479   1.00 7.84   ? 6   MET A CB  1 
ATOM   50   C  CG  . MET A 1 6   ? -3.595  -2.910  7.888   1.00 7.27   ? 6   MET A CG  1 
ATOM   51   S  SD  . MET A 1 6   ? -1.942  -3.593  7.462   1.00 11.71  ? 6   MET A SD  1 
ATOM   52   C  CE  . MET A 1 6   ? -0.884  -2.702  8.673   1.00 13.79  ? 6   MET A CE  1 
ATOM   53   N  N   . LEU A 1 7   ? -5.773  -2.686  4.952   1.00 6.69   ? 7   LEU A N   1 
ATOM   54   C  CA  . LEU A 1 7   ? -5.703  -1.689  3.874   1.00 6.71   ? 7   LEU A CA  1 
ATOM   55   C  C   . LEU A 1 7   ? -7.028  -1.020  3.622   1.00 14.73  ? 7   LEU A C   1 
ATOM   56   O  O   . LEU A 1 7   ? -7.075  0.111   3.138   1.00 10.17  ? 7   LEU A O   1 
ATOM   57   C  CB  . LEU A 1 7   ? -5.192  -2.366  2.596   1.00 12.87  ? 7   LEU A CB  1 
ATOM   58   C  CG  . LEU A 1 7   ? -3.634  -2.354  2.567   1.00 15.87  ? 7   LEU A CG  1 
ATOM   59   C  CD1 . LEU A 1 7   ? -3.239  -3.472  1.622   1.00 16.14  ? 7   LEU A CD1 1 
ATOM   60   C  CD2 . LEU A 1 7   ? -3.122  -0.970  2.234   1.00 10.18  ? 7   LEU A CD2 1 
ATOM   61   N  N   . ARG A 1 8   ? -8.124  -1.753  3.906   1.00 11.32  ? 8   ARG A N   1 
ATOM   62   C  CA  . ARG A 1 8   ? -9.398  -1.094  3.666   1.00 9.98   ? 8   ARG A CA  1 
ATOM   63   C  C   . ARG A 1 8   ? -9.536  0.104   4.549   1.00 18.95  ? 8   ARG A C   1 
ATOM   64   O  O   . ARG A 1 8   ? -10.086 1.119   4.136   1.00 18.67  ? 8   ARG A O   1 
ATOM   65   C  CB  . ARG A 1 8   ? -10.577 -2.034  3.759   1.00 14.48  ? 8   ARG A CB  1 
ATOM   66   C  CG  . ARG A 1 8   ? -11.926 -1.332  3.906   1.00 16.49  ? 8   ARG A CG  1 
ATOM   67   C  CD  . ARG A 1 8   ? -12.771 -1.395  2.630   1.00 30.83  ? 8   ARG A CD  1 
ATOM   68   N  NE  . ARG A 1 8   ? -14.038 -0.641  2.624   1.00 42.16  ? 8   ARG A NE  1 
ATOM   69   C  CZ  . ARG A 1 8   ? -14.255 0.587   3.145   1.00 100.00 ? 8   ARG A CZ  1 
ATOM   70   N  NH1 . ARG A 1 8   ? -13.341 1.325   3.809   1.00 51.10  ? 8   ARG A NH1 1 
ATOM   71   N  NH2 . ARG A 1 8   ? -15.483 1.095   3.014   1.00 100.00 ? 8   ARG A NH2 1 
ATOM   72   N  N   . ILE A 1 9   ? -9.028  -0.005  5.788   1.00 9.70   ? 9   ILE A N   1 
ATOM   73   C  CA  . ILE A 1 9   ? -9.014  1.058   6.736   1.00 11.98  ? 9   ILE A CA  1 
ATOM   74   C  C   . ILE A 1 9   ? -8.065  2.182   6.246   1.00 15.38  ? 9   ILE A C   1 
ATOM   75   O  O   . ILE A 1 9   ? -8.409  3.343   6.317   1.00 16.42  ? 9   ILE A O   1 
ATOM   76   C  CB  . ILE A 1 9   ? -8.591  0.537   8.117   1.00 11.01  ? 9   ILE A CB  1 
ATOM   77   C  CG1 . ILE A 1 9   ? -9.707  -0.122  8.927   1.00 8.83   ? 9   ILE A CG1 1 
ATOM   78   C  CG2 . ILE A 1 9   ? -8.122  1.685   9.031   1.00 11.97  ? 9   ILE A CG2 1 
ATOM   79   C  CD1 . ILE A 1 9   ? -9.073  -0.967  10.046  1.00 15.65  ? 9   ILE A CD1 1 
ATOM   80   N  N   . ASP A 1 10  ? -6.883  1.867   5.734   1.00 10.29  ? 10  ASP A N   1 
ATOM   81   C  CA  . ASP A 1 10  ? -5.970  2.902   5.297   1.00 11.53  ? 10  ASP A CA  1 
ATOM   82   C  C   . ASP A 1 10  ? -6.330  3.637   4.005   1.00 13.75  ? 10  ASP A C   1 
ATOM   83   O  O   . ASP A 1 10  ? -6.016  4.821   3.850   1.00 15.02  ? 10  ASP A O   1 
ATOM   84   C  CB  . ASP A 1 10  ? -4.551  2.316   5.120   1.00 8.56   ? 10  ASP A CB  1 
ATOM   85   C  CG  . ASP A 1 10  ? -3.922  2.134   6.495   1.00 15.94  ? 10  ASP A CG  1 
ATOM   86   O  OD1 . ASP A 1 10  ? -4.242  2.786   7.454   1.00 11.22  ? 10  ASP A OD1 1 
ATOM   87   O  OD2 . ASP A 1 10  ? -3.114  1.131   6.645   1.00 11.97  ? 10  ASP A OD2 1 
ATOM   88   N  N   . GLU A 1 11  ? -6.963  2.958   3.043   1.00 12.46  ? 11  GLU A N   1 
ATOM   89   C  CA  . GLU A 1 11  ? -7.264  3.531   1.723   1.00 8.68   ? 11  GLU A CA  1 
ATOM   90   C  C   . GLU A 1 11  ? -8.704  4.052   1.583   1.00 15.31  ? 11  GLU A C   1 
ATOM   91   O  O   . GLU A 1 11  ? -9.057  4.812   0.706   1.00 20.69  ? 11  GLU A O   1 
ATOM   92   C  CB  . GLU A 1 11  ? -6.972  2.391   0.707   1.00 9.42   ? 11  GLU A CB  1 
ATOM   93   C  CG  . GLU A 1 11  ? -5.497  1.999   0.817   1.00 7.46   ? 11  GLU A CG  1 
ATOM   94   C  CD  . GLU A 1 11  ? -4.671  3.058   0.198   1.00 16.67  ? 11  GLU A CD  1 
ATOM   95   O  OE1 . GLU A 1 11  ? -5.153  4.066   -0.296  1.00 16.63  ? 11  GLU A OE1 1 
ATOM   96   O  OE2 . GLU A 1 11  ? -3.404  2.802   0.152   1.00 15.20  ? 11  GLU A OE2 1 
ATOM   97   N  N   . GLY A 1 12  ? -9.585  3.505   2.392   1.00 15.23  ? 12  GLY A N   1 
ATOM   98   C  CA  . GLY A 1 12  ? -11.009 3.794   2.327   1.00 18.41  ? 12  GLY A CA  1 
ATOM   99   C  C   . GLY A 1 12  ? -11.572 3.192   1.066   1.00 28.50  ? 12  GLY A C   1 
ATOM   100  O  O   . GLY A 1 12  ? -10.900 2.388   0.418   1.00 15.88  ? 12  GLY A O   1 
ATOM   101  N  N   . LEU A 1 13  ? -12.830 3.524   0.733   1.00 18.48  ? 13  LEU A N   1 
ATOM   102  C  CA  . LEU A 1 13  ? -13.455 2.970   -0.488  1.00 19.97  ? 13  LEU A CA  1 
ATOM   103  C  C   . LEU A 1 13  ? -14.235 4.034   -1.238  1.00 23.96  ? 13  LEU A C   1 
ATOM   104  O  O   . LEU A 1 13  ? -15.033 4.700   -0.635  1.00 17.96  ? 13  LEU A O   1 
ATOM   105  C  CB  . LEU A 1 13  ? -14.448 1.840   -0.207  1.00 19.03  ? 13  LEU A CB  1 
ATOM   106  C  CG  . LEU A 1 13  ? -15.285 1.402   -1.445  1.00 27.50  ? 13  LEU A CG  1 
ATOM   107  C  CD1 . LEU A 1 13  ? -14.434 0.881   -2.592  1.00 21.50  ? 13  LEU A CD1 1 
ATOM   108  C  CD2 . LEU A 1 13  ? -16.183 0.242   -1.011  1.00 25.02  ? 13  LEU A CD2 1 
ATOM   109  N  N   . ARG A 1 14  ? -13.982 4.223   -2.513  1.00 19.42  ? 14  ARG A N   1 
ATOM   110  C  CA  . ARG A 1 14  ? -14.699 5.247   -3.289  1.00 13.99  ? 14  ARG A CA  1 
ATOM   111  C  C   . ARG A 1 14  ? -14.992 4.674   -4.631  1.00 19.84  ? 14  ARG A C   1 
ATOM   112  O  O   . ARG A 1 14  ? -14.100 4.112   -5.269  1.00 17.20  ? 14  ARG A O   1 
ATOM   113  C  CB  . ARG A 1 14  ? -13.895 6.513   -3.517  1.00 12.60  ? 14  ARG A CB  1 
ATOM   114  C  CG  . ARG A 1 14  ? -13.513 7.156   -2.184  1.00 21.15  ? 14  ARG A CG  1 
ATOM   115  C  CD  . ARG A 1 14  ? -13.509 8.669   -2.238  1.00 25.56  ? 14  ARG A CD  1 
ATOM   116  N  NE  . ARG A 1 14  ? -12.308 9.102   -1.537  1.00 100.00 ? 14  ARG A NE  1 
ATOM   117  C  CZ  . ARG A 1 14  ? -11.798 10.326  -1.638  1.00 100.00 ? 14  ARG A CZ  1 
ATOM   118  N  NH1 . ARG A 1 14  ? -12.424 11.251  -2.436  1.00 49.22  ? 14  ARG A NH1 1 
ATOM   119  N  NH2 . ARG A 1 14  ? -10.670 10.594  -0.912  1.00 57.68  ? 14  ARG A NH2 1 
ATOM   120  N  N   . LEU A 1 15  ? -16.254 4.818   -5.014  1.00 20.94  ? 15  LEU A N   1 
ATOM   121  C  CA  . LEU A 1 15  ? -16.709 4.250   -6.254  1.00 11.71  ? 15  LEU A CA  1 
ATOM   122  C  C   . LEU A 1 15  ? -16.647 5.192   -7.454  1.00 10.08  ? 15  LEU A C   1 
ATOM   123  O  O   . LEU A 1 15  ? -17.035 4.699   -8.530  1.00 27.09  ? 15  LEU A O   1 
ATOM   124  C  CB  . LEU A 1 15  ? -18.154 3.808   -6.044  1.00 11.86  ? 15  LEU A CB  1 
ATOM   125  C  CG  . LEU A 1 15  ? -18.165 2.775   -4.934  1.00 15.32  ? 15  LEU A CG  1 
ATOM   126  C  CD1 . LEU A 1 15  ? -19.469 2.000   -4.859  1.00 16.56  ? 15  LEU A CD1 1 
ATOM   127  C  CD2 . LEU A 1 15  ? -17.098 1.705   -5.153  1.00 19.89  ? 15  LEU A CD2 1 
ATOM   128  N  N   . LYS A 1 16  ? -16.141 6.453   -7.254  1.00 11.79  ? 16  LYS A N   1 
ATOM   129  C  CA  . LYS A 1 16  ? -16.049 7.437   -8.343  1.00 8.62   ? 16  LYS A CA  1 
ATOM   130  C  C   . LYS A 1 16  ? -14.630 7.886   -8.415  1.00 16.61  ? 16  LYS A C   1 
ATOM   131  O  O   . LYS A 1 16  ? -14.013 7.923   -7.372  1.00 23.36  ? 16  LYS A O   1 
ATOM   132  C  CB  . LYS A 1 16  ? -16.944 8.695   -8.133  1.00 26.00  ? 16  LYS A CB  1 
ATOM   133  C  CG  . LYS A 1 16  ? -16.163 10.002  -8.095  1.00 100.00 ? 16  LYS A CG  1 
ATOM   134  C  CD  . LYS A 1 16  ? -16.614 11.080  -9.105  1.00 100.00 ? 16  LYS A CD  1 
ATOM   135  C  CE  . LYS A 1 16  ? -16.514 10.696  -10.599 1.00 100.00 ? 16  LYS A CE  1 
ATOM   136  N  NZ  . LYS A 1 16  ? -15.487 11.400  -11.415 1.00 100.00 ? 16  LYS A NZ  1 
ATOM   137  N  N   . ILE A 1 17  ? -14.089 8.114   -9.616  1.00 14.20  ? 17  ILE A N   1 
ATOM   138  C  CA  . ILE A 1 17  ? -12.733 8.575   -9.706  1.00 9.64   ? 17  ILE A CA  1 
ATOM   139  C  C   . ILE A 1 17  ? -12.457 9.669   -8.703  1.00 25.29  ? 17  ILE A C   1 
ATOM   140  O  O   . ILE A 1 17  ? -13.265 10.621  -8.585  1.00 14.97  ? 17  ILE A O   1 
ATOM   141  C  CB  . ILE A 1 17  ? -12.437 9.080   -11.125 1.00 8.65   ? 17  ILE A CB  1 
ATOM   142  C  CG1 . ILE A 1 17  ? -12.330 7.840   -11.943 1.00 12.68  ? 17  ILE A CG1 1 
ATOM   143  C  CG2 . ILE A 1 17  ? -11.112 9.874   -11.243 1.00 10.23  ? 17  ILE A CG2 1 
ATOM   144  C  CD1 . ILE A 1 17  ? -12.116 8.036   -13.442 1.00 20.86  ? 17  ILE A CD1 1 
ATOM   145  N  N   . TYR A 1 18  ? -11.301 9.522   -8.008  1.00 11.59  ? 18  TYR A N   1 
ATOM   146  C  CA  . TYR A 1 18  ? -10.919 10.566  -7.102  1.00 17.62  ? 18  TYR A CA  1 
ATOM   147  C  C   . TYR A 1 18  ? -9.434  10.861  -7.235  1.00 18.10  ? 18  TYR A C   1 
ATOM   148  O  O   . TYR A 1 18  ? -8.690  10.115  -7.896  1.00 21.14  ? 18  TYR A O   1 
ATOM   149  C  CB  . TYR A 1 18  ? -11.378 10.213  -5.672  1.00 16.43  ? 18  TYR A CB  1 
ATOM   150  C  CG  . TYR A 1 18  ? -10.654 9.022   -5.048  1.00 19.37  ? 18  TYR A CG  1 
ATOM   151  C  CD1 . TYR A 1 18  ? -9.539  9.197   -4.211  1.00 20.87  ? 18  TYR A CD1 1 
ATOM   152  C  CD2 . TYR A 1 18  ? -11.125 7.726   -5.277  1.00 23.36  ? 18  TYR A CD2 1 
ATOM   153  C  CE1 . TYR A 1 18  ? -8.910  8.123   -3.559  1.00 18.58  ? 18  TYR A CE1 1 
ATOM   154  C  CE2 . TYR A 1 18  ? -10.505 6.648   -4.642  1.00 26.05  ? 18  TYR A CE2 1 
ATOM   155  C  CZ  . TYR A 1 18  ? -9.379  6.831   -3.814  1.00 25.00  ? 18  TYR A CZ  1 
ATOM   156  O  OH  . TYR A 1 18  ? -8.825  5.714   -3.185  1.00 33.36  ? 18  TYR A OH  1 
ATOM   157  N  N   . LYS A 1 19  ? -8.977  11.950  -6.571  1.00 9.68   ? 19  LYS A N   1 
ATOM   158  C  CA  . LYS A 1 19  ? -7.543  12.215  -6.593  1.00 15.48  ? 19  LYS A CA  1 
ATOM   159  C  C   . LYS A 1 19  ? -6.993  11.792  -5.224  1.00 20.72  ? 19  LYS A C   1 
ATOM   160  O  O   . LYS A 1 19  ? -7.605  12.027  -4.136  1.00 22.14  ? 19  LYS A O   1 
ATOM   161  C  CB  . LYS A 1 19  ? -7.058  13.636  -6.852  1.00 11.20  ? 19  LYS A CB  1 
ATOM   162  C  CG  . LYS A 1 19  ? -7.344  14.142  -8.234  1.00 16.67  ? 19  LYS A CG  1 
ATOM   163  C  CD  . LYS A 1 19  ? -6.509  15.364  -8.619  1.00 48.52  ? 19  LYS A CD  1 
ATOM   164  C  CE  . LYS A 1 19  ? -7.236  16.229  -9.634  1.00 31.00  ? 19  LYS A CE  1 
ATOM   165  N  NZ  . LYS A 1 19  ? -6.532  17.447  -10.053 1.00 39.57  ? 19  LYS A NZ  1 
ATOM   166  N  N   . ASP A 1 20  ? -5.844  11.142  -5.236  1.00 12.96  ? 20  ASP A N   1 
ATOM   167  C  CA  . ASP A 1 20  ? -5.308  10.684  -3.980  1.00 13.89  ? 20  ASP A CA  1 
ATOM   168  C  C   . ASP A 1 20  ? -4.536  11.776  -3.299  1.00 19.45  ? 20  ASP A C   1 
ATOM   169  O  O   . ASP A 1 20  ? -4.398  12.893  -3.819  1.00 14.92  ? 20  ASP A O   1 
ATOM   170  C  CB  . ASP A 1 20  ? -4.471  9.443   -4.203  1.00 15.20  ? 20  ASP A CB  1 
ATOM   171  C  CG  . ASP A 1 20  ? -3.176  9.727   -4.933  1.00 22.06  ? 20  ASP A CG  1 
ATOM   172  O  OD1 . ASP A 1 20  ? -2.800  10.817  -5.312  1.00 16.32  ? 20  ASP A OD1 1 
ATOM   173  O  OD2 . ASP A 1 20  ? -2.450  8.666   -5.110  1.00 24.24  ? 20  ASP A OD2 1 
ATOM   174  N  N   . THR A 1 21  ? -3.913  11.390  -2.203  1.00 17.06  ? 21  THR A N   1 
ATOM   175  C  CA  . THR A 1 21  ? -3.162  12.378  -1.445  1.00 26.93  ? 21  THR A CA  1 
ATOM   176  C  C   . THR A 1 21  ? -2.095  13.080  -2.261  1.00 32.78  ? 21  THR A C   1 
ATOM   177  O  O   . THR A 1 21  ? -1.713  14.199  -1.910  1.00 17.16  ? 21  THR A O   1 
ATOM   178  C  CB  . THR A 1 21  ? -2.708  11.804  -0.113  1.00 41.10  ? 21  THR A CB  1 
ATOM   179  O  OG1 . THR A 1 21  ? -1.628  10.942  -0.419  1.00 26.73  ? 21  THR A OG1 1 
ATOM   180  C  CG2 . THR A 1 21  ? -3.916  10.960  0.316   1.00 59.58  ? 21  THR A CG2 1 
ATOM   181  N  N   . GLU A 1 22  ? -1.613  12.435  -3.345  1.00 14.79  ? 22  GLU A N   1 
ATOM   182  C  CA  . GLU A 1 22  ? -0.591  13.054  -4.227  1.00 15.58  ? 22  GLU A CA  1 
ATOM   183  C  C   . GLU A 1 22  ? -1.183  13.795  -5.432  1.00 14.38  ? 22  GLU A C   1 
ATOM   184  O  O   . GLU A 1 22  ? -0.441  14.386  -6.225  1.00 19.07  ? 22  GLU A O   1 
ATOM   185  C  CB  . GLU A 1 22  ? 0.470   12.090  -4.777  1.00 16.74  ? 22  GLU A CB  1 
ATOM   186  C  CG  . GLU A 1 22  ? 1.142   11.294  -3.627  1.00 27.85  ? 22  GLU A CG  1 
ATOM   187  C  CD  . GLU A 1 22  ? 2.494   11.843  -3.334  1.00 53.74  ? 22  GLU A CD  1 
ATOM   188  O  OE1 . GLU A 1 22  ? 3.472   11.692  -4.066  1.00 93.75  ? 22  GLU A OE1 1 
ATOM   189  O  OE2 . GLU A 1 22  ? 2.454   12.534  -2.240  1.00 39.01  ? 22  GLU A OE2 1 
ATOM   190  N  N   . GLY A 1 23  ? -2.528  13.745  -5.531  1.00 12.71  ? 23  GLY A N   1 
ATOM   191  C  CA  . GLY A 1 23  ? -3.249  14.377  -6.620  1.00 12.94  ? 23  GLY A CA  1 
ATOM   192  C  C   . GLY A 1 23  ? -3.424  13.462  -7.828  1.00 24.56  ? 23  GLY A C   1 
ATOM   193  O  O   . GLY A 1 23  ? -3.706  13.917  -8.910  1.00 23.75  ? 23  GLY A O   1 
ATOM   194  N  N   . TYR A 1 24  ? -3.262  12.152  -7.684  1.00 16.88  ? 24  TYR A N   1 
ATOM   195  C  CA  . TYR A 1 24  ? -3.479  11.325  -8.861  1.00 16.45  ? 24  TYR A CA  1 
ATOM   196  C  C   . TYR A 1 24  ? -4.761  10.586  -8.855  1.00 18.63  ? 24  TYR A C   1 
ATOM   197  O  O   . TYR A 1 24  ? -5.305  10.202  -7.809  1.00 18.15  ? 24  TYR A O   1 
ATOM   198  C  CB  . TYR A 1 24  ? -2.519  10.182  -8.965  1.00 21.89  ? 24  TYR A CB  1 
ATOM   199  C  CG  . TYR A 1 24  ? -1.107  10.663  -8.902  1.00 25.92  ? 24  TYR A CG  1 
ATOM   200  C  CD1 . TYR A 1 24  ? -0.200  10.073  -8.022  1.00 24.00  ? 24  TYR A CD1 1 
ATOM   201  C  CD2 . TYR A 1 24  ? -0.676  11.667  -9.770  1.00 35.90  ? 24  TYR A CD2 1 
ATOM   202  C  CE1 . TYR A 1 24  ? 1.121   10.511  -7.938  1.00 24.11  ? 24  TYR A CE1 1 
ATOM   203  C  CE2 . TYR A 1 24  ? 0.654   12.083  -9.727  1.00 55.37  ? 24  TYR A CE2 1 
ATOM   204  C  CZ  . TYR A 1 24  ? 1.545   11.516  -8.811  1.00 58.50  ? 24  TYR A CZ  1 
ATOM   205  O  OH  . TYR A 1 24  ? 2.866   11.909  -8.785  1.00 43.14  ? 24  TYR A OH  1 
ATOM   206  N  N   . TYR A 1 25  ? -5.184  10.354  -10.074 1.00 14.23  ? 25  TYR A N   1 
ATOM   207  C  CA  . TYR A 1 25  ? -6.455  9.670   -10.279 1.00 14.57  ? 25  TYR A CA  1 
ATOM   208  C  C   . TYR A 1 25  ? -6.446  8.226   -9.783  1.00 13.48  ? 25  TYR A C   1 
ATOM   209  O  O   . TYR A 1 25  ? -5.639  7.377   -10.203 1.00 15.28  ? 25  TYR A O   1 
ATOM   210  C  CB  . TYR A 1 25  ? -6.812  9.747   -11.796 1.00 9.63   ? 25  TYR A CB  1 
ATOM   211  C  CG  . TYR A 1 25  ? -7.199  11.156  -12.175 1.00 19.55  ? 25  TYR A CG  1 
ATOM   212  C  CD1 . TYR A 1 25  ? -6.591  11.796  -13.255 1.00 21.43  ? 25  TYR A CD1 1 
ATOM   213  C  CD2 . TYR A 1 25  ? -8.188  11.827  -11.456 1.00 15.91  ? 25  TYR A CD2 1 
ATOM   214  C  CE1 . TYR A 1 25  ? -6.874  13.121  -13.578 1.00 18.26  ? 25  TYR A CE1 1 
ATOM   215  C  CE2 . TYR A 1 25  ? -8.530  13.134  -11.809 1.00 32.74  ? 25  TYR A CE2 1 
ATOM   216  C  CZ  . TYR A 1 25  ? -7.916  13.756  -12.904 1.00 22.60  ? 25  TYR A CZ  1 
ATOM   217  O  OH  . TYR A 1 25  ? -8.278  15.031  -13.286 1.00 39.04  ? 25  TYR A OH  1 
ATOM   218  N  N   . THR A 1 26  ? -7.452  7.936   -8.996  1.00 9.88   ? 26  THR A N   1 
ATOM   219  C  CA  . THR A 1 26  ? -7.553  6.663   -8.385  1.00 14.37  ? 26  THR A CA  1 
ATOM   220  C  C   . THR A 1 26  ? -9.024  6.340   -8.275  1.00 8.31   ? 26  THR A C   1 
ATOM   221  O  O   . THR A 1 26  ? -9.873  7.234   -8.375  1.00 13.58  ? 26  THR A O   1 
ATOM   222  C  CB  . THR A 1 26  ? -7.042  6.859   -6.878  1.00 23.85  ? 26  THR A CB  1 
ATOM   223  O  OG1 . THR A 1 26  ? -5.727  7.402   -6.915  1.00 12.75  ? 26  THR A OG1 1 
ATOM   224  C  CG2 . THR A 1 26  ? -7.014  5.737   -5.812  1.00 6.76   ? 26  THR A CG2 1 
ATOM   225  N  N   . ILE A 1 27  ? -9.302  5.088   -7.861  1.00 14.11  ? 27  ILE A N   1 
ATOM   226  C  CA  . ILE A 1 27  ? -10.679 4.682   -7.636  1.00 17.76  ? 27  ILE A CA  1 
ATOM   227  C  C   . ILE A 1 27  ? -10.678 3.472   -6.721  1.00 13.22  ? 27  ILE A C   1 
ATOM   228  O  O   . ILE A 1 27  ? -9.674  2.782   -6.489  1.00 12.85  ? 27  ILE A O   1 
ATOM   229  C  CB  . ILE A 1 27  ? -11.382 4.356   -8.999  1.00 17.90  ? 27  ILE A CB  1 
ATOM   230  C  CG1 . ILE A 1 27  ? -12.902 4.267   -8.811  1.00 14.69  ? 27  ILE A CG1 1 
ATOM   231  C  CG2 . ILE A 1 27  ? -10.744 3.043   -9.527  1.00 17.12  ? 27  ILE A CG2 1 
ATOM   232  C  CD1 . ILE A 1 27  ? -13.715 4.445   -10.067 1.00 18.03  ? 27  ILE A CD1 1 
ATOM   233  N  N   . GLY A 1 28  ? -11.850 3.175   -6.247  1.00 7.83   ? 28  GLY A N   1 
ATOM   234  C  CA  . GLY A 1 28  ? -12.017 1.998   -5.439  1.00 12.54  ? 28  GLY A CA  1 
ATOM   235  C  C   . GLY A 1 28  ? -11.310 2.058   -4.091  1.00 22.73  ? 28  GLY A C   1 
ATOM   236  O  O   . GLY A 1 28  ? -11.509 3.000   -3.296  1.00 12.09  ? 28  GLY A O   1 
ATOM   237  N  N   . ILE A 1 29  ? -10.552 0.977   -3.824  1.00 9.65   ? 29  ILE A N   1 
ATOM   238  C  CA  . ILE A 1 29  ? -9.735  0.844   -2.616  1.00 5.57   ? 29  ILE A CA  1 
ATOM   239  C  C   . ILE A 1 29  ? -8.249  1.126   -2.890  1.00 11.52  ? 29  ILE A C   1 
ATOM   240  O  O   . ILE A 1 29  ? -7.385  0.223   -2.896  1.00 14.42  ? 29  ILE A O   1 
ATOM   241  C  CB  . ILE A 1 29  ? -9.922  -0.520  -1.938  1.00 9.05   ? 29  ILE A CB  1 
ATOM   242  C  CG1 . ILE A 1 29  ? -11.450 -0.637  -1.691  1.00 11.72  ? 29  ILE A CG1 1 
ATOM   243  C  CG2 . ILE A 1 29  ? -9.172  -0.464  -0.592  1.00 8.64   ? 29  ILE A CG2 1 
ATOM   244  C  CD1 . ILE A 1 29  ? -11.939 -2.008  -1.247  1.00 21.87  ? 29  ILE A CD1 1 
ATOM   245  N  N   . GLY A 1 30  ? -7.995  2.412   -3.156  1.00 14.56  ? 30  GLY A N   1 
ATOM   246  C  CA  . GLY A 1 30  ? -6.655  2.845   -3.427  1.00 7.87   ? 30  GLY A CA  1 
ATOM   247  C  C   . GLY A 1 30  ? -6.104  2.323   -4.761  1.00 7.68   ? 30  GLY A C   1 
ATOM   248  O  O   . GLY A 1 30  ? -4.940  2.189   -4.904  1.00 16.53  ? 30  GLY A O   1 
ATOM   249  N  N   . HIS A 1 31  ? -6.920  2.084   -5.758  1.00 6.31   ? 31  HIS A N   1 
ATOM   250  C  CA  . HIS A 1 31  ? -6.461  1.653   -7.069  1.00 7.89   ? 31  HIS A CA  1 
ATOM   251  C  C   . HIS A 1 31  ? -6.033  2.812   -8.014  1.00 11.58  ? 31  HIS A C   1 
ATOM   252  O  O   . HIS A 1 31  ? -6.847  3.552   -8.603  1.00 13.47  ? 31  HIS A O   1 
ATOM   253  C  CB  . HIS A 1 31  ? -7.546  0.742   -7.683  1.00 3.63   ? 31  HIS A CB  1 
ATOM   254  C  CG  . HIS A 1 31  ? -6.938  0.252   -9.029  1.00 8.99   ? 31  HIS A CG  1 
ATOM   255  N  ND1 . HIS A 1 31  ? -6.174  -0.920  -9.106  1.00 13.14  ? 31  HIS A ND1 1 
ATOM   256  C  CD2 . HIS A 1 31  ? -6.995  0.742   -10.295 1.00 9.97   ? 31  HIS A CD2 1 
ATOM   257  C  CE1 . HIS A 1 31  ? -5.735  -1.116  -10.362 1.00 6.74   ? 31  HIS A CE1 1 
ATOM   258  N  NE2 . HIS A 1 31  ? -6.227  -0.136  -11.121 1.00 10.18  ? 31  HIS A NE2 1 
ATOM   259  N  N   . LEU A 1 32  ? -4.716  3.039   -8.096  1.00 12.08  ? 32  LEU A N   1 
ATOM   260  C  CA  . LEU A 1 32  ? -4.159  4.118   -8.861  1.00 14.32  ? 32  LEU A CA  1 
ATOM   261  C  C   . LEU A 1 32  ? -4.468  3.905   -10.317 1.00 16.20  ? 32  LEU A C   1 
ATOM   262  O  O   . LEU A 1 32  ? -4.248  2.833   -10.851 1.00 16.79  ? 32  LEU A O   1 
ATOM   263  C  CB  . LEU A 1 32  ? -2.629  4.180   -8.645  1.00 19.63  ? 32  LEU A CB  1 
ATOM   264  C  CG  . LEU A 1 32  ? -2.020  5.213   -9.611  1.00 29.33  ? 32  LEU A CG  1 
ATOM   265  C  CD1 . LEU A 1 32  ? -2.451  6.637   -9.215  1.00 25.70  ? 32  LEU A CD1 1 
ATOM   266  C  CD2 . LEU A 1 32  ? -0.504  5.115   -9.759  1.00 22.27  ? 32  LEU A CD2 1 
ATOM   267  N  N   . LEU A 1 33  ? -5.047  4.859   -10.977 1.00 11.66  ? 33  LEU A N   1 
ATOM   268  C  CA  . LEU A 1 33  ? -5.337  4.640   -12.384 1.00 9.06   ? 33  LEU A CA  1 
ATOM   269  C  C   . LEU A 1 33  ? -4.250  5.176   -13.299 1.00 18.13  ? 33  LEU A C   1 
ATOM   270  O  O   . LEU A 1 33  ? -3.777  4.499   -14.267 1.00 14.25  ? 33  LEU A O   1 
ATOM   271  C  CB  . LEU A 1 33  ? -6.607  5.415   -12.744 1.00 14.99  ? 33  LEU A CB  1 
ATOM   272  C  CG  . LEU A 1 33  ? -7.745  4.714   -12.065 1.00 20.26  ? 33  LEU A CG  1 
ATOM   273  C  CD1 . LEU A 1 33  ? -8.957  5.602   -12.145 1.00 14.65  ? 33  LEU A CD1 1 
ATOM   274  C  CD2 . LEU A 1 33  ? -8.059  3.482   -12.893 1.00 7.72   ? 33  LEU A CD2 1 
ATOM   275  N  N   . THR A 1 34  ? -3.863  6.414   -13.024 1.00 18.15  ? 34  THR A N   1 
ATOM   276  C  CA  . THR A 1 34  ? -2.814  7.028   -13.805 1.00 26.60  ? 34  THR A CA  1 
ATOM   277  C  C   . THR A 1 34  ? -2.192  8.194   -13.086 1.00 29.64  ? 34  THR A C   1 
ATOM   278  O  O   . THR A 1 34  ? -2.838  8.836   -12.265 1.00 23.86  ? 34  THR A O   1 
ATOM   279  C  CB  . THR A 1 34  ? -3.354  7.576   -15.152 1.00 34.92  ? 34  THR A CB  1 
ATOM   280  O  OG1 . THR A 1 34  ? -2.260  8.055   -15.894 1.00 26.66  ? 34  THR A OG1 1 
ATOM   281  C  CG2 . THR A 1 34  ? -4.432  8.661   -15.019 1.00 13.45  ? 34  THR A CG2 1 
ATOM   282  N  N   . LYS A 1 35  ? -0.970  8.502   -13.452 1.00 22.70  ? 35  LYS A N   1 
ATOM   283  C  CA  . LYS A 1 35  ? -0.274  9.634   -12.854 1.00 23.15  ? 35  LYS A CA  1 
ATOM   284  C  C   . LYS A 1 35  ? -0.496  10.895  -13.678 1.00 36.36  ? 35  LYS A C   1 
ATOM   285  O  O   . LYS A 1 35  ? -0.210  12.006  -13.286 1.00 31.13  ? 35  LYS A O   1 
ATOM   286  C  CB  . LYS A 1 35  ? 1.217   9.404   -12.691 1.00 24.29  ? 35  LYS A CB  1 
ATOM   287  C  CG  . LYS A 1 35  ? 1.652   8.809   -11.319 1.00 27.00  ? 35  LYS A CG  1 
ATOM   288  C  CD  . LYS A 1 35  ? 2.838   7.835   -11.371 1.00 29.27  ? 35  LYS A CD  1 
ATOM   289  C  CE  . LYS A 1 35  ? 3.785   7.793   -10.178 1.00 100.00 ? 35  LYS A CE  1 
ATOM   290  N  NZ  . LYS A 1 35  ? 5.149   7.358   -10.555 1.00 100.00 ? 35  LYS A NZ  1 
ATOM   291  N  N   . SER A 1 36  ? -1.055  10.706  -14.836 1.00 21.00  ? 36  SER A N   1 
ATOM   292  C  CA  . SER A 1 36  ? -1.361  11.820  -15.701 1.00 26.97  ? 36  SER A CA  1 
ATOM   293  C  C   . SER A 1 36  ? -2.487  12.659  -15.145 1.00 18.49  ? 36  SER A C   1 
ATOM   294  O  O   . SER A 1 36  ? -3.458  12.198  -14.510 1.00 23.94  ? 36  SER A O   1 
ATOM   295  C  CB  . SER A 1 36  ? -1.685  11.402  -17.146 1.00 33.22  ? 36  SER A CB  1 
ATOM   296  O  OG  . SER A 1 36  ? -2.627  12.237  -17.855 1.00 44.36  ? 36  SER A OG  1 
ATOM   297  N  N   . PRO A 1 37  ? -2.383  13.940  -15.493 1.00 33.01  ? 37  PRO A N   1 
ATOM   298  C  CA  . PRO A 1 37  ? -3.356  14.943  -15.097 1.00 26.64  ? 37  PRO A CA  1 
ATOM   299  C  C   . PRO A 1 37  ? -4.658  14.940  -15.913 1.00 38.50  ? 37  PRO A C   1 
ATOM   300  O  O   . PRO A 1 37  ? -5.568  15.681  -15.520 1.00 47.55  ? 37  PRO A O   1 
ATOM   301  C  CB  . PRO A 1 37  ? -2.491  16.184  -15.044 1.00 32.55  ? 37  PRO A CB  1 
ATOM   302  C  CG  . PRO A 1 37  ? -1.435  16.006  -16.110 1.00 24.92  ? 37  PRO A CG  1 
ATOM   303  C  CD  . PRO A 1 37  ? -1.226  14.522  -16.231 1.00 30.24  ? 37  PRO A CD  1 
ATOM   304  N  N   . SER A 1 38  ? -4.756  14.085  -16.989 1.00 28.53  ? 38  SER A N   1 
ATOM   305  C  CA  . SER A 1 38  ? -5.944  13.998  -17.875 1.00 32.99  ? 38  SER A CA  1 
ATOM   306  C  C   . SER A 1 38  ? -7.007  13.001  -17.377 1.00 21.48  ? 38  SER A C   1 
ATOM   307  O  O   . SER A 1 38  ? -6.814  11.792  -17.307 1.00 32.96  ? 38  SER A O   1 
ATOM   308  C  CB  . SER A 1 38  ? -5.722  13.906  -19.436 1.00 34.08  ? 38  SER A CB  1 
ATOM   309  O  OG  . SER A 1 38  ? -6.966  14.109  -20.185 1.00 32.97  ? 38  SER A OG  1 
ATOM   310  N  N   . LEU A 1 39  ? -8.165  13.580  -17.070 1.00 24.78  ? 39  LEU A N   1 
ATOM   311  C  CA  . LEU A 1 39  ? -9.262  12.835  -16.607 1.00 25.13  ? 39  LEU A CA  1 
ATOM   312  C  C   . LEU A 1 39  ? -9.627  11.798  -17.614 1.00 26.98  ? 39  LEU A C   1 
ATOM   313  O  O   . LEU A 1 39  ? -10.102 10.719  -17.270 1.00 24.71  ? 39  LEU A O   1 
ATOM   314  C  CB  . LEU A 1 39  ? -10.453 13.714  -16.174 1.00 16.82  ? 39  LEU A CB  1 
ATOM   315  C  CG  . LEU A 1 39  ? -11.587 12.847  -15.609 1.00 44.66  ? 39  LEU A CG  1 
ATOM   316  C  CD1 . LEU A 1 39  ? -11.167 12.083  -14.332 1.00 26.92  ? 39  LEU A CD1 1 
ATOM   317  C  CD2 . LEU A 1 39  ? -12.828 13.682  -15.296 1.00 27.96  ? 39  LEU A CD2 1 
ATOM   318  N  N   . ASN A 1 40  ? -9.526  12.195  -18.867 1.00 24.98  ? 40  ASN A N   1 
ATOM   319  C  CA  . ASN A 1 40  ? -9.916  11.270  -19.908 1.00 24.86  ? 40  ASN A CA  1 
ATOM   320  C  C   . ASN A 1 40  ? -8.935  10.100  -19.915 1.00 17.59  ? 40  ASN A C   1 
ATOM   321  O  O   . ASN A 1 40  ? -9.262  8.953   -20.184 1.00 27.29  ? 40  ASN A O   1 
ATOM   322  C  CB  . ASN A 1 40  ? -10.409 12.054  -21.144 1.00 52.03  ? 40  ASN A CB  1 
ATOM   323  C  CG  . ASN A 1 40  ? -11.759 12.754  -20.907 1.00 34.57  ? 40  ASN A CG  1 
ATOM   324  O  OD1 . ASN A 1 40  ? -12.806 12.124  -20.656 1.00 100.00 ? 40  ASN A OD1 1 
ATOM   325  N  ND2 . ASN A 1 40  ? -11.710 14.085  -20.799 1.00 100.00 ? 40  ASN A ND2 1 
ATOM   326  N  N   . ALA A 1 41  ? -7.681  10.358  -19.621 1.00 22.53  ? 41  ALA A N   1 
ATOM   327  C  CA  . ALA A 1 41  ? -6.778  9.243   -19.604 1.00 17.15  ? 41  ALA A CA  1 
ATOM   328  C  C   . ALA A 1 41  ? -7.163  8.325   -18.441 1.00 25.70  ? 41  ALA A C   1 
ATOM   329  O  O   . ALA A 1 41  ? -7.141  7.104   -18.511 1.00 21.83  ? 41  ALA A O   1 
ATOM   330  C  CB  . ALA A 1 41  ? -5.359  9.693   -19.348 1.00 22.69  ? 41  ALA A CB  1 
ATOM   331  N  N   . ALA A 1 42  ? -7.514  8.929   -17.342 1.00 14.73  ? 42  ALA A N   1 
ATOM   332  C  CA  . ALA A 1 42  ? -7.905  8.125   -16.211 1.00 15.62  ? 42  ALA A CA  1 
ATOM   333  C  C   . ALA A 1 42  ? -9.158  7.291   -16.535 1.00 11.28  ? 42  ALA A C   1 
ATOM   334  O  O   . ALA A 1 42  ? -9.338  6.119   -16.144 1.00 15.01  ? 42  ALA A O   1 
ATOM   335  C  CB  . ALA A 1 42  ? -8.012  9.058   -15.008 1.00 12.81  ? 42  ALA A CB  1 
ATOM   336  N  N   . LYS A 1 43  ? -10.092 7.847   -17.250 1.00 15.19  ? 43  LYS A N   1 
ATOM   337  C  CA  . LYS A 1 43  ? -11.324 7.094   -17.558 1.00 22.09  ? 43  LYS A CA  1 
ATOM   338  C  C   . LYS A 1 43  ? -11.169 5.923   -18.518 1.00 22.20  ? 43  LYS A C   1 
ATOM   339  O  O   . LYS A 1 43  ? -11.791 4.889   -18.431 1.00 22.68  ? 43  LYS A O   1 
ATOM   340  C  CB  . LYS A 1 43  ? -12.306 7.931   -18.305 1.00 15.45  ? 43  LYS A CB  1 
ATOM   341  C  CG  . LYS A 1 43  ? -13.077 8.687   -17.259 1.00 22.23  ? 43  LYS A CG  1 
ATOM   342  C  CD  . LYS A 1 43  ? -13.589 10.017  -17.788 1.00 33.26  ? 43  LYS A CD  1 
ATOM   343  C  CE  . LYS A 1 43  ? -14.987 10.364  -17.301 1.00 39.50  ? 43  LYS A CE  1 
ATOM   344  N  NZ  . LYS A 1 43  ? -15.969 10.260  -18.402 1.00 100.00 ? 43  LYS A NZ  1 
ATOM   345  N  N   . SER A 1 44  ? -10.250 6.134   -19.408 1.00 17.90  ? 44  SER A N   1 
ATOM   346  C  CA  . SER A 1 44  ? -9.824  5.153   -20.379 1.00 24.66  ? 44  SER A CA  1 
ATOM   347  C  C   . SER A 1 44  ? -9.152  3.970   -19.641 1.00 19.58  ? 44  SER A C   1 
ATOM   348  O  O   . SER A 1 44  ? -9.413  2.795   -19.849 1.00 18.08  ? 44  SER A O   1 
ATOM   349  C  CB  . SER A 1 44  ? -8.886  5.930   -21.286 1.00 18.85  ? 44  SER A CB  1 
ATOM   350  O  OG  . SER A 1 44  ? -8.381  5.090   -22.275 1.00 35.84  ? 44  SER A OG  1 
ATOM   351  N  N   . GLU A 1 45  ? -8.254  4.305   -18.734 1.00 12.86  ? 45  GLU A N   1 
ATOM   352  C  CA  . GLU A 1 45  ? -7.566  3.344   -17.910 1.00 16.47  ? 45  GLU A CA  1 
ATOM   353  C  C   . GLU A 1 45  ? -8.548  2.581   -17.042 1.00 13.27  ? 45  GLU A C   1 
ATOM   354  O  O   . GLU A 1 45  ? -8.442  1.356   -16.926 1.00 15.05  ? 45  GLU A O   1 
ATOM   355  C  CB  . GLU A 1 45  ? -6.597  3.970   -16.896 1.00 8.61   ? 45  GLU A CB  1 
ATOM   356  C  CG  . GLU A 1 45  ? -5.244  4.420   -17.453 1.00 7.86   ? 45  GLU A CG  1 
ATOM   357  C  CD  . GLU A 1 45  ? -4.541  3.233   -18.136 1.00 28.31  ? 45  GLU A CD  1 
ATOM   358  O  OE1 . GLU A 1 45  ? -4.317  2.130   -17.630 1.00 21.57  ? 45  GLU A OE1 1 
ATOM   359  O  OE2 . GLU A 1 45  ? -4.101  3.526   -19.321 1.00 21.52  ? 45  GLU A OE2 1 
ATOM   360  N  N   . LEU A 1 46  ? -9.514  3.296   -16.491 1.00 11.24  ? 46  LEU A N   1 
ATOM   361  C  CA  . LEU A 1 46  ? -10.555 2.650   -15.726 1.00 8.87   ? 46  LEU A CA  1 
ATOM   362  C  C   . LEU A 1 46  ? -11.317 1.588   -16.576 1.00 23.83  ? 46  LEU A C   1 
ATOM   363  O  O   . LEU A 1 46  ? -11.511 0.430   -16.190 1.00 16.80  ? 46  LEU A O   1 
ATOM   364  C  CB  . LEU A 1 46  ? -11.612 3.663   -15.227 1.00 7.93   ? 46  LEU A CB  1 
ATOM   365  C  CG  . LEU A 1 46  ? -12.772 2.935   -14.541 1.00 7.88   ? 46  LEU A CG  1 
ATOM   366  C  CD1 . LEU A 1 46  ? -12.215 2.148   -13.343 1.00 9.88   ? 46  LEU A CD1 1 
ATOM   367  C  CD2 . LEU A 1 46  ? -13.737 3.923   -13.884 1.00 14.00  ? 46  LEU A CD2 1 
ATOM   368  N  N   . ASP A 1 47  ? -11.738 1.966   -17.794 1.00 14.71  ? 47  ASP A N   1 
ATOM   369  C  CA  . ASP A 1 47  ? -12.482 1.069   -18.654 1.00 23.27  ? 47  ASP A CA  1 
ATOM   370  C  C   . ASP A 1 47  ? -11.684 -0.143  -19.017 1.00 22.38  ? 47  ASP A C   1 
ATOM   371  O  O   . ASP A 1 47  ? -12.231 -1.245  -19.005 1.00 22.15  ? 47  ASP A O   1 
ATOM   372  C  CB  . ASP A 1 47  ? -13.023 1.714   -19.940 1.00 17.89  ? 47  ASP A CB  1 
ATOM   373  C  CG  . ASP A 1 47  ? -14.073 2.750   -19.579 1.00 28.05  ? 47  ASP A CG  1 
ATOM   374  O  OD1 . ASP A 1 47  ? -14.805 2.779   -18.612 1.00 21.96  ? 47  ASP A OD1 1 
ATOM   375  O  OD2 . ASP A 1 47  ? -14.088 3.665   -20.435 1.00 21.64  ? 47  ASP A OD2 1 
ATOM   376  N  N   . LYS A 1 48  ? -10.407 0.084   -19.331 1.00 11.38  ? 48  LYS A N   1 
ATOM   377  C  CA  . LYS A 1 48  ? -9.457  -1.033  -19.648 1.00 17.12  ? 48  LYS A CA  1 
ATOM   378  C  C   . LYS A 1 48  ? -9.381  -2.022  -18.451 1.00 7.33   ? 48  LYS A C   1 
ATOM   379  O  O   . LYS A 1 48  ? -9.389  -3.260  -18.547 1.00 19.33  ? 48  LYS A O   1 
ATOM   380  C  CB  . LYS A 1 48  ? -8.078  -0.447  -20.063 1.00 9.51   ? 48  LYS A CB  1 
ATOM   381  C  CG  . LYS A 1 48  ? -6.922  -1.437  -20.111 1.00 15.02  ? 48  LYS A CG  1 
ATOM   382  C  CD  . LYS A 1 48  ? -5.812  -0.858  -20.950 1.00 14.17  ? 48  LYS A CD  1 
ATOM   383  C  CE  . LYS A 1 48  ? -5.025  0.299   -20.379 1.00 12.65  ? 48  LYS A CE  1 
ATOM   384  N  NZ  . LYS A 1 48  ? -4.239  -0.150  -19.237 1.00 10.99  ? 48  LYS A NZ  1 
ATOM   385  N  N   . ALA A 1 49  ? -9.281  -1.458  -17.250 1.00 13.58  ? 49  ALA A N   1 
ATOM   386  C  CA  . ALA A 1 49  ? -9.146  -2.311  -16.090 1.00 20.73  ? 49  ALA A CA  1 
ATOM   387  C  C   . ALA A 1 49  ? -10.404 -3.099  -15.757 1.00 13.51  ? 49  ALA A C   1 
ATOM   388  O  O   . ALA A 1 49  ? -10.285 -4.224  -15.324 1.00 9.59   ? 49  ALA A O   1 
ATOM   389  C  CB  . ALA A 1 49  ? -8.748  -1.487  -14.864 1.00 14.61  ? 49  ALA A CB  1 
ATOM   390  N  N   . ILE A 1 50  ? -11.584 -2.487  -15.955 1.00 15.69  ? 50  ILE A N   1 
ATOM   391  C  CA  . ILE A 1 50  ? -12.844 -3.126  -15.613 1.00 15.88  ? 50  ILE A CA  1 
ATOM   392  C  C   . ILE A 1 50  ? -13.419 -3.951  -16.725 1.00 20.83  ? 50  ILE A C   1 
ATOM   393  O  O   . ILE A 1 50  ? -14.168 -4.925  -16.556 1.00 21.29  ? 50  ILE A O   1 
ATOM   394  C  CB  . ILE A 1 50  ? -13.927 -2.059  -15.273 1.00 21.50  ? 50  ILE A CB  1 
ATOM   395  C  CG1 . ILE A 1 50  ? -13.380 -1.240  -14.096 1.00 27.08  ? 50  ILE A CG1 1 
ATOM   396  C  CG2 . ILE A 1 50  ? -15.257 -2.734  -14.909 1.00 16.07  ? 50  ILE A CG2 1 
ATOM   397  C  CD1 . ILE A 1 50  ? -13.076 -2.102  -12.868 1.00 10.52  ? 50  ILE A CD1 1 
ATOM   398  N  N   . GLY A 1 51  ? -13.077 -3.535  -17.901 1.00 15.36  ? 51  GLY A N   1 
ATOM   399  C  CA  . GLY A 1 51  ? -13.568 -4.296  -19.029 1.00 15.02  ? 51  GLY A CA  1 
ATOM   400  C  C   . GLY A 1 51  ? -14.910 -3.778  -19.500 1.00 33.30  ? 51  GLY A C   1 
ATOM   401  O  O   . GLY A 1 51  ? -15.781 -4.534  -19.884 1.00 29.98  ? 51  GLY A O   1 
ATOM   402  N  N   . ARG A 1 52  ? -15.104 -2.479  -19.491 1.00 32.13  ? 52  ARG A N   1 
ATOM   403  C  CA  . ARG A 1 52  ? -16.389 -1.958  -19.918 1.00 19.93  ? 52  ARG A CA  1 
ATOM   404  C  C   . ARG A 1 52  ? -16.313 -0.490  -19.728 1.00 27.34  ? 52  ARG A C   1 
ATOM   405  O  O   . ARG A 1 52  ? -15.377 0.004   -19.039 1.00 20.52  ? 52  ARG A O   1 
ATOM   406  C  CB  . ARG A 1 52  ? -17.583 -2.506  -19.131 1.00 17.04  ? 52  ARG A CB  1 
ATOM   407  C  CG  . ARG A 1 52  ? -17.942 -1.771  -17.845 1.00 28.05  ? 52  ARG A CG  1 
ATOM   408  C  CD  . ARG A 1 52  ? -18.869 -2.562  -16.917 1.00 20.38  ? 52  ARG A CD  1 
ATOM   409  N  NE  . ARG A 1 52  ? -19.019 -1.981  -15.566 1.00 21.37  ? 52  ARG A NE  1 
ATOM   410  C  CZ  . ARG A 1 52  ? -19.573 -0.801  -15.237 1.00 29.46  ? 52  ARG A CZ  1 
ATOM   411  N  NH1 . ARG A 1 52  ? -20.148 -0.023  -16.140 1.00 37.51  ? 52  ARG A NH1 1 
ATOM   412  N  NH2 . ARG A 1 52  ? -19.594 -0.395  -13.976 1.00 25.98  ? 52  ARG A NH2 1 
ATOM   413  N  N   . ASN A 1 53  ? -17.263 0.155   -20.391 1.00 20.93  ? 53  ASN A N   1 
ATOM   414  C  CA  . ASN A 1 53  ? -17.362 1.632   -20.358 1.00 27.85  ? 53  ASN A CA  1 
ATOM   415  C  C   . ASN A 1 53  ? -18.038 2.001   -19.035 1.00 17.50  ? 53  ASN A C   1 
ATOM   416  O  O   . ASN A 1 53  ? -19.220 1.715   -18.820 1.00 22.98  ? 53  ASN A O   1 
ATOM   417  C  CB  . ASN A 1 53  ? -18.039 2.252   -21.623 1.00 58.05  ? 53  ASN A CB  1 
ATOM   418  C  CG  . ASN A 1 53  ? -17.329 2.001   -22.955 1.00 100.00 ? 53  ASN A CG  1 
ATOM   419  O  OD1 . ASN A 1 53  ? -16.666 0.957   -23.177 1.00 100.00 ? 53  ASN A OD1 1 
ATOM   420  N  ND2 . ASN A 1 53  ? -17.485 2.976   -23.858 1.00 100.00 ? 53  ASN A ND2 1 
ATOM   421  N  N   . CYS A 1 54  ? -17.212 2.497   -18.091 1.00 16.17  ? 54  CYS A N   1 
ATOM   422  C  CA  . CYS A 1 54  ? -17.646 2.774   -16.752 1.00 17.67  ? 54  CYS A CA  1 
ATOM   423  C  C   . CYS A 1 54  ? -18.118 4.187   -16.599 1.00 26.11  ? 54  CYS A C   1 
ATOM   424  O  O   . CYS A 1 54  ? -18.866 4.483   -15.661 1.00 33.52  ? 54  CYS A O   1 
ATOM   425  C  CB  . CYS A 1 54  ? -16.446 2.617   -15.770 1.00 16.04  ? 54  CYS A CB  1 
ATOM   426  S  SG  . CYS A 1 54  ? -16.060 0.805   -15.778 1.00 23.64  ? 54  CYS A SG  1 
ATOM   427  N  N   . ASN A 1 55  ? -17.580 5.054   -17.429 1.00 19.35  ? 55  ASN A N   1 
ATOM   428  C  CA  . ASN A 1 55  ? -17.912 6.436   -17.257 1.00 32.69  ? 55  ASN A CA  1 
ATOM   429  C  C   . ASN A 1 55  ? -17.481 6.912   -15.835 1.00 35.61  ? 55  ASN A C   1 
ATOM   430  O  O   . ASN A 1 55  ? -18.271 7.558   -15.130 1.00 37.29  ? 55  ASN A O   1 
ATOM   431  C  CB  . ASN A 1 55  ? -19.413 6.675   -17.617 1.00 37.26  ? 55  ASN A CB  1 
ATOM   432  C  CG  . ASN A 1 55  ? -19.690 8.147   -17.937 1.00 100.00 ? 55  ASN A CG  1 
ATOM   433  O  OD1 . ASN A 1 55  ? -18.751 8.865   -18.430 1.00 35.12  ? 55  ASN A OD1 1 
ATOM   434  N  ND2 . ASN A 1 55  ? -20.940 8.591   -17.595 1.00 36.05  ? 55  ASN A ND2 1 
ATOM   435  N  N   . GLY A 1 56  ? -16.229 6.619   -15.386 1.00 15.22  ? 56  GLY A N   1 
ATOM   436  C  CA  . GLY A 1 56  ? -15.762 7.109   -14.081 1.00 16.02  ? 56  GLY A CA  1 
ATOM   437  C  C   . GLY A 1 56  ? -16.409 6.501   -12.840 1.00 14.91  ? 56  GLY A C   1 
ATOM   438  O  O   . GLY A 1 56  ? -16.086 6.867   -11.708 1.00 22.89  ? 56  GLY A O   1 
ATOM   439  N  N   . VAL A 1 57  ? -17.349 5.593   -13.033 1.00 15.51  ? 57  VAL A N   1 
ATOM   440  C  CA  . VAL A 1 57  ? -17.961 4.990   -11.826 1.00 8.13   ? 57  VAL A CA  1 
ATOM   441  C  C   . VAL A 1 57  ? -17.946 3.460   -11.827 1.00 16.03  ? 57  VAL A C   1 
ATOM   442  O  O   . VAL A 1 57  ? -18.168 2.848   -12.869 1.00 16.51  ? 57  VAL A O   1 
ATOM   443  C  CB  . VAL A 1 57  ? -19.408 5.407   -11.768 1.00 17.94  ? 57  VAL A CB  1 
ATOM   444  C  CG1 . VAL A 1 57  ? -20.050 4.794   -10.553 1.00 22.20  ? 57  VAL A CG1 1 
ATOM   445  C  CG2 . VAL A 1 57  ? -19.399 6.922   -11.853 1.00 28.10  ? 57  VAL A CG2 1 
ATOM   446  N  N   . ILE A 1 58  ? -17.689 2.801   -10.679 1.00 12.80  ? 58  ILE A N   1 
ATOM   447  C  CA  . ILE A 1 58  ? -17.695 1.350   -10.672 1.00 17.25  ? 58  ILE A CA  1 
ATOM   448  C  C   . ILE A 1 58  ? -18.590 0.840   -9.581  1.00 19.59  ? 58  ILE A C   1 
ATOM   449  O  O   . ILE A 1 58  ? -19.095 1.609   -8.761  1.00 14.78  ? 58  ILE A O   1 
ATOM   450  C  CB  . ILE A 1 58  ? -16.282 0.808   -10.426 1.00 15.05  ? 58  ILE A CB  1 
ATOM   451  C  CG1 . ILE A 1 58  ? -15.640 1.350   -9.086  1.00 7.01   ? 58  ILE A CG1 1 
ATOM   452  C  CG2 . ILE A 1 58  ? -15.388 1.087   -11.665 1.00 9.34   ? 58  ILE A CG2 1 
ATOM   453  C  CD1 . ILE A 1 58  ? -14.275 0.612   -8.919  1.00 9.56   ? 58  ILE A CD1 1 
ATOM   454  N  N   . THR A 1 59  ? -18.792 -0.461  -9.549  1.00 11.62  ? 59  THR A N   1 
ATOM   455  C  CA  . THR A 1 59  ? -19.587 -1.010  -8.457  1.00 10.69  ? 59  THR A CA  1 
ATOM   456  C  C   . THR A 1 59  ? -18.703 -1.481  -7.307  1.00 23.75  ? 59  THR A C   1 
ATOM   457  O  O   . THR A 1 59  ? -17.520 -1.625  -7.474  1.00 18.56  ? 59  THR A O   1 
ATOM   458  C  CB  . THR A 1 59  ? -20.436 -2.215  -9.009  1.00 24.80  ? 59  THR A CB  1 
ATOM   459  O  OG1 . THR A 1 59  ? -19.606 -3.343  -9.162  1.00 16.50  ? 59  THR A OG1 1 
ATOM   460  C  CG2 . THR A 1 59  ? -21.026 -1.901  -10.386 1.00 19.30  ? 59  THR A CG2 1 
ATOM   461  N  N   . LYS A 1 60  ? -19.276 -1.827  -6.158  1.00 15.47  ? 60  LYS A N   1 
ATOM   462  C  CA  . LYS A 1 60  ? -18.507 -2.282  -5.025  1.00 10.71  ? 60  LYS A CA  1 
ATOM   463  C  C   . LYS A 1 60  ? -17.770 -3.589  -5.296  1.00 14.11  ? 60  LYS A C   1 
ATOM   464  O  O   . LYS A 1 60  ? -16.647 -3.853  -4.868  1.00 15.51  ? 60  LYS A O   1 
ATOM   465  C  CB  . LYS A 1 60  ? -19.429 -2.359  -3.803  1.00 18.57  ? 60  LYS A CB  1 
ATOM   466  C  CG  . LYS A 1 60  ? -18.670 -2.563  -2.499  1.00 33.20  ? 60  LYS A CG  1 
ATOM   467  C  CD  . LYS A 1 60  ? -19.467 -3.271  -1.414  1.00 63.99  ? 60  LYS A CD  1 
ATOM   468  C  CE  . LYS A 1 60  ? -19.005 -2.854  -0.032  1.00 45.84  ? 60  LYS A CE  1 
ATOM   469  N  NZ  . LYS A 1 60  ? -20.126 -2.600  0.895   1.00 100.00 ? 60  LYS A NZ  1 
ATOM   470  N  N   . ASP A 1 61  ? -18.481 -4.447  -5.993  1.00 19.92  ? 61  ASP A N   1 
ATOM   471  C  CA  . ASP A 1 61  ? -17.905 -5.752  -6.353  1.00 15.37  ? 61  ASP A CA  1 
ATOM   472  C  C   . ASP A 1 61  ? -16.717 -5.547  -7.286  1.00 12.12  ? 61  ASP A C   1 
ATOM   473  O  O   . ASP A 1 61  ? -15.679 -6.198  -7.167  1.00 15.34  ? 61  ASP A O   1 
ATOM   474  C  CB  . ASP A 1 61  ? -18.980 -6.681  -6.954  1.00 28.01  ? 61  ASP A CB  1 
ATOM   475  C  CG  . ASP A 1 61  ? -20.174 -6.693  -6.034  1.00 100.00 ? 61  ASP A CG  1 
ATOM   476  O  OD1 . ASP A 1 61  ? -20.287 -7.535  -5.153  1.00 100.00 ? 61  ASP A OD1 1 
ATOM   477  O  OD2 . ASP A 1 61  ? -20.998 -5.659  -6.208  1.00 100.00 ? 61  ASP A OD2 1 
ATOM   478  N  N   . GLU A 1 62  ? -16.860 -4.547  -8.198  1.00 13.85  ? 62  GLU A N   1 
ATOM   479  C  CA  . GLU A 1 62  ? -15.781 -4.264  -9.111  1.00 6.82   ? 62  GLU A CA  1 
ATOM   480  C  C   . GLU A 1 62  ? -14.596 -3.743  -8.308  1.00 18.23  ? 62  GLU A C   1 
ATOM   481  O  O   . GLU A 1 62  ? -13.465 -4.066  -8.598  1.00 15.87  ? 62  GLU A O   1 
ATOM   482  C  CB  . GLU A 1 62  ? -16.212 -3.206  -10.118 1.00 9.20   ? 62  GLU A CB  1 
ATOM   483  C  CG  . GLU A 1 62  ? -17.015 -3.878  -11.235 1.00 18.35  ? 62  GLU A CG  1 
ATOM   484  C  CD  . GLU A 1 62  ? -17.728 -2.912  -12.108 1.00 25.34  ? 62  GLU A CD  1 
ATOM   485  O  OE1 . GLU A 1 62  ? -17.879 -1.724  -11.838 1.00 19.14  ? 62  GLU A OE1 1 
ATOM   486  O  OE2 . GLU A 1 62  ? -18.210 -3.518  -13.168 1.00 15.51  ? 62  GLU A OE2 1 
ATOM   487  N  N   . ALA A 1 63  ? -14.892 -2.862  -7.332  1.00 10.29  ? 63  ALA A N   1 
ATOM   488  C  CA  . ALA A 1 63  ? -13.840 -2.294  -6.487  1.00 9.79   ? 63  ALA A CA  1 
ATOM   489  C  C   . ALA A 1 63  ? -13.118 -3.377  -5.748  1.00 18.30  ? 63  ALA A C   1 
ATOM   490  O  O   . ALA A 1 63  ? -11.869 -3.368  -5.656  1.00 14.82  ? 63  ALA A O   1 
ATOM   491  C  CB  . ALA A 1 63  ? -14.380 -1.356  -5.444  1.00 13.86  ? 63  ALA A CB  1 
ATOM   492  N  N   . GLU A 1 64  ? -13.936 -4.327  -5.239  1.00 11.88  ? 64  GLU A N   1 
ATOM   493  C  CA  . GLU A 1 64  ? -13.355 -5.402  -4.479  1.00 15.03  ? 64  GLU A CA  1 
ATOM   494  C  C   . GLU A 1 64  ? -12.521 -6.315  -5.332  1.00 16.62  ? 64  GLU A C   1 
ATOM   495  O  O   . GLU A 1 64  ? -11.559 -6.916  -4.859  1.00 10.43  ? 64  GLU A O   1 
ATOM   496  C  CB  . GLU A 1 64  ? -14.388 -6.209  -3.702  1.00 11.56  ? 64  GLU A CB  1 
ATOM   497  C  CG  . GLU A 1 64  ? -14.675 -5.417  -2.433  1.00 16.28  ? 64  GLU A CG  1 
ATOM   498  C  CD  . GLU A 1 64  ? -15.976 -5.813  -1.791  1.00 40.65  ? 64  GLU A CD  1 
ATOM   499  O  OE1 . GLU A 1 64  ? -16.772 -6.621  -2.239  1.00 51.46  ? 64  GLU A OE1 1 
ATOM   500  O  OE2 . GLU A 1 64  ? -16.207 -5.127  -0.729  1.00 36.91  ? 64  GLU A OE2 1 
ATOM   501  N  N   . LYS A 1 65  ? -12.907 -6.418  -6.579  1.00 11.49  ? 65  LYS A N   1 
ATOM   502  C  CA  . LYS A 1 65  ? -12.121 -7.251  -7.448  1.00 9.19   ? 65  LYS A CA  1 
ATOM   503  C  C   . LYS A 1 65  ? -10.769 -6.604  -7.748  1.00 16.04  ? 65  LYS A C   1 
ATOM   504  O  O   . LYS A 1 65  ? -9.696  -7.265  -7.752  1.00 16.74  ? 65  LYS A O   1 
ATOM   505  C  CB  . LYS A 1 65  ? -12.816 -7.501  -8.783  1.00 11.69  ? 65  LYS A CB  1 
ATOM   506  C  CG  . LYS A 1 65  ? -12.049 -8.504  -9.656  1.00 19.62  ? 65  LYS A CG  1 
ATOM   507  C  CD  . LYS A 1 65  ? -12.842 -9.096  -10.813 1.00 35.45  ? 65  LYS A CD  1 
ATOM   508  C  CE  . LYS A 1 65  ? -12.213 -10.386 -11.315 1.00 68.57  ? 65  LYS A CE  1 
ATOM   509  N  NZ  . LYS A 1 65  ? -12.854 -10.851 -12.552 1.00 39.75  ? 65  LYS A NZ  1 
ATOM   510  N  N   . LEU A 1 66  ? -10.817 -5.295  -8.039  1.00 10.82  ? 66  LEU A N   1 
ATOM   511  C  CA  . LEU A 1 66  ? -9.531  -4.608  -8.264  1.00 10.80  ? 66  LEU A CA  1 
ATOM   512  C  C   . LEU A 1 66  ? -8.623  -4.741  -7.018  1.00 12.95  ? 66  LEU A C   1 
ATOM   513  O  O   . LEU A 1 66  ? -7.395  -4.955  -7.110  1.00 11.12  ? 66  LEU A O   1 
ATOM   514  C  CB  . LEU A 1 66  ? -9.671  -3.072  -8.430  1.00 13.82  ? 66  LEU A CB  1 
ATOM   515  C  CG  . LEU A 1 66  ? -10.316 -2.725  -9.766  1.00 17.29  ? 66  LEU A CG  1 
ATOM   516  C  CD1 . LEU A 1 66  ? -10.514 -1.215  -9.738  1.00 20.30  ? 66  LEU A CD1 1 
ATOM   517  C  CD2 . LEU A 1 66  ? -9.407  -3.161  -10.915 1.00 11.40  ? 66  LEU A CD2 1 
ATOM   518  N  N   . PHE A 1 67  ? -9.249  -4.673  -5.848  1.00 10.42  ? 67  PHE A N   1 
ATOM   519  C  CA  . PHE A 1 67  ? -8.487  -4.772  -4.610  1.00 8.57   ? 67  PHE A CA  1 
ATOM   520  C  C   . PHE A 1 67  ? -7.771  -6.118  -4.472  1.00 11.56  ? 67  PHE A C   1 
ATOM   521  O  O   . PHE A 1 67  ? -6.599  -6.292  -4.127  1.00 12.22  ? 67  PHE A O   1 
ATOM   522  C  CB  . PHE A 1 67  ? -9.488  -4.423  -3.538  1.00 8.26   ? 67  PHE A CB  1 
ATOM   523  C  CG  . PHE A 1 67  ? -8.883  -4.318  -2.116  1.00 15.59  ? 67  PHE A CG  1 
ATOM   524  C  CD1 . PHE A 1 67  ? -7.646  -3.696  -1.877  1.00 14.36  ? 67  PHE A CD1 1 
ATOM   525  C  CD2 . PHE A 1 67  ? -9.603  -4.746  -0.997  1.00 12.62  ? 67  PHE A CD2 1 
ATOM   526  C  CE1 . PHE A 1 67  ? -7.064  -3.554  -0.614  1.00 8.25   ? 67  PHE A CE1 1 
ATOM   527  C  CE2 . PHE A 1 67  ? -9.081  -4.600  0.292   1.00 17.78  ? 67  PHE A CE2 1 
ATOM   528  C  CZ  . PHE A 1 67  ? -7.809  -4.043  0.466   1.00 10.21  ? 67  PHE A CZ  1 
ATOM   529  N  N   . ASN A 1 68  ? -8.514  -7.137  -4.744  1.00 11.23  ? 68  ASN A N   1 
ATOM   530  C  CA  . ASN A 1 68  ? -7.924  -8.490  -4.666  1.00 8.78   ? 68  ASN A CA  1 
ATOM   531  C  C   . ASN A 1 68  ? -6.727  -8.638  -5.588  1.00 12.09  ? 68  ASN A C   1 
ATOM   532  O  O   . ASN A 1 68  ? -5.658  -9.167  -5.283  1.00 11.25  ? 68  ASN A O   1 
ATOM   533  C  CB  . ASN A 1 68  ? -9.007  -9.542  -5.105  1.00 11.16  ? 68  ASN A CB  1 
ATOM   534  C  CG  . ASN A 1 68  ? -9.948  -9.907  -3.932  1.00 23.49  ? 68  ASN A CG  1 
ATOM   535  O  OD1 . ASN A 1 68  ? -9.528  -9.971  -2.768  1.00 25.69  ? 68  ASN A OD1 1 
ATOM   536  N  ND2 . ASN A 1 68  ? -11.239 -10.132 -4.220  1.00 20.01  ? 68  ASN A ND2 1 
ATOM   537  N  N   . GLN A 1 69  ? -6.929  -8.167  -6.801  1.00 7.26   ? 69  GLN A N   1 
ATOM   538  C  CA  . GLN A 1 69  ? -5.828  -8.282  -7.721  1.00 10.12  ? 69  GLN A CA  1 
ATOM   539  C  C   . GLN A 1 69  ? -4.696  -7.419  -7.282  1.00 8.47   ? 69  GLN A C   1 
ATOM   540  O  O   . GLN A 1 69  ? -3.548  -7.741  -7.442  1.00 13.56  ? 69  GLN A O   1 
ATOM   541  C  CB  . GLN A 1 69  ? -6.221  -7.708  -9.078  1.00 6.10   ? 69  GLN A CB  1 
ATOM   542  C  CG  . GLN A 1 69  ? -7.310  -8.594  -9.732  1.00 11.09  ? 69  GLN A CG  1 
ATOM   543  C  CD  . GLN A 1 69  ? -7.926  -7.975  -11.023 1.00 19.05  ? 69  GLN A CD  1 
ATOM   544  O  OE1 . GLN A 1 69  ? -8.685  -8.619  -11.765 1.00 17.03  ? 69  GLN A OE1 1 
ATOM   545  N  NE2 . GLN A 1 69  ? -7.495  -6.755  -11.351 1.00 15.22  ? 69  GLN A NE2 1 
ATOM   546  N  N   . ASP A 1 70  ? -4.982  -6.270  -6.692  1.00 11.71  ? 70  ASP A N   1 
ATOM   547  C  CA  . ASP A 1 70  ? -3.853  -5.415  -6.280  1.00 6.52   ? 70  ASP A CA  1 
ATOM   548  C  C   . ASP A 1 70  ? -3.072  -5.934  -5.059  1.00 11.55  ? 70  ASP A C   1 
ATOM   549  O  O   . ASP A 1 70  ? -1.868  -5.771  -4.992  1.00 10.46  ? 70  ASP A O   1 
ATOM   550  C  CB  . ASP A 1 70  ? -4.330  -4.023  -5.845  1.00 8.40   ? 70  ASP A CB  1 
ATOM   551  C  CG  . ASP A 1 70  ? -4.698  -3.198  -7.054  1.00 18.72  ? 70  ASP A CG  1 
ATOM   552  O  OD1 . ASP A 1 70  ? -4.438  -3.530  -8.162  1.00 13.83  ? 70  ASP A OD1 1 
ATOM   553  O  OD2 . ASP A 1 70  ? -5.540  -2.252  -6.798  1.00 12.24  ? 70  ASP A OD2 1 
ATOM   554  N  N   . VAL A 1 71  ? -3.756  -6.611  -4.135  1.00 12.33  ? 71  VAL A N   1 
ATOM   555  C  CA  . VAL A 1 71  ? -3.050  -7.161  -2.996  1.00 16.30  ? 71  VAL A CA  1 
ATOM   556  C  C   . VAL A 1 71  ? -2.179  -8.292  -3.488  1.00 10.05  ? 71  VAL A C   1 
ATOM   557  O  O   . VAL A 1 71  ? -0.975  -8.497  -3.143  1.00 13.57  ? 71  VAL A O   1 
ATOM   558  C  CB  . VAL A 1 71  ? -4.026  -7.698  -1.916  1.00 17.19  ? 71  VAL A CB  1 
ATOM   559  C  CG1 . VAL A 1 71  ? -3.226  -8.559  -0.903  1.00 7.26   ? 71  VAL A CG1 1 
ATOM   560  C  CG2 . VAL A 1 71  ? -4.741  -6.538  -1.192  1.00 11.84  ? 71  VAL A CG2 1 
ATOM   561  N  N   . ASP A 1 72  ? -2.801  -9.049  -4.380  1.00 10.41  ? 72  ASP A N   1 
ATOM   562  C  CA  . ASP A 1 72  ? -2.036  -10.148 -4.934  1.00 10.87  ? 72  ASP A CA  1 
ATOM   563  C  C   . ASP A 1 72  ? -0.691  -9.773  -5.585  1.00 19.42  ? 72  ASP A C   1 
ATOM   564  O  O   . ASP A 1 72  ? 0.437   -10.306 -5.320  1.00 17.29  ? 72  ASP A O   1 
ATOM   565  C  CB  . ASP A 1 72  ? -2.928  -10.964 -5.868  1.00 14.25  ? 72  ASP A CB  1 
ATOM   566  C  CG  . ASP A 1 72  ? -2.313  -12.350 -5.957  1.00 28.58  ? 72  ASP A CG  1 
ATOM   567  O  OD1 . ASP A 1 72  ? -1.907  -12.916 -4.956  1.00 100.00 ? 72  ASP A OD1 1 
ATOM   568  O  OD2 . ASP A 1 72  ? -2.360  -12.885 -7.121  1.00 32.29  ? 72  ASP A OD2 1 
ATOM   569  N  N   . ALA A 1 73  ? -0.848  -8.782  -6.445  1.00 13.13  ? 73  ALA A N   1 
ATOM   570  C  CA  . ALA A 1 73  ? 0.262   -8.233  -7.163  1.00 22.57  ? 73  ALA A CA  1 
ATOM   571  C  C   . ALA A 1 73  ? 1.330   -7.674  -6.227  1.00 17.68  ? 73  ALA A C   1 
ATOM   572  O  O   . ALA A 1 73  ? 2.564   -7.769  -6.443  1.00 19.38  ? 73  ALA A O   1 
ATOM   573  C  CB  . ALA A 1 73  ? -0.301  -7.153  -8.083  1.00 17.73  ? 73  ALA A CB  1 
ATOM   574  N  N   . ALA A 1 74  ? 0.882   -7.018  -5.178  1.00 15.16  ? 74  ALA A N   1 
ATOM   575  C  CA  . ALA A 1 74  ? 1.843   -6.463  -4.215  1.00 17.55  ? 74  ALA A CA  1 
ATOM   576  C  C   . ALA A 1 74  ? 2.722   -7.561  -3.577  1.00 9.49   ? 74  ALA A C   1 
ATOM   577  O  O   . ALA A 1 74  ? 3.943   -7.493  -3.624  1.00 17.65  ? 74  ALA A O   1 
ATOM   578  C  CB  . ALA A 1 74  ? 1.232   -5.606  -3.076  1.00 12.79  ? 74  ALA A CB  1 
ATOM   579  N  N   . VAL A 1 75  ? 2.075   -8.610  -3.070  1.00 11.45  ? 75  VAL A N   1 
ATOM   580  C  CA  . VAL A 1 75  ? 2.832   -9.669  -2.469  1.00 16.83  ? 75  VAL A CA  1 
ATOM   581  C  C   . VAL A 1 75  ? 3.808   -10.345 -3.441  1.00 25.73  ? 75  VAL A C   1 
ATOM   582  O  O   . VAL A 1 75  ? 4.999   -10.679 -3.099  1.00 16.72  ? 75  VAL A O   1 
ATOM   583  C  CB  . VAL A 1 75  ? 1.940   -10.832 -1.999  1.00 29.99  ? 75  VAL A CB  1 
ATOM   584  C  CG1 . VAL A 1 75  ? 2.748   -11.685 -1.000  1.00 26.76  ? 75  VAL A CG1 1 
ATOM   585  C  CG2 . VAL A 1 75  ? 0.857   -10.351 -1.092  1.00 12.94  ? 75  VAL A CG2 1 
ATOM   586  N  N   . ARG A 1 76  ? 3.256   -10.573 -4.634  1.00 12.18  ? 76  ARG A N   1 
ATOM   587  C  CA  . ARG A 1 76  ? 4.028   -11.214 -5.696  1.00 16.97  ? 76  ARG A CA  1 
ATOM   588  C  C   . ARG A 1 76  ? 5.218   -10.329 -6.006  1.00 18.33  ? 76  ARG A C   1 
ATOM   589  O  O   . ARG A 1 76  ? 6.340   -10.810 -6.166  1.00 24.29  ? 76  ARG A O   1 
ATOM   590  C  CB  . ARG A 1 76  ? 3.072   -11.733 -6.799  1.00 15.39  ? 76  ARG A CB  1 
ATOM   591  C  CG  . ARG A 1 76  ? 2.869   -13.209 -6.695  1.00 36.41  ? 76  ARG A CG  1 
ATOM   592  C  CD  . ARG A 1 76  ? 1.630   -13.578 -7.476  1.00 59.12  ? 76  ARG A CD  1 
ATOM   593  N  NE  . ARG A 1 76  ? 1.454   -15.017 -7.506  1.00 100.00 ? 76  ARG A NE  1 
ATOM   594  C  CZ  . ARG A 1 76  ? 0.751   -15.652 -8.435  1.00 100.00 ? 76  ARG A CZ  1 
ATOM   595  N  NH1 . ARG A 1 76  ? 0.208   -14.986 -9.441  1.00 100.00 ? 76  ARG A NH1 1 
ATOM   596  N  NH2 . ARG A 1 76  ? 0.666   -16.987 -8.386  1.00 100.00 ? 76  ARG A NH2 1 
ATOM   597  N  N   . GLY A 1 77  ? 5.009   -8.998  -6.076  1.00 8.88   ? 77  GLY A N   1 
ATOM   598  C  CA  . GLY A 1 77  ? 6.083   -8.041  -6.276  1.00 14.10  ? 77  GLY A CA  1 
ATOM   599  C  C   . GLY A 1 77  ? 7.183   -8.251  -5.219  1.00 27.16  ? 77  GLY A C   1 
ATOM   600  O  O   . GLY A 1 77  ? 8.404   -8.308  -5.438  1.00 26.34  ? 77  GLY A O   1 
ATOM   601  N  N   . ILE A 1 78  ? 6.745   -8.413  -4.001  1.00 11.85  ? 78  ILE A N   1 
ATOM   602  C  CA  . ILE A 1 78  ? 7.696   -8.616  -2.930  1.00 16.01  ? 78  ILE A CA  1 
ATOM   603  C  C   . ILE A 1 78  ? 8.519   -9.870  -3.107  1.00 21.07  ? 78  ILE A C   1 
ATOM   604  O  O   . ILE A 1 78  ? 9.761   -9.848  -2.967  1.00 19.30  ? 78  ILE A O   1 
ATOM   605  C  CB  . ILE A 1 78  ? 6.938   -8.749  -1.567  1.00 12.80  ? 78  ILE A CB  1 
ATOM   606  C  CG1 . ILE A 1 78  ? 6.712   -7.322  -1.056  1.00 6.74   ? 78  ILE A CG1 1 
ATOM   607  C  CG2 . ILE A 1 78  ? 7.860   -9.417  -0.511  1.00 12.83  ? 78  ILE A CG2 1 
ATOM   608  C  CD1 . ILE A 1 78  ? 5.602   -7.164  -0.007  1.00 10.44  ? 78  ILE A CD1 1 
ATOM   609  N  N   . LEU A 1 79  ? 7.811   -10.971 -3.431  1.00 18.88  ? 79  LEU A N   1 
ATOM   610  C  CA  . LEU A 1 79  ? 8.504   -12.256 -3.494  1.00 13.79  ? 79  LEU A CA  1 
ATOM   611  C  C   . LEU A 1 79  ? 9.478   -12.327 -4.640  1.00 18.92  ? 79  LEU A C   1 
ATOM   612  O  O   . LEU A 1 79  ? 10.414  -13.089 -4.668  1.00 29.35  ? 79  LEU A O   1 
ATOM   613  C  CB  . LEU A 1 79  ? 7.441   -13.383 -3.572  1.00 16.12  ? 79  LEU A CB  1 
ATOM   614  C  CG  . LEU A 1 79  ? 6.628   -13.475 -2.271  1.00 22.93  ? 79  LEU A CG  1 
ATOM   615  C  CD1 . LEU A 1 79  ? 5.637   -14.620 -2.506  1.00 17.97  ? 79  LEU A CD1 1 
ATOM   616  C  CD2 . LEU A 1 79  ? 7.519   -13.753 -1.048  1.00 18.32  ? 79  LEU A CD2 1 
ATOM   617  N  N   . ARG A 1 80  ? 9.209   -11.504 -5.636  1.00 19.08  ? 80  ARG A N   1 
ATOM   618  C  CA  . ARG A 1 80  ? 10.001  -11.473 -6.856  1.00 23.85  ? 80  ARG A CA  1 
ATOM   619  C  C   . ARG A 1 80  ? 11.187  -10.523 -6.707  1.00 30.09  ? 80  ARG A C   1 
ATOM   620  O  O   . ARG A 1 80  ? 12.092  -10.527 -7.508  1.00 32.20  ? 80  ARG A O   1 
ATOM   621  C  CB  . ARG A 1 80  ? 9.099   -11.290 -8.137  1.00 29.14  ? 80  ARG A CB  1 
ATOM   622  C  CG  . ARG A 1 80  ? 7.895   -12.291 -8.260  1.00 100.00 ? 80  ARG A CG  1 
ATOM   623  C  CD  . ARG A 1 80  ? 7.516   -12.855 -9.668  1.00 100.00 ? 80  ARG A CD  1 
ATOM   624  N  NE  . ARG A 1 80  ? 6.420   -13.884 -9.719  1.00 100.00 ? 80  ARG A NE  1 
ATOM   625  C  CZ  . ARG A 1 80  ? 6.334   -15.117 -10.343 1.00 100.00 ? 80  ARG A CZ  1 
ATOM   626  N  NH1 . ARG A 1 80  ? 7.280   -15.735 -11.107 1.00 45.98  ? 80  ARG A NH1 1 
ATOM   627  N  NH2 . ARG A 1 80  ? 5.181   -15.785 -10.188 1.00 100.00 ? 80  ARG A NH2 1 
ATOM   628  N  N   . ASN A 1 81  ? 11.167  -9.663  -5.716  1.00 16.06  ? 81  ASN A N   1 
ATOM   629  C  CA  . ASN A 1 81  ? 12.260  -8.740  -5.480  1.00 15.95  ? 81  ASN A CA  1 
ATOM   630  C  C   . ASN A 1 81  ? 13.380  -9.361  -4.631  1.00 24.98  ? 81  ASN A C   1 
ATOM   631  O  O   . ASN A 1 81  ? 13.175  -9.809  -3.489  1.00 27.65  ? 81  ASN A O   1 
ATOM   632  C  CB  . ASN A 1 81  ? 11.741  -7.450  -4.835  1.00 22.27  ? 81  ASN A CB  1 
ATOM   633  C  CG  . ASN A 1 81  ? 12.801  -6.360  -4.869  1.00 24.82  ? 81  ASN A CG  1 
ATOM   634  O  OD1 . ASN A 1 81  ? 13.917  -6.510  -4.355  1.00 24.67  ? 81  ASN A OD1 1 
ATOM   635  N  ND2 . ASN A 1 81  ? 12.457  -5.255  -5.490  1.00 28.49  ? 81  ASN A ND2 1 
ATOM   636  N  N   . ALA A 1 82  ? 14.606  -9.409  -5.169  1.00 27.28  ? 82  ALA A N   1 
ATOM   637  C  CA  . ALA A 1 82  ? 15.730  -10.003 -4.438  1.00 24.95  ? 82  ALA A CA  1 
ATOM   638  C  C   . ALA A 1 82  ? 16.124  -9.286  -3.135  1.00 26.43  ? 82  ALA A C   1 
ATOM   639  O  O   . ALA A 1 82  ? 16.647  -9.868  -2.178  1.00 31.88  ? 82  ALA A O   1 
ATOM   640  C  CB  . ALA A 1 82  ? 16.984  -10.141 -5.301  1.00 26.45  ? 82  ALA A CB  1 
ATOM   641  N  N   . LYS A 1 83  ? 15.896  -7.982  -3.093  1.00 17.61  ? 83  LYS A N   1 
ATOM   642  C  CA  . LYS A 1 83  ? 16.219  -7.245  -1.879  1.00 32.79  ? 83  LYS A CA  1 
ATOM   643  C  C   . LYS A 1 83  ? 15.071  -7.335  -0.828  1.00 38.86  ? 83  LYS A C   1 
ATOM   644  O  O   . LYS A 1 83  ? 15.275  -7.308  0.374   1.00 21.70  ? 83  LYS A O   1 
ATOM   645  C  CB  . LYS A 1 83  ? 16.603  -5.830  -2.271  1.00 37.20  ? 83  LYS A CB  1 
ATOM   646  C  CG  . LYS A 1 83  ? 18.049  -5.480  -1.923  1.00 100.00 ? 83  LYS A CG  1 
ATOM   647  C  CD  . LYS A 1 83  ? 19.086  -5.904  -2.959  1.00 100.00 ? 83  LYS A CD  1 
ATOM   648  C  CE  . LYS A 1 83  ? 20.543  -5.732  -2.515  1.00 100.00 ? 83  LYS A CE  1 
ATOM   649  N  NZ  . LYS A 1 83  ? 20.775  -5.847  -1.066  1.00 98.54  ? 83  LYS A NZ  1 
ATOM   650  N  N   . LEU A 1 84  ? 13.839  -7.484  -1.296  1.00 18.24  ? 84  LEU A N   1 
ATOM   651  C  CA  . LEU A 1 84  ? 12.671  -7.555  -0.464  1.00 17.26  ? 84  LEU A CA  1 
ATOM   652  C  C   . LEU A 1 84  ? 12.401  -8.921  0.145   1.00 19.17  ? 84  LEU A C   1 
ATOM   653  O  O   . LEU A 1 84  ? 12.151  -9.033  1.316   1.00 12.57  ? 84  LEU A O   1 
ATOM   654  C  CB  . LEU A 1 84  ? 11.456  -7.075  -1.285  1.00 10.72  ? 84  LEU A CB  1 
ATOM   655  C  CG  . LEU A 1 84  ? 11.502  -5.609  -1.721  1.00 33.62  ? 84  LEU A CG  1 
ATOM   656  C  CD1 . LEU A 1 84  ? 10.127  -5.108  -2.194  1.00 21.40  ? 84  LEU A CD1 1 
ATOM   657  C  CD2 . LEU A 1 84  ? 11.875  -4.681  -0.566  1.00 17.50  ? 84  LEU A CD2 1 
ATOM   658  N  N   . LYS A 1 85  ? 12.417  -9.943  -0.676  1.00 9.82   ? 85  LYS A N   1 
ATOM   659  C  CA  . LYS A 1 85  ? 12.076  -11.274 -0.303  1.00 13.70  ? 85  LYS A CA  1 
ATOM   660  C  C   . LYS A 1 85  ? 12.649  -11.779 0.988   1.00 7.31   ? 85  LYS A C   1 
ATOM   661  O  O   . LYS A 1 85  ? 11.973  -12.271 1.864   1.00 11.17  ? 85  LYS A O   1 
ATOM   662  C  CB  . LYS A 1 85  ? 12.347  -12.183 -1.471  1.00 13.78  ? 85  LYS A CB  1 
ATOM   663  C  CG  . LYS A 1 85  ? 11.659  -13.509 -1.200  1.00 21.84  ? 85  LYS A CG  1 
ATOM   664  C  CD  . LYS A 1 85  ? 12.023  -14.614 -2.190  1.00 21.99  ? 85  LYS A CD  1 
ATOM   665  C  CE  . LYS A 1 85  ? 11.839  -16.027 -1.595  1.00 29.73  ? 85  LYS A CE  1 
ATOM   666  N  NZ  . LYS A 1 85  ? 10.529  -16.280 -0.956  1.00 48.99  ? 85  LYS A NZ  1 
ATOM   667  N  N   . PRO A 1 86  ? 13.961  -11.684 1.128   1.00 14.09  ? 86  PRO A N   1 
ATOM   668  C  CA  . PRO A 1 86  ? 14.632  -12.158 2.357   1.00 37.41  ? 86  PRO A CA  1 
ATOM   669  C  C   . PRO A 1 86  ? 14.168  -11.437 3.628   1.00 13.12  ? 86  PRO A C   1 
ATOM   670  O  O   . PRO A 1 86  ? 14.012  -12.021 4.695   1.00 11.19  ? 86  PRO A O   1 
ATOM   671  C  CB  . PRO A 1 86  ? 16.134  -12.088 2.061   1.00 21.74  ? 86  PRO A CB  1 
ATOM   672  C  CG  . PRO A 1 86  ? 16.269  -11.217 0.821   1.00 35.77  ? 86  PRO A CG  1 
ATOM   673  C  CD  . PRO A 1 86  ? 14.884  -10.966 0.244   1.00 21.50  ? 86  PRO A CD  1 
ATOM   674  N  N   . VAL A 1 87  ? 13.877  -10.158 3.485   1.00 13.17  ? 87  VAL A N   1 
ATOM   675  C  CA  . VAL A 1 87  ? 13.383  -9.440  4.628   1.00 15.65  ? 87  VAL A CA  1 
ATOM   676  C  C   . VAL A 1 87  ? 11.981  -9.914  5.003   1.00 8.23   ? 87  VAL A C   1 
ATOM   677  O  O   . VAL A 1 87  ? 11.606  -10.217 6.156   1.00 10.25  ? 87  VAL A O   1 
ATOM   678  C  CB  . VAL A 1 87  ? 13.497  -7.900  4.406   1.00 12.75  ? 87  VAL A CB  1 
ATOM   679  C  CG1 . VAL A 1 87  ? 13.072  -7.211  5.705   1.00 7.39   ? 87  VAL A CG1 1 
ATOM   680  C  CG2 . VAL A 1 87  ? 14.898  -7.393  3.980   1.00 15.81  ? 87  VAL A CG2 1 
ATOM   681  N  N   . TYR A 1 88  ? 11.151  -9.894  4.005   1.00 10.77  ? 88  TYR A N   1 
ATOM   682  C  CA  . TYR A 1 88  ? 9.767   -10.291 4.156   1.00 11.86  ? 88  TYR A CA  1 
ATOM   683  C  C   . TYR A 1 88  ? 9.663   -11.667 4.774   1.00 16.47  ? 88  TYR A C   1 
ATOM   684  O  O   . TYR A 1 88  ? 8.850   -11.969 5.647   1.00 12.01  ? 88  TYR A O   1 
ATOM   685  C  CB  . TYR A 1 88  ? 9.213   -10.400 2.727   1.00 4.26   ? 88  TYR A CB  1 
ATOM   686  C  CG  . TYR A 1 88  ? 7.743   -10.740 2.740   1.00 12.16  ? 88  TYR A CG  1 
ATOM   687  C  CD1 . TYR A 1 88  ? 6.811   -9.788  3.142   1.00 11.08  ? 88  TYR A CD1 1 
ATOM   688  C  CD2 . TYR A 1 88  ? 7.322   -12.042 2.514   1.00 12.18  ? 88  TYR A CD2 1 
ATOM   689  C  CE1 . TYR A 1 88  ? 5.456   -10.096 3.162   1.00 5.54   ? 88  TYR A CE1 1 
ATOM   690  C  CE2 . TYR A 1 88  ? 5.973   -12.371 2.516   1.00 16.72  ? 88  TYR A CE2 1 
ATOM   691  C  CZ  . TYR A 1 88  ? 5.047   -11.387 2.840   1.00 22.71  ? 88  TYR A CZ  1 
ATOM   692  O  OH  . TYR A 1 88  ? 3.742   -11.710 2.890   1.00 23.65  ? 88  TYR A OH  1 
ATOM   693  N  N   . ASP A 1 89  ? 10.458  -12.592 4.256   1.00 9.35   ? 89  ASP A N   1 
ATOM   694  C  CA  . ASP A 1 89  ? 10.371  -13.971 4.827   1.00 9.65   ? 89  ASP A CA  1 
ATOM   695  C  C   . ASP A 1 89  ? 10.961  -14.103 6.214   1.00 12.74  ? 89  ASP A C   1 
ATOM   696  O  O   . ASP A 1 89  ? 10.703  -15.070 6.958   1.00 19.89  ? 89  ASP A O   1 
ATOM   697  C  CB  . ASP A 1 89  ? 11.232  -14.939 4.023   1.00 16.65  ? 89  ASP A CB  1 
ATOM   698  C  CG  . ASP A 1 89  ? 10.583  -15.294 2.729   1.00 19.89  ? 89  ASP A CG  1 
ATOM   699  O  OD1 . ASP A 1 89  ? 9.482   -14.954 2.504   1.00 17.88  ? 89  ASP A OD1 1 
ATOM   700  O  OD2 . ASP A 1 89  ? 11.357  -15.892 1.886   1.00 19.56  ? 89  ASP A OD2 1 
ATOM   701  N  N   . SER A 1 90  ? 11.720  -13.092 6.673   1.00 8.15   ? 90  SER A N   1 
ATOM   702  C  CA  . SER A 1 90  ? 12.201  -13.190 8.020   1.00 9.35   ? 90  SER A CA  1 
ATOM   703  C  C   . SER A 1 90  ? 11.175  -12.708 9.018   1.00 5.02   ? 90  SER A C   1 
ATOM   704  O  O   . SER A 1 90  ? 11.329  -12.880 10.216  1.00 9.83   ? 90  SER A O   1 
ATOM   705  C  CB  . SER A 1 90  ? 13.422  -12.339 8.323   1.00 10.24  ? 90  SER A CB  1 
ATOM   706  O  OG  . SER A 1 90  ? 13.158  -10.964 8.148   1.00 12.08  ? 90  SER A OG  1 
ATOM   707  N  N   . LEU A 1 91  ? 10.128  -12.048 8.575   1.00 4.12   ? 91  LEU A N   1 
ATOM   708  C  CA  . LEU A 1 91  ? 9.160   -11.461 9.533   1.00 8.62   ? 91  LEU A CA  1 
ATOM   709  C  C   . LEU A 1 91  ? 8.022   -12.389 9.921   1.00 12.37  ? 91  LEU A C   1 
ATOM   710  O  O   . LEU A 1 91  ? 7.716   -13.384 9.226   1.00 15.33  ? 91  LEU A O   1 
ATOM   711  C  CB  . LEU A 1 91  ? 8.418   -10.265 8.856   1.00 10.78  ? 91  LEU A CB  1 
ATOM   712  C  CG  . LEU A 1 91  ? 9.342   -9.150  8.291   1.00 13.72  ? 91  LEU A CG  1 
ATOM   713  C  CD1 . LEU A 1 91  ? 8.599   -8.192  7.375   1.00 12.38  ? 91  LEU A CD1 1 
ATOM   714  C  CD2 . LEU A 1 91  ? 9.762   -8.287  9.472   1.00 12.20  ? 91  LEU A CD2 1 
ATOM   715  N  N   . ASP A 1 92  ? 7.370   -12.065 11.019  1.00 6.62   ? 92  ASP A N   1 
ATOM   716  C  CA  . ASP A 1 92  ? 6.210   -12.780 11.457  1.00 1.87   ? 92  ASP A CA  1 
ATOM   717  C  C   . ASP A 1 92  ? 5.013   -12.295 10.647  1.00 7.48   ? 92  ASP A C   1 
ATOM   718  O  O   . ASP A 1 92  ? 5.013   -11.334 9.867   1.00 11.14  ? 92  ASP A O   1 
ATOM   719  C  CB  . ASP A 1 92  ? 5.959   -12.488 12.955  1.00 8.63   ? 92  ASP A CB  1 
ATOM   720  C  CG  . ASP A 1 92  ? 5.744   -10.992 13.240  1.00 20.21  ? 92  ASP A CG  1 
ATOM   721  O  OD1 . ASP A 1 92  ? 4.635   -10.488 13.320  1.00 11.04  ? 92  ASP A OD1 1 
ATOM   722  O  OD2 . ASP A 1 92  ? 6.881   -10.281 13.347  1.00 15.46  ? 92  ASP A OD2 1 
ATOM   723  N  N   . ALA A 1 93  ? 3.878   -12.927 10.880  1.00 10.43  ? 93  ALA A N   1 
ATOM   724  C  CA  . ALA A 1 93  ? 2.702   -12.641 10.136  1.00 8.33   ? 93  ALA A CA  1 
ATOM   725  C  C   . ALA A 1 93  ? 2.100   -11.247 10.249  1.00 8.31   ? 93  ALA A C   1 
ATOM   726  O  O   . ALA A 1 93  ? 1.595   -10.744 9.239   1.00 17.54  ? 93  ALA A O   1 
ATOM   727  C  CB  . ALA A 1 93  ? 1.619   -13.712 10.413  1.00 14.37  ? 93  ALA A CB  1 
ATOM   728  N  N   . VAL A 1 94  ? 2.095   -10.630 11.443  1.00 13.44  ? 94  VAL A N   1 
ATOM   729  C  CA  . VAL A 1 94  ? 1.543   -9.353  11.490  1.00 6.35   ? 94  VAL A CA  1 
ATOM   730  C  C   . VAL A 1 94  ? 2.442   -8.357  10.757  1.00 6.75   ? 94  VAL A C   1 
ATOM   731  O  O   . VAL A 1 94  ? 1.999   -7.523  9.964   1.00 11.61  ? 94  VAL A O   1 
ATOM   732  C  CB  . VAL A 1 94  ? 1.355   -8.954  12.947  1.00 16.18  ? 94  VAL A CB  1 
ATOM   733  C  CG1 . VAL A 1 94  ? 0.818   -7.499  13.065  1.00 10.57  ? 94  VAL A CG1 1 
ATOM   734  C  CG2 . VAL A 1 94  ? 0.364   -9.922  13.538  1.00 10.84  ? 94  VAL A CG2 1 
ATOM   735  N  N   . ARG A 1 95  ? 3.735   -8.456  11.069  1.00 9.43   ? 95  ARG A N   1 
ATOM   736  C  CA  . ARG A 1 95  ? 4.661   -7.512  10.455  1.00 12.95  ? 95  ARG A CA  1 
ATOM   737  C  C   . ARG A 1 95  ? 4.698   -7.684  8.944   1.00 13.42  ? 95  ARG A C   1 
ATOM   738  O  O   . ARG A 1 95  ? 5.021   -6.772  8.196   1.00 12.57  ? 95  ARG A O   1 
ATOM   739  C  CB  . ARG A 1 95  ? 6.091   -7.654  11.028  1.00 8.85   ? 95  ARG A CB  1 
ATOM   740  C  CG  . ARG A 1 95  ? 6.153   -7.227  12.459  1.00 8.91   ? 95  ARG A CG  1 
ATOM   741  C  CD  . ARG A 1 95  ? 7.578   -7.202  12.986  1.00 8.80   ? 95  ARG A CD  1 
ATOM   742  N  NE  . ARG A 1 95  ? 7.622   -6.602  14.305  1.00 4.76   ? 95  ARG A NE  1 
ATOM   743  C  CZ  . ARG A 1 95  ? 7.559   -7.286  15.448  1.00 21.97  ? 95  ARG A CZ  1 
ATOM   744  N  NH1 . ARG A 1 95  ? 7.326   -8.606  15.428  1.00 7.98   ? 95  ARG A NH1 1 
ATOM   745  N  NH2 . ARG A 1 95  ? 7.671   -6.609  16.607  1.00 10.97  ? 95  ARG A NH2 1 
ATOM   746  N  N   . ARG A 1 96  ? 4.419   -8.894  8.464   1.00 10.08  ? 96  ARG A N   1 
ATOM   747  C  CA  . ARG A 1 96  ? 4.373   -9.060  6.998   1.00 13.95  ? 96  ARG A CA  1 
ATOM   748  C  C   . ARG A 1 96  ? 3.194   -8.233  6.468   1.00 8.81   ? 96  ARG A C   1 
ATOM   749  O  O   . ARG A 1 96  ? 3.275   -7.704  5.370   1.00 9.94   ? 96  ARG A O   1 
ATOM   750  C  CB  . ARG A 1 96  ? 4.129   -10.494 6.558   1.00 10.17  ? 96  ARG A CB  1 
ATOM   751  C  CG  . ARG A 1 96  ? 5.429   -11.314 6.565   1.00 4.68   ? 96  ARG A CG  1 
ATOM   752  C  CD  . ARG A 1 96  ? 5.176   -12.787 6.203   1.00 11.26  ? 96  ARG A CD  1 
ATOM   753  N  NE  . ARG A 1 96  ? 6.471   -13.462 6.418   1.00 15.19  ? 96  ARG A NE  1 
ATOM   754  C  CZ  . ARG A 1 96  ? 6.603   -14.772 6.353   1.00 26.54  ? 96  ARG A CZ  1 
ATOM   755  N  NH1 . ARG A 1 96  ? 5.502   -15.455 6.002   1.00 25.22  ? 96  ARG A NH1 1 
ATOM   756  N  NH2 . ARG A 1 96  ? 7.791   -15.395 6.642   1.00 11.84  ? 96  ARG A NH2 1 
ATOM   757  N  N   . CYS A 1 97  ? 2.115   -8.101  7.261   1.00 8.02   ? 97  CYS A N   1 
ATOM   758  C  CA  . CYS A 1 97  ? 1.053   -7.301  6.730   1.00 7.24   ? 97  CYS A CA  1 
ATOM   759  C  C   . CYS A 1 97  ? 1.479   -5.844  6.624   1.00 14.01  ? 97  CYS A C   1 
ATOM   760  O  O   . CYS A 1 97  ? 1.134   -5.114  5.688   1.00 4.86   ? 97  CYS A O   1 
ATOM   761  C  CB  . CYS A 1 97  ? -0.124  -7.253  7.677   1.00 15.95  ? 97  CYS A CB  1 
ATOM   762  S  SG  . CYS A 1 97  ? -0.920  -8.853  7.481   1.00 16.23  ? 97  CYS A SG  1 
ATOM   763  N  N   . ALA A 1 98  ? 2.250   -5.368  7.587   1.00 15.46  ? 98  ALA A N   1 
ATOM   764  C  CA  . ALA A 1 98  ? 2.762   -4.003  7.454   1.00 12.11  ? 98  ALA A CA  1 
ATOM   765  C  C   . ALA A 1 98  ? 3.698   -3.816  6.215   1.00 17.24  ? 98  ALA A C   1 
ATOM   766  O  O   . ALA A 1 98  ? 3.731   -2.706  5.588   1.00 12.13  ? 98  ALA A O   1 
ATOM   767  C  CB  . ALA A 1 98  ? 3.624   -3.648  8.649   1.00 9.77   ? 98  ALA A CB  1 
ATOM   768  N  N   . ALA A 1 99  ? 4.499   -4.852  5.839   1.00 9.41   ? 99  ALA A N   1 
ATOM   769  C  CA  . ALA A 1 99  ? 5.354   -4.736  4.625   1.00 7.06   ? 99  ALA A CA  1 
ATOM   770  C  C   . ALA A 1 99  ? 4.472   -4.638  3.358   1.00 10.00  ? 99  ALA A C   1 
ATOM   771  O  O   . ALA A 1 99  ? 4.724   -3.867  2.402   1.00 7.95   ? 99  ALA A O   1 
ATOM   772  C  CB  . ALA A 1 99  ? 6.391   -5.934  4.480   1.00 7.40   ? 99  ALA A CB  1 
ATOM   773  N  N   . ILE A 1 100 ? 3.401   -5.435  3.303   1.00 7.70   ? 100 ILE A N   1 
ATOM   774  C  CA  . ILE A 1 100 ? 2.539   -5.401  2.140   1.00 13.31  ? 100 ILE A CA  1 
ATOM   775  C  C   . ILE A 1 100 ? 1.886   -4.018  2.012   1.00 11.40  ? 100 ILE A C   1 
ATOM   776  O  O   . ILE A 1 100 ? 1.715   -3.405  0.916   1.00 11.30  ? 100 ILE A O   1 
ATOM   777  C  CB  . ILE A 1 100 ? 1.512   -6.552  2.240   1.00 13.15  ? 100 ILE A CB  1 
ATOM   778  C  CG1 . ILE A 1 100 ? 2.190   -7.962  2.171   1.00 6.59   ? 100 ILE A CG1 1 
ATOM   779  C  CG2 . ILE A 1 100 ? 0.424   -6.433  1.154   1.00 4.56   ? 100 ILE A CG2 1 
ATOM   780  C  CD1 . ILE A 1 100 ? 1.282   -9.056  2.689   1.00 5.03   ? 100 ILE A CD1 1 
ATOM   781  N  N   . ASN A 1 101 ? 1.452   -3.496  3.165   1.00 8.49   ? 101 ASN A N   1 
ATOM   782  C  CA  . ASN A 1 101 ? 0.797   -2.153  3.185   1.00 7.79   ? 101 ASN A CA  1 
ATOM   783  C  C   . ASN A 1 101 ? 1.702   -1.061  2.579   1.00 8.74   ? 101 ASN A C   1 
ATOM   784  O  O   . ASN A 1 101 ? 1.305   -0.284  1.718   1.00 14.07  ? 101 ASN A O   1 
ATOM   785  C  CB  . ASN A 1 101 ? 0.519   -1.707  4.657   1.00 13.54  ? 101 ASN A CB  1 
ATOM   786  C  CG  . ASN A 1 101 ? -0.492  -0.553  4.781   1.00 7.81   ? 101 ASN A CG  1 
ATOM   787  O  OD1 . ASN A 1 101 ? -0.232  0.509   4.218   1.00 14.08  ? 101 ASN A OD1 1 
ATOM   788  N  ND2 . ASN A 1 101 ? -1.618  -0.765  5.479   1.00 8.38   ? 101 ASN A ND2 1 
ATOM   789  N  N   . GLN A 1 102 ? 2.953   -1.044  3.012   1.00 6.08   ? 102 GLN A N   1 
ATOM   790  C  CA  . GLN A 1 102 ? 3.898   -0.092  2.507   1.00 14.68  ? 102 GLN A CA  1 
ATOM   791  C  C   . GLN A 1 102 ? 4.102   -0.265  1.012   1.00 18.35  ? 102 GLN A C   1 
ATOM   792  O  O   . GLN A 1 102 ? 4.155   0.678   0.256   1.00 13.84  ? 102 GLN A O   1 
ATOM   793  C  CB  . GLN A 1 102 ? 5.179   -0.225  3.355   1.00 14.84  ? 102 GLN A CB  1 
ATOM   794  C  CG  . GLN A 1 102 ? 6.260   0.839   3.167   1.00 25.43  ? 102 GLN A CG  1 
ATOM   795  C  CD  . GLN A 1 102 ? 7.440   0.620   4.123   1.00 22.75  ? 102 GLN A CD  1 
ATOM   796  O  OE1 . GLN A 1 102 ? 7.707   -0.519  4.543   1.00 18.45  ? 102 GLN A OE1 1 
ATOM   797  N  NE2 . GLN A 1 102 ? 8.198   1.679   4.372   1.00 37.37  ? 102 GLN A NE2 1 
ATOM   798  N  N   . VAL A 1 103 ? 4.198   -1.510  0.558   1.00 12.73  ? 103 VAL A N   1 
ATOM   799  C  CA  . VAL A 1 103 ? 4.385   -1.731  -0.849  1.00 13.71  ? 103 VAL A CA  1 
ATOM   800  C  C   . VAL A 1 103 ? 3.153   -1.325  -1.653  1.00 18.84  ? 103 VAL A C   1 
ATOM   801  O  O   . VAL A 1 103 ? 3.262   -0.767  -2.749  1.00 16.71  ? 103 VAL A O   1 
ATOM   802  C  CB  . VAL A 1 103 ? 4.743   -3.218  -1.136  1.00 13.13  ? 103 VAL A CB  1 
ATOM   803  C  CG1 . VAL A 1 103 ? 4.866   -3.462  -2.668  1.00 16.70  ? 103 VAL A CG1 1 
ATOM   804  C  CG2 . VAL A 1 103 ? 6.161   -3.517  -0.700  1.00 17.77  ? 103 VAL A CG2 1 
ATOM   805  N  N   . PHE A 1 104 ? 1.975   -1.638  -1.103  1.00 6.86   ? 104 PHE A N   1 
ATOM   806  C  CA  . PHE A 1 104 ? 0.714   -1.296  -1.743  1.00 13.09  ? 104 PHE A CA  1 
ATOM   807  C  C   . PHE A 1 104 ? 0.627   0.196   -1.982  1.00 14.73  ? 104 PHE A C   1 
ATOM   808  O  O   . PHE A 1 104 ? 0.307   0.673   -3.052  1.00 21.74  ? 104 PHE A O   1 
ATOM   809  C  CB  . PHE A 1 104 ? -0.416  -1.722  -0.820  1.00 11.18  ? 104 PHE A CB  1 
ATOM   810  C  CG  . PHE A 1 104 ? -1.745  -1.567  -1.473  1.00 7.83   ? 104 PHE A CG  1 
ATOM   811  C  CD1 . PHE A 1 104 ? -2.426  -2.663  -2.027  1.00 11.58  ? 104 PHE A CD1 1 
ATOM   812  C  CD2 . PHE A 1 104 ? -2.402  -0.354  -1.416  1.00 5.79   ? 104 PHE A CD2 1 
ATOM   813  C  CE1 . PHE A 1 104 ? -3.712  -2.538  -2.558  1.00 11.44  ? 104 PHE A CE1 1 
ATOM   814  C  CE2 . PHE A 1 104 ? -3.664  -0.192  -1.998  1.00 15.62  ? 104 PHE A CE2 1 
ATOM   815  C  CZ  . PHE A 1 104 ? -4.334  -1.281  -2.552  1.00 18.68  ? 104 PHE A CZ  1 
ATOM   816  N  N   . GLN A 1 105 ? 1.110   0.950   -1.003  1.00 11.92  ? 105 GLN A N   1 
ATOM   817  C  CA  . GLN A 1 105 ? 1.087   2.376   -1.025  1.00 17.39  ? 105 GLN A CA  1 
ATOM   818  C  C   . GLN A 1 105 ? 2.144   2.992   -1.888  1.00 21.75  ? 105 GLN A C   1 
ATOM   819  O  O   . GLN A 1 105 ? 1.858   3.906   -2.613  1.00 16.17  ? 105 GLN A O   1 
ATOM   820  C  CB  . GLN A 1 105 ? 1.217   2.973   0.415   1.00 15.66  ? 105 GLN A CB  1 
ATOM   821  C  CG  . GLN A 1 105 ? 0.989   4.483   0.479   1.00 14.17  ? 105 GLN A CG  1 
ATOM   822  C  CD  . GLN A 1 105 ? 1.285   5.173   1.832   1.00 11.04  ? 105 GLN A CD  1 
ATOM   823  O  OE1 . GLN A 1 105 ? 1.483   4.573   2.880   1.00 18.81  ? 105 GLN A OE1 1 
ATOM   824  N  NE2 . GLN A 1 105 ? 1.198   6.481   1.792   1.00 10.98  ? 105 GLN A NE2 1 
ATOM   825  N  N   . MET A 1 106 ? 3.363   2.546   -1.772  1.00 18.09  ? 106 MET A N   1 
ATOM   826  C  CA  . MET A 1 106 ? 4.421   3.231   -2.488  1.00 19.69  ? 106 MET A CA  1 
ATOM   827  C  C   . MET A 1 106 ? 5.050   2.503   -3.628  1.00 16.46  ? 106 MET A C   1 
ATOM   828  O  O   . MET A 1 106 ? 5.861   3.111   -4.343  1.00 22.86  ? 106 MET A O   1 
ATOM   829  C  CB  . MET A 1 106 ? 5.345   3.978   -1.446  1.00 23.50  ? 106 MET A CB  1 
ATOM   830  C  CG  . MET A 1 106 ? 6.380   3.254   -0.580  1.00 29.95  ? 106 MET A CG  1 
ATOM   831  S  SD  . MET A 1 106 ? 6.874   4.230   0.905   1.00 32.22  ? 106 MET A SD  1 
ATOM   832  C  CE  . MET A 1 106 ? 8.158   3.198   1.655   1.00 69.46  ? 106 MET A CE  1 
ATOM   833  N  N   . GLY A 1 107 ? 4.748   1.235   -3.777  1.00 18.84  ? 107 GLY A N   1 
ATOM   834  C  CA  . GLY A 1 107 ? 5.406   0.497   -4.822  1.00 13.14  ? 107 GLY A CA  1 
ATOM   835  C  C   . GLY A 1 107 ? 6.749   -0.053  -4.293  1.00 21.35  ? 107 GLY A C   1 
ATOM   836  O  O   . GLY A 1 107 ? 7.363   0.426   -3.331  1.00 26.81  ? 107 GLY A O   1 
ATOM   837  N  N   . GLU A 1 108 ? 7.182   -1.097  -4.979  1.00 28.08  ? 108 GLU A N   1 
ATOM   838  C  CA  . GLU A 1 108 ? 8.356   -1.913  -4.683  1.00 39.08  ? 108 GLU A CA  1 
ATOM   839  C  C   . GLU A 1 108 ? 9.583   -1.080  -4.857  1.00 47.81  ? 108 GLU A C   1 
ATOM   840  O  O   . GLU A 1 108 ? 10.643  -1.297  -4.292  1.00 52.07  ? 108 GLU A O   1 
ATOM   841  C  CB  . GLU A 1 108 ? 8.201   -3.319  -5.320  1.00 32.12  ? 108 GLU A CB  1 
ATOM   842  C  CG  . GLU A 1 108 ? 9.280   -3.712  -6.324  1.00 63.39  ? 108 GLU A CG  1 
ATOM   843  C  CD  . GLU A 1 108 ? 8.742   -4.859  -7.114  1.00 84.26  ? 108 GLU A CD  1 
ATOM   844  O  OE1 . GLU A 1 108 ? 7.583   -4.870  -7.496  1.00 100.00 ? 108 GLU A OE1 1 
ATOM   845  O  OE2 . GLU A 1 108 ? 9.607   -5.830  -7.306  1.00 68.61  ? 108 GLU A OE2 1 
ATOM   846  N  N   . THR A 1 109 ? 9.349   -0.059  -5.624  1.00 53.86  ? 109 THR A N   1 
ATOM   847  C  CA  . THR A 1 109 ? 10.323  0.934   -5.955  1.00 48.38  ? 109 THR A CA  1 
ATOM   848  C  C   . THR A 1 109 ? 10.508  1.873   -4.783  1.00 73.94  ? 109 THR A C   1 
ATOM   849  O  O   . THR A 1 109 ? 11.628  2.045   -4.303  1.00 72.47  ? 109 THR A O   1 
ATOM   850  C  CB  . THR A 1 109 ? 9.763   1.671   -7.183  1.00 100.00 ? 109 THR A CB  1 
ATOM   851  O  OG1 . THR A 1 109 ? 8.596   2.421   -6.844  1.00 100.00 ? 109 THR A OG1 1 
ATOM   852  C  CG2 . THR A 1 109 ? 9.396   0.474   -8.057  1.00 100.00 ? 109 THR A CG2 1 
ATOM   853  N  N   . GLY A 1 110 ? 9.378   2.457   -4.347  1.00 67.77  ? 110 GLY A N   1 
ATOM   854  C  CA  . GLY A 1 110 ? 9.364   3.359   -3.214  1.00 47.97  ? 110 GLY A CA  1 
ATOM   855  C  C   . GLY A 1 110 ? 10.074  2.676   -2.069  1.00 44.90  ? 110 GLY A C   1 
ATOM   856  O  O   . GLY A 1 110 ? 11.040  3.180   -1.538  1.00 40.56  ? 110 GLY A O   1 
ATOM   857  N  N   . VAL A 1 111 ? 9.623   1.474   -1.740  1.00 40.37  ? 111 VAL A N   1 
ATOM   858  C  CA  . VAL A 1 111 ? 10.162  0.721   -0.643  1.00 30.98  ? 111 VAL A CA  1 
ATOM   859  C  C   . VAL A 1 111 ? 11.579  0.244   -0.744  1.00 54.75  ? 111 VAL A C   1 
ATOM   860  O  O   . VAL A 1 111 ? 12.148  -0.021  0.296   1.00 60.80  ? 111 VAL A O   1 
ATOM   861  C  CB  . VAL A 1 111 ? 9.304   -0.491  -0.351  1.00 35.84  ? 111 VAL A CB  1 
ATOM   862  C  CG1 . VAL A 1 111 ? 9.685   -1.113  0.983   1.00 43.74  ? 111 VAL A CG1 1 
ATOM   863  C  CG2 . VAL A 1 111 ? 7.892   0.035   -0.240  1.00 28.15  ? 111 VAL A CG2 1 
ATOM   864  N  N   . ALA A 1 112 ? 12.172  0.139   -1.929  1.00 75.62  ? 112 ALA A N   1 
ATOM   865  C  CA  . ALA A 1 112 ? 13.553  -0.355  -2.043  1.00 86.99  ? 112 ALA A CA  1 
ATOM   866  C  C   . ALA A 1 112 ? 14.699  0.563   -1.512  1.00 69.46  ? 112 ALA A C   1 
ATOM   867  O  O   . ALA A 1 112 ? 15.803  0.065   -1.202  1.00 62.54  ? 112 ALA A O   1 
ATOM   868  C  CB  . ALA A 1 112 ? 13.687  -1.177  -3.319  1.00 92.23  ? 112 ALA A CB  1 
ATOM   869  N  N   . GLY A 1 113 ? 14.445  1.880   -1.340  1.00 45.25  ? 113 GLY A N   1 
ATOM   870  C  CA  . GLY A 1 113 ? 15.391  2.875   -0.769  1.00 63.75  ? 113 GLY A CA  1 
ATOM   871  C  C   . GLY A 1 113 ? 15.309  3.040   0.771   1.00 69.06  ? 113 GLY A C   1 
ATOM   872  O  O   . GLY A 1 113 ? 15.860  3.976   1.372   1.00 70.61  ? 113 GLY A O   1 
ATOM   873  N  N   . PHE A 1 114 ? 14.588  2.099   1.390   1.00 25.07  ? 114 PHE A N   1 
ATOM   874  C  CA  . PHE A 1 114 ? 14.408  1.982   2.802   1.00 12.98  ? 114 PHE A CA  1 
ATOM   875  C  C   . PHE A 1 114 ? 15.429  0.956   3.228   1.00 13.90  ? 114 PHE A C   1 
ATOM   876  O  O   . PHE A 1 114 ? 15.284  0.224   4.191   1.00 24.20  ? 114 PHE A O   1 
ATOM   877  C  CB  . PHE A 1 114 ? 12.914  1.729   3.029   1.00 12.20  ? 114 PHE A CB  1 
ATOM   878  C  CG  . PHE A 1 114 ? 12.000  2.935   3.193   1.00 26.84  ? 114 PHE A CG  1 
ATOM   879  C  CD1 . PHE A 1 114 ? 11.518  3.625   2.082   1.00 35.57  ? 114 PHE A CD1 1 
ATOM   880  C  CD2 . PHE A 1 114 ? 11.539  3.333   4.444   1.00 22.68  ? 114 PHE A CD2 1 
ATOM   881  C  CE1 . PHE A 1 114 ? 10.665  4.711   2.242   1.00 15.76  ? 114 PHE A CE1 1 
ATOM   882  C  CE2 . PHE A 1 114 ? 10.676  4.409   4.628   1.00 19.04  ? 114 PHE A CE2 1 
ATOM   883  C  CZ  . PHE A 1 114 ? 10.211  5.087   3.503   1.00 32.42  ? 114 PHE A CZ  1 
ATOM   884  N  N   . THR A 1 115 ? 16.482  0.900   2.453   1.00 14.04  ? 115 THR A N   1 
ATOM   885  C  CA  . THR A 1 115 ? 17.524  -0.052  2.698   1.00 13.15  ? 115 THR A CA  1 
ATOM   886  C  C   . THR A 1 115 ? 18.003  -0.171  4.107   1.00 26.67  ? 115 THR A C   1 
ATOM   887  O  O   . THR A 1 115 ? 18.143  -1.258  4.650   1.00 16.25  ? 115 THR A O   1 
ATOM   888  C  CB  . THR A 1 115 ? 18.823  0.529   2.179   1.00 25.28  ? 115 THR A CB  1 
ATOM   889  O  OG1 . THR A 1 115 ? 18.664  0.545   0.806   1.00 35.62  ? 115 THR A OG1 1 
ATOM   890  C  CG2 . THR A 1 115 ? 19.851  -0.502  2.576   1.00 54.13  ? 115 THR A CG2 1 
ATOM   891  N  N   . ASN A 1 116 ? 18.236  1.002   4.699   1.00 21.12  ? 116 ASN A N   1 
ATOM   892  C  CA  . ASN A 1 116 ? 18.658  0.968   6.071   1.00 15.89  ? 116 ASN A CA  1 
ATOM   893  C  C   . ASN A 1 116 ? 17.546  0.418   6.989   1.00 11.25  ? 116 ASN A C   1 
ATOM   894  O  O   . ASN A 1 116 ? 17.813  -0.327  7.951   1.00 12.90  ? 116 ASN A O   1 
ATOM   895  C  CB  . ASN A 1 116 ? 19.251  2.335   6.599   1.00 27.13  ? 116 ASN A CB  1 
ATOM   896  C  CG  . ASN A 1 116 ? 20.398  2.880   5.750   1.00 28.63  ? 116 ASN A CG  1 
ATOM   897  O  OD1 . ASN A 1 116 ? 21.291  2.087   5.444   1.00 37.56  ? 116 ASN A OD1 1 
ATOM   898  N  ND2 . ASN A 1 116 ? 20.414  4.200   5.374   1.00 18.33  ? 116 ASN A ND2 1 
ATOM   899  N  N   . SER A 1 117 ? 16.295  0.821   6.787   1.00 12.89  ? 117 SER A N   1 
ATOM   900  C  CA  . SER A 1 117 ? 15.283  0.302   7.689   1.00 8.99   ? 117 SER A CA  1 
ATOM   901  C  C   . SER A 1 117 ? 15.091  -1.180  7.428   1.00 16.19  ? 117 SER A C   1 
ATOM   902  O  O   . SER A 1 117 ? 14.786  -1.947  8.322   1.00 17.30  ? 117 SER A O   1 
ATOM   903  C  CB  . SER A 1 117 ? 13.918  0.893   7.343   1.00 21.89  ? 117 SER A CB  1 
ATOM   904  O  OG  . SER A 1 117 ? 13.999  2.302   7.296   1.00 19.83  ? 117 SER A OG  1 
ATOM   905  N  N   . LEU A 1 118 ? 15.245  -1.582  6.167   1.00 13.70  ? 118 LEU A N   1 
ATOM   906  C  CA  . LEU A 1 118 ? 15.087  -2.972  5.826   1.00 23.81  ? 118 LEU A CA  1 
ATOM   907  C  C   . LEU A 1 118 ? 16.085  -3.813  6.587   1.00 15.13  ? 118 LEU A C   1 
ATOM   908  O  O   . LEU A 1 118 ? 15.834  -4.903  7.102   1.00 14.30  ? 118 LEU A O   1 
ATOM   909  C  CB  . LEU A 1 118 ? 15.417  -3.170  4.338   1.00 24.61  ? 118 LEU A CB  1 
ATOM   910  C  CG  . LEU A 1 118 ? 14.359  -2.581  3.382   1.00 33.80  ? 118 LEU A CG  1 
ATOM   911  C  CD1 . LEU A 1 118 ? 14.862  -2.763  1.952   1.00 29.24  ? 118 LEU A CD1 1 
ATOM   912  C  CD2 . LEU A 1 118 ? 12.916  -3.087  3.668   1.00 17.45  ? 118 LEU A CD2 1 
ATOM   913  N  N   . ARG A 1 119 ? 17.285  -3.291  6.648   1.00 7.30   ? 119 ARG A N   1 
ATOM   914  C  CA  . ARG A 1 119 ? 18.274  -4.045  7.383   1.00 14.11  ? 119 ARG A CA  1 
ATOM   915  C  C   . ARG A 1 119 ? 17.913  -4.127  8.845   1.00 20.81  ? 119 ARG A C   1 
ATOM   916  O  O   . ARG A 1 119 ? 18.114  -5.173  9.468   1.00 18.46  ? 119 ARG A O   1 
ATOM   917  C  CB  . ARG A 1 119 ? 19.706  -3.584  7.089   1.00 20.29  ? 119 ARG A CB  1 
ATOM   918  C  CG  . ARG A 1 119 ? 19.754  -3.404  5.554   1.00 100.00 ? 119 ARG A CG  1 
ATOM   919  C  CD  . ARG A 1 119 ? 19.889  -4.703  4.692   1.00 100.00 ? 119 ARG A CD  1 
ATOM   920  N  NE  . ARG A 1 119 ? 18.711  -5.353  4.028   1.00 100.00 ? 119 ARG A NE  1 
ATOM   921  C  CZ  . ARG A 1 119 ? 18.687  -5.825  2.747   1.00 100.00 ? 119 ARG A CZ  1 
ATOM   922  N  NH1 . ARG A 1 119 ? 19.742  -5.689  1.925   1.00 100.00 ? 119 ARG A NH1 1 
ATOM   923  N  NH2 . ARG A 1 119 ? 17.584  -6.430  2.251   1.00 63.78  ? 119 ARG A NH2 1 
ATOM   924  N  N   . MET A 1 120 ? 17.371  -3.033  9.429   1.00 14.28  ? 120 MET A N   1 
ATOM   925  C  CA  . MET A 1 120 ? 17.074  -3.153  10.858  1.00 10.91  ? 120 MET A CA  1 
ATOM   926  C  C   . MET A 1 120 ? 15.923  -4.107  11.103  1.00 14.35  ? 120 MET A C   1 
ATOM   927  O  O   . MET A 1 120 ? 15.904  -4.811  12.068  1.00 18.03  ? 120 MET A O   1 
ATOM   928  C  CB  . MET A 1 120 ? 16.742  -1.779  11.460  1.00 6.82   ? 120 MET A CB  1 
ATOM   929  C  CG  . MET A 1 120 ? 17.944  -0.876  11.460  1.00 25.94  ? 120 MET A CG  1 
ATOM   930  S  SD  . MET A 1 120 ? 17.410  0.810   11.828  1.00 30.30  ? 120 MET A SD  1 
ATOM   931  C  CE  . MET A 1 120 ? 18.736  1.880   11.289  1.00 24.45  ? 120 MET A CE  1 
ATOM   932  N  N   . LEU A 1 121 ? 14.950  -4.098  10.197  1.00 12.68  ? 121 LEU A N   1 
ATOM   933  C  CA  . LEU A 1 121 ? 13.810  -4.986  10.380  1.00 13.24  ? 121 LEU A CA  1 
ATOM   934  C  C   . LEU A 1 121 ? 14.334  -6.443  10.321  1.00 15.86  ? 121 LEU A C   1 
ATOM   935  O  O   . LEU A 1 121 ? 13.866  -7.314  11.049  1.00 13.23  ? 121 LEU A O   1 
ATOM   936  C  CB  . LEU A 1 121 ? 12.822  -4.758  9.212   1.00 10.23  ? 121 LEU A CB  1 
ATOM   937  C  CG  . LEU A 1 121 ? 12.049  -3.420  9.394   1.00 8.43   ? 121 LEU A CG  1 
ATOM   938  C  CD1 . LEU A 1 121 ? 11.142  -3.190  8.196   1.00 16.47  ? 121 LEU A CD1 1 
ATOM   939  C  CD2 . LEU A 1 121 ? 11.107  -3.510  10.606  1.00 12.08  ? 121 LEU A CD2 1 
ATOM   940  N  N   . GLN A 1 122 ? 15.233  -6.706  9.383   1.00 7.43   ? 122 GLN A N   1 
ATOM   941  C  CA  . GLN A 1 122 ? 15.716  -8.030  9.240   1.00 13.50  ? 122 GLN A CA  1 
ATOM   942  C  C   . GLN A 1 122 ? 16.477  -8.433  10.503  1.00 19.78  ? 122 GLN A C   1 
ATOM   943  O  O   . GLN A 1 122 ? 16.450  -9.577  10.904  1.00 17.09  ? 122 GLN A O   1 
ATOM   944  C  CB  . GLN A 1 122 ? 16.564  -8.185  7.970   1.00 10.06  ? 122 GLN A CB  1 
ATOM   945  C  CG  . GLN A 1 122 ? 16.815  -9.670  7.738   1.00 23.82  ? 122 GLN A CG  1 
ATOM   946  C  CD  . GLN A 1 122 ? 17.559  -9.926  6.464   1.00 42.38  ? 122 GLN A CD  1 
ATOM   947  O  OE1 . GLN A 1 122 ? 17.953  -8.957  5.800   1.00 42.00  ? 122 GLN A OE1 1 
ATOM   948  N  NE2 . GLN A 1 122 ? 17.771  -11.220 6.158   1.00 47.27  ? 122 GLN A NE2 1 
ATOM   949  N  N   . GLN A 1 123 ? 17.162  -7.485  11.145  1.00 13.83  ? 123 GLN A N   1 
ATOM   950  C  CA  . GLN A 1 123 ? 17.862  -7.857  12.327  1.00 13.65  ? 123 GLN A CA  1 
ATOM   951  C  C   . GLN A 1 123 ? 16.952  -7.856  13.508  1.00 20.01  ? 123 GLN A C   1 
ATOM   952  O  O   . GLN A 1 123 ? 17.388  -8.210  14.644  1.00 18.66  ? 123 GLN A O   1 
ATOM   953  C  CB  . GLN A 1 123 ? 18.886  -6.780  12.643  1.00 18.28  ? 123 GLN A CB  1 
ATOM   954  C  CG  . GLN A 1 123 ? 20.002  -6.820  11.593  1.00 13.92  ? 123 GLN A CG  1 
ATOM   955  C  CD  . GLN A 1 123 ? 21.243  -5.933  11.930  1.00 26.94  ? 123 GLN A CD  1 
ATOM   956  O  OE1 . GLN A 1 123 ? 22.379  -6.440  12.053  1.00 100.00 ? 123 GLN A OE1 1 
ATOM   957  N  NE2 . GLN A 1 123 ? 20.992  -4.631  12.111  1.00 100.00 ? 123 GLN A NE2 1 
ATOM   958  N  N   . LYS A 1 124 ? 15.674  -7.419  13.262  1.00 13.71  ? 124 LYS A N   1 
ATOM   959  C  CA  . LYS A 1 124 ? 14.710  -7.416  14.375  1.00 3.50   ? 124 LYS A CA  1 
ATOM   960  C  C   . LYS A 1 124 ? 15.027  -6.384  15.460  1.00 16.97  ? 124 LYS A C   1 
ATOM   961  O  O   . LYS A 1 124 ? 14.668  -6.511  16.659  1.00 13.78  ? 124 LYS A O   1 
ATOM   962  C  CB  . LYS A 1 124 ? 14.431  -8.766  15.100  1.00 16.59  ? 124 LYS A CB  1 
ATOM   963  C  CG  . LYS A 1 124 ? 14.133  -9.915  14.126  1.00 14.16  ? 124 LYS A CG  1 
ATOM   964  C  CD  . LYS A 1 124 ? 13.473  -11.157 14.754  1.00 14.71  ? 124 LYS A CD  1 
ATOM   965  C  CE  . LYS A 1 124 ? 13.015  -12.165 13.714  1.00 4.60   ? 124 LYS A CE  1 
ATOM   966  N  NZ  . LYS A 1 124 ? 11.917  -11.686 12.860  1.00 19.16  ? 124 LYS A NZ  1 
ATOM   967  N  N   . ARG A 1 125 ? 15.635  -5.301  15.017  1.00 16.47  ? 125 ARG A N   1 
ATOM   968  C  CA  . ARG A 1 125 ? 15.848  -4.151  15.882  1.00 16.10  ? 125 ARG A CA  1 
ATOM   969  C  C   . ARG A 1 125 ? 14.619  -3.206  15.685  1.00 15.01  ? 125 ARG A C   1 
ATOM   970  O  O   . ARG A 1 125 ? 14.659  -2.175  14.999  1.00 13.98  ? 125 ARG A O   1 
ATOM   971  C  CB  . ARG A 1 125 ? 17.145  -3.503  15.446  1.00 13.15  ? 125 ARG A CB  1 
ATOM   972  C  CG  . ARG A 1 125 ? 18.378  -4.405  15.459  1.00 15.33  ? 125 ARG A CG  1 
ATOM   973  C  CD  . ARG A 1 125 ? 19.476  -3.572  14.788  1.00 31.85  ? 125 ARG A CD  1 
ATOM   974  N  NE  . ARG A 1 125 ? 20.818  -3.796  15.273  1.00 53.94  ? 125 ARG A NE  1 
ATOM   975  C  CZ  . ARG A 1 125 ? 21.301  -5.038  15.457  1.00 100.00 ? 125 ARG A CZ  1 
ATOM   976  N  NH1 . ARG A 1 125 ? 20.574  -6.152  15.227  1.00 100.00 ? 125 ARG A NH1 1 
ATOM   977  N  NH2 . ARG A 1 125 ? 22.552  -5.174  15.906  1.00 67.65  ? 125 ARG A NH2 1 
ATOM   978  N  N   . TRP A 1 126 ? 13.507  -3.554  16.350  1.00 17.00  ? 126 TRP A N   1 
ATOM   979  C  CA  . TRP A 1 126 ? 12.245  -2.877  16.162  1.00 8.95   ? 126 TRP A CA  1 
ATOM   980  C  C   . TRP A 1 126 ? 12.202  -1.387  16.444  1.00 17.81  ? 126 TRP A C   1 
ATOM   981  O  O   . TRP A 1 126 ? 11.655  -0.599  15.698  1.00 10.09  ? 126 TRP A O   1 
ATOM   982  C  CB  . TRP A 1 126 ? 11.102  -3.610  16.843  1.00 3.89   ? 126 TRP A CB  1 
ATOM   983  C  CG  . TRP A 1 126 ? 11.131  -5.116  16.597  1.00 11.91  ? 126 TRP A CG  1 
ATOM   984  C  CD1 . TRP A 1 126 ? 11.102  -6.070  17.585  1.00 13.70  ? 126 TRP A CD1 1 
ATOM   985  C  CD2 . TRP A 1 126 ? 11.042  -5.850  15.367  1.00 12.65  ? 126 TRP A CD2 1 
ATOM   986  N  NE1 . TRP A 1 126 ? 11.071  -7.330  17.042  1.00 7.03   ? 126 TRP A NE1 1 
ATOM   987  C  CE2 . TRP A 1 126 ? 11.053  -7.236  15.696  1.00 4.09   ? 126 TRP A CE2 1 
ATOM   988  C  CE3 . TRP A 1 126 ? 11.016  -5.487  13.994  1.00 8.37   ? 126 TRP A CE3 1 
ATOM   989  C  CZ2 . TRP A 1 126 ? 10.956  -8.245  14.722  1.00 9.34   ? 126 TRP A CZ2 1 
ATOM   990  C  CZ3 . TRP A 1 126 ? 10.971  -6.498  13.004  1.00 11.64  ? 126 TRP A CZ3 1 
ATOM   991  C  CH2 . TRP A 1 126 ? 10.928  -7.862  13.373  1.00 8.15   ? 126 TRP A CH2 1 
ATOM   992  N  N   . ASP A 1 127 ? 12.679  -1.019  17.579  1.00 11.08  ? 127 ASP A N   1 
ATOM   993  C  CA  . ASP A 1 127 ? 12.592  0.361   17.924  1.00 10.03  ? 127 ASP A CA  1 
ATOM   994  C  C   . ASP A 1 127 ? 13.520  1.131   17.034  1.00 19.27  ? 127 ASP A C   1 
ATOM   995  O  O   . ASP A 1 127 ? 13.186  2.210   16.559  1.00 17.28  ? 127 ASP A O   1 
ATOM   996  C  CB  . ASP A 1 127 ? 12.918  0.470   19.400  1.00 17.10  ? 127 ASP A CB  1 
ATOM   997  C  CG  . ASP A 1 127 ? 11.887  -0.085  20.367  1.00 17.12  ? 127 ASP A CG  1 
ATOM   998  O  OD1 . ASP A 1 127 ? 10.994  -0.851  20.111  1.00 25.79  ? 127 ASP A OD1 1 
ATOM   999  O  OD2 . ASP A 1 127 ? 12.017  0.478   21.531  1.00 33.27  ? 127 ASP A OD2 1 
ATOM   1000 N  N   . GLU A 1 128 ? 14.709  0.566   16.754  1.00 11.58  ? 128 GLU A N   1 
ATOM   1001 C  CA  . GLU A 1 128 ? 15.582  1.278   15.876  1.00 13.64  ? 128 GLU A CA  1 
ATOM   1002 C  C   . GLU A 1 128 ? 14.962  1.496   14.513  1.00 14.93  ? 128 GLU A C   1 
ATOM   1003 O  O   . GLU A 1 128 ? 15.003  2.617   13.979  1.00 16.97  ? 128 GLU A O   1 
ATOM   1004 C  CB  . GLU A 1 128 ? 16.927  0.572   15.725  1.00 18.71  ? 128 GLU A CB  1 
ATOM   1005 C  CG  . GLU A 1 128 ? 17.783  0.630   17.013  1.00 22.23  ? 128 GLU A CG  1 
ATOM   1006 C  CD  . GLU A 1 128 ? 19.127  -0.082  16.893  1.00 100.00 ? 128 GLU A CD  1 
ATOM   1007 O  OE1 . GLU A 1 128 ? 20.007  0.192   16.054  1.00 96.36  ? 128 GLU A OE1 1 
ATOM   1008 O  OE2 . GLU A 1 128 ? 19.252  -1.022  17.818  1.00 100.00 ? 128 GLU A OE2 1 
ATOM   1009 N  N   . ALA A 1 129 ? 14.403  0.403   13.949  1.00 12.81  ? 129 ALA A N   1 
ATOM   1010 C  CA  . ALA A 1 129 ? 13.764  0.495   12.622  1.00 6.95   ? 129 ALA A CA  1 
ATOM   1011 C  C   . ALA A 1 129 ? 12.640  1.559   12.605  1.00 10.35  ? 129 ALA A C   1 
ATOM   1012 O  O   . ALA A 1 129 ? 12.461  2.303   11.635  1.00 11.20  ? 129 ALA A O   1 
ATOM   1013 C  CB  . ALA A 1 129 ? 13.248  -0.878  12.239  1.00 11.07  ? 129 ALA A CB  1 
ATOM   1014 N  N   . ALA A 1 130 ? 11.846  1.597   13.679  1.00 11.69  ? 130 ALA A N   1 
ATOM   1015 C  CA  . ALA A 1 130 ? 10.739  2.534   13.786  1.00 6.87   ? 130 ALA A CA  1 
ATOM   1016 C  C   . ALA A 1 130 ? 11.213  3.989   13.723  1.00 17.33  ? 130 ALA A C   1 
ATOM   1017 O  O   . ALA A 1 130 ? 10.596  4.817   13.089  1.00 14.96  ? 130 ALA A O   1 
ATOM   1018 C  CB  . ALA A 1 130 ? 9.953   2.174   15.042  1.00 7.81   ? 130 ALA A CB  1 
ATOM   1019 N  N   . VAL A 1 131 ? 12.316  4.303   14.367  1.00 11.19  ? 131 VAL A N   1 
ATOM   1020 C  CA  . VAL A 1 131 ? 12.846  5.623   14.298  1.00 11.34  ? 131 VAL A CA  1 
ATOM   1021 C  C   . VAL A 1 131 ? 13.352  5.900   12.887  1.00 16.34  ? 131 VAL A C   1 
ATOM   1022 O  O   . VAL A 1 131 ? 13.123  6.940   12.329  1.00 14.78  ? 131 VAL A O   1 
ATOM   1023 C  CB  . VAL A 1 131 ? 14.016  5.802   15.272  1.00 18.07  ? 131 VAL A CB  1 
ATOM   1024 C  CG1 . VAL A 1 131 ? 14.679  7.150   15.118  1.00 16.56  ? 131 VAL A CG1 1 
ATOM   1025 C  CG2 . VAL A 1 131 ? 13.560  5.887   16.699  1.00 15.17  ? 131 VAL A CG2 1 
ATOM   1026 N  N   . ASN A 1 132 ? 14.035  4.955   12.282  1.00 16.54  ? 132 ASN A N   1 
ATOM   1027 C  CA  . ASN A 1 132 ? 14.539  5.120   10.925  1.00 9.01   ? 132 ASN A CA  1 
ATOM   1028 C  C   . ASN A 1 132 ? 13.436  5.353   9.875   1.00 14.82  ? 132 ASN A C   1 
ATOM   1029 O  O   . ASN A 1 132 ? 13.381  6.251   8.995   1.00 12.87  ? 132 ASN A O   1 
ATOM   1030 C  CB  . ASN A 1 132 ? 15.392  3.903   10.554  1.00 9.52   ? 132 ASN A CB  1 
ATOM   1031 C  CG  . ASN A 1 132 ? 16.145  4.180   9.269   1.00 19.94  ? 132 ASN A CG  1 
ATOM   1032 O  OD1 . ASN A 1 132 ? 15.750  3.764   8.170   1.00 15.31  ? 132 ASN A OD1 1 
ATOM   1033 N  ND2 . ASN A 1 132 ? 17.177  5.014   9.394   1.00 17.07  ? 132 ASN A ND2 1 
ATOM   1034 N  N   . LEU A 1 133 ? 12.421  4.556   10.040  1.00 13.17  ? 133 LEU A N   1 
ATOM   1035 C  CA  . LEU A 1 133 ? 11.307  4.692   9.093   1.00 16.41  ? 133 LEU A CA  1 
ATOM   1036 C  C   . LEU A 1 133 ? 10.609  6.065   9.115   1.00 8.47   ? 133 LEU A C   1 
ATOM   1037 O  O   . LEU A 1 133 ? 10.115  6.558   8.103   1.00 15.10  ? 133 LEU A O   1 
ATOM   1038 C  CB  . LEU A 1 133 ? 10.176  3.603   9.392   1.00 13.04  ? 133 LEU A CB  1 
ATOM   1039 C  CG  . LEU A 1 133 ? 10.426  2.108   9.016   1.00 16.92  ? 133 LEU A CG  1 
ATOM   1040 C  CD1 . LEU A 1 133 ? 9.345   1.251   9.718   1.00 14.58  ? 133 LEU A CD1 1 
ATOM   1041 C  CD2 . LEU A 1 133 ? 10.586  1.906   7.524   1.00 15.12  ? 133 LEU A CD2 1 
ATOM   1042 N  N   . ALA A 1 134 ? 10.592  6.695   10.272  1.00 8.98   ? 134 ALA A N   1 
ATOM   1043 C  CA  . ALA A 1 134 ? 9.910   7.984   10.423  1.00 10.24  ? 134 ALA A CA  1 
ATOM   1044 C  C   . ALA A 1 134 ? 10.651  9.100   9.750   1.00 8.22   ? 134 ALA A C   1 
ATOM   1045 O  O   . ALA A 1 134 ? 10.109  10.159  9.513   1.00 15.60  ? 134 ALA A O   1 
ATOM   1046 C  CB  . ALA A 1 134 ? 9.607   8.312   11.881  1.00 13.94  ? 134 ALA A CB  1 
ATOM   1047 N  N   . LYS A 1 135 ? 11.923  8.846   9.497   1.00 15.06  ? 135 LYS A N   1 
ATOM   1048 C  CA  . LYS A 1 135 ? 12.792  9.833   8.841   1.00 15.56  ? 135 LYS A CA  1 
ATOM   1049 C  C   . LYS A 1 135 ? 12.638  9.751   7.325   1.00 8.08   ? 135 LYS A C   1 
ATOM   1050 O  O   . LYS A 1 135 ? 13.541  9.300   6.642   1.00 18.93  ? 135 LYS A O   1 
ATOM   1051 C  CB  . LYS A 1 135 ? 14.286  9.747   9.352   1.00 19.60  ? 135 LYS A CB  1 
ATOM   1052 C  CG  . LYS A 1 135 ? 14.526  9.781   10.907  1.00 25.65  ? 135 LYS A CG  1 
ATOM   1053 C  CD  . LYS A 1 135 ? 16.004  9.878   11.451  1.00 25.18  ? 135 LYS A CD  1 
ATOM   1054 C  CE  . LYS A 1 135 ? 16.804  8.577   11.660  1.00 88.60  ? 135 LYS A CE  1 
ATOM   1055 N  NZ  . LYS A 1 135 ? 18.279  8.655   11.479  1.00 67.43  ? 135 LYS A NZ  1 
ATOM   1056 N  N   . SER A 1 136 ? 11.449  10.092  6.827   1.00 7.44   ? 136 SER A N   1 
ATOM   1057 C  CA  . SER A 1 136 ? 11.206  9.881   5.446   1.00 15.17  ? 136 SER A CA  1 
ATOM   1058 C  C   . SER A 1 136 ? 10.141  10.810  4.950   1.00 14.71  ? 136 SER A C   1 
ATOM   1059 O  O   . SER A 1 136 ? 9.307   11.296  5.703   1.00 11.11  ? 136 SER A O   1 
ATOM   1060 C  CB  . SER A 1 136 ? 10.702  8.428   5.196   1.00 21.37  ? 136 SER A CB  1 
ATOM   1061 O  OG  . SER A 1 136 ? 9.524   8.142   5.990   1.00 12.53  ? 136 SER A OG  1 
ATOM   1062 N  N   . ARG A 1 137 ? 10.121  11.002  3.624   1.00 11.94  ? 137 ARG A N   1 
ATOM   1063 C  CA  . ARG A 1 137 ? 9.063   11.858  3.095   1.00 9.77   ? 137 ARG A CA  1 
ATOM   1064 C  C   . ARG A 1 137 ? 7.702   11.219  3.357   1.00 15.25  ? 137 ARG A C   1 
ATOM   1065 O  O   . ARG A 1 137 ? 6.710   11.892  3.612   1.00 14.13  ? 137 ARG A O   1 
ATOM   1066 C  CB  . ARG A 1 137 ? 9.254   11.993  1.570   1.00 12.78  ? 137 ARG A CB  1 
ATOM   1067 C  CG  . ARG A 1 137 ? 8.088   12.724  0.974   1.00 21.38  ? 137 ARG A CG  1 
ATOM   1068 C  CD  . ARG A 1 137 ? 8.103   12.547  -0.522  1.00 17.96  ? 137 ARG A CD  1 
ATOM   1069 N  NE  . ARG A 1 137 ? 7.278   13.542  -1.181  1.00 29.52  ? 137 ARG A NE  1 
ATOM   1070 C  CZ  . ARG A 1 137 ? 6.001   13.369  -1.497  1.00 53.58  ? 137 ARG A CZ  1 
ATOM   1071 N  NH1 . ARG A 1 137 ? 5.379   12.223  -1.244  1.00 25.18  ? 137 ARG A NH1 1 
ATOM   1072 N  NH2 . ARG A 1 137 ? 5.330   14.369  -2.089  1.00 53.41  ? 137 ARG A NH2 1 
ATOM   1073 N  N   . TRP A 1 138 ? 7.692   9.863   3.239   1.00 11.04  ? 138 TRP A N   1 
ATOM   1074 C  CA  . TRP A 1 138 ? 6.507   9.001   3.483   1.00 7.25   ? 138 TRP A CA  1 
ATOM   1075 C  C   . TRP A 1 138 ? 5.840   9.358   4.804   1.00 11.12  ? 138 TRP A C   1 
ATOM   1076 O  O   . TRP A 1 138 ? 4.647   9.656   4.818   1.00 13.84  ? 138 TRP A O   1 
ATOM   1077 C  CB  . TRP A 1 138 ? 6.909   7.518   3.645   1.00 14.42  ? 138 TRP A CB  1 
ATOM   1078 C  CG  . TRP A 1 138 ? 5.795   6.587   4.106   1.00 10.18  ? 138 TRP A CG  1 
ATOM   1079 C  CD1 . TRP A 1 138 ? 4.566   6.334   3.517   1.00 14.05  ? 138 TRP A CD1 1 
ATOM   1080 C  CD2 . TRP A 1 138 ? 5.933   5.672   5.155   1.00 9.08   ? 138 TRP A CD2 1 
ATOM   1081 N  NE1 . TRP A 1 138 ? 3.915   5.349   4.230   1.00 10.49  ? 138 TRP A NE1 1 
ATOM   1082 C  CE2 . TRP A 1 138 ? 4.760   4.891   5.216   1.00 15.26  ? 138 TRP A CE2 1 
ATOM   1083 C  CE3 . TRP A 1 138 ? 7.006   5.391   5.965   1.00 6.14   ? 138 TRP A CE3 1 
ATOM   1084 C  CZ2 . TRP A 1 138 ? 4.617   3.805   6.107   1.00 11.86  ? 138 TRP A CZ2 1 
ATOM   1085 C  CZ3 . TRP A 1 138 ? 6.803   4.409   6.938   1.00 19.49  ? 138 TRP A CZ3 1 
ATOM   1086 C  CH2 . TRP A 1 138 ? 5.625   3.628   7.025   1.00 21.67  ? 138 TRP A CH2 1 
ATOM   1087 N  N   . TYR A 1 139 ? 6.624   9.360   5.917   1.00 7.32   ? 139 TYR A N   1 
ATOM   1088 C  CA  . TYR A 1 139 ? 6.044   9.733   7.210   1.00 4.58   ? 139 TYR A CA  1 
ATOM   1089 C  C   . TYR A 1 139 ? 5.635   11.211  7.228   1.00 28.85  ? 139 TYR A C   1 
ATOM   1090 O  O   . TYR A 1 139 ? 4.624   11.518  7.804   1.00 13.68  ? 139 TYR A O   1 
ATOM   1091 C  CB  . TYR A 1 139 ? 7.109   9.586   8.286   1.00 12.34  ? 139 TYR A CB  1 
ATOM   1092 C  CG  . TYR A 1 139 ? 6.736   10.015  9.682   1.00 13.55  ? 139 TYR A CG  1 
ATOM   1093 C  CD1 . TYR A 1 139 ? 6.126   9.106   10.550  1.00 24.62  ? 139 TYR A CD1 1 
ATOM   1094 C  CD2 . TYR A 1 139 ? 7.192   11.229  10.199  1.00 23.98  ? 139 TYR A CD2 1 
ATOM   1095 C  CE1 . TYR A 1 139 ? 5.822   9.440   11.871  1.00 33.53  ? 139 TYR A CE1 1 
ATOM   1096 C  CE2 . TYR A 1 139 ? 6.910   11.584  11.519  1.00 24.50  ? 139 TYR A CE2 1 
ATOM   1097 C  CZ  . TYR A 1 139 ? 6.227   10.689  12.347  1.00 56.22  ? 139 TYR A CZ  1 
ATOM   1098 O  OH  . TYR A 1 139 ? 5.946   11.018  13.644  1.00 100.00 ? 139 TYR A OH  1 
ATOM   1099 N  N   . ASN A 1 140 ? 6.417   12.147  6.626   1.00 14.59  ? 140 ASN A N   1 
ATOM   1100 C  CA  . ASN A 1 140 ? 6.050   13.532  6.658   1.00 10.57  ? 140 ASN A CA  1 
ATOM   1101 C  C   . ASN A 1 140 ? 4.844   13.879  5.782   1.00 12.83  ? 140 ASN A C   1 
ATOM   1102 O  O   . ASN A 1 140 ? 4.135   14.832  6.097   1.00 18.22  ? 140 ASN A O   1 
ATOM   1103 C  CB  . ASN A 1 140 ? 7.227   14.439  6.324   1.00 13.33  ? 140 ASN A CB  1 
ATOM   1104 C  CG  . ASN A 1 140 ? 8.235   14.386  7.409   1.00 19.19  ? 140 ASN A CG  1 
ATOM   1105 O  OD1 . ASN A 1 140 ? 9.212   13.601  7.374   1.00 19.34  ? 140 ASN A OD1 1 
ATOM   1106 N  ND2 . ASN A 1 140 ? 7.987   15.179  8.446   1.00 17.75  ? 140 ASN A ND2 1 
ATOM   1107 N  N   . GLN A 1 141 ? 4.581   13.125  4.703   1.00 9.32   ? 141 GLN A N   1 
ATOM   1108 C  CA  . GLN A 1 141 ? 3.416   13.364  3.863   1.00 10.67  ? 141 GLN A CA  1 
ATOM   1109 C  C   . GLN A 1 141 ? 2.140   12.736  4.374   1.00 15.33  ? 141 GLN A C   1 
ATOM   1110 O  O   . GLN A 1 141 ? 1.091   13.346  4.312   1.00 18.87  ? 141 GLN A O   1 
ATOM   1111 C  CB  . GLN A 1 141 ? 3.617   12.930  2.414   1.00 16.94  ? 141 GLN A CB  1 
ATOM   1112 C  CG  . GLN A 1 141 ? 4.820   13.709  1.880   1.00 27.96  ? 141 GLN A CG  1 
ATOM   1113 C  CD  . GLN A 1 141 ? 4.636   15.227  1.895   1.00 60.67  ? 141 GLN A CD  1 
ATOM   1114 O  OE1 . GLN A 1 141 ? 5.534   16.016  2.238   1.00 23.07  ? 141 GLN A OE1 1 
ATOM   1115 N  NE2 . GLN A 1 141 ? 3.479   15.673  1.440   1.00 20.23  ? 141 GLN A NE2 1 
ATOM   1116 N  N   . THR A 1 142 ? 2.229   11.566  4.967   1.00 7.28   ? 142 THR A N   1 
ATOM   1117 C  CA  . THR A 1 142 ? 1.057   10.874  5.477   1.00 8.66   ? 142 THR A CA  1 
ATOM   1118 C  C   . THR A 1 142 ? 1.356   10.250  6.835   1.00 16.72  ? 142 THR A C   1 
ATOM   1119 O  O   . THR A 1 142 ? 1.392   9.032   7.053   1.00 12.28  ? 142 THR A O   1 
ATOM   1120 C  CB  . THR A 1 142 ? 0.572   9.775   4.502   1.00 12.19  ? 142 THR A CB  1 
ATOM   1121 O  OG1 . THR A 1 142 ? 1.657   8.865   4.203   1.00 15.42  ? 142 THR A OG1 1 
ATOM   1122 C  CG2 . THR A 1 142 ? 0.214   10.272  3.132   1.00 10.02  ? 142 THR A CG2 1 
ATOM   1123 N  N   . PRO A 1 143 ? 1.543   11.146  7.753   1.00 14.78  ? 143 PRO A N   1 
ATOM   1124 C  CA  . PRO A 1 143 ? 1.858   10.826  9.119   1.00 12.82  ? 143 PRO A CA  1 
ATOM   1125 C  C   . PRO A 1 143 ? 0.898   9.889   9.848   1.00 4.08   ? 143 PRO A C   1 
ATOM   1126 O  O   . PRO A 1 143 ? 1.342   8.941   10.595  1.00 10.35  ? 143 PRO A O   1 
ATOM   1127 C  CB  . PRO A 1 143 ? 1.968   12.211  9.782   1.00 12.14  ? 143 PRO A CB  1 
ATOM   1128 C  CG  . PRO A 1 143 ? 1.198   13.211  8.946   1.00 9.96   ? 143 PRO A CG  1 
ATOM   1129 C  CD  . PRO A 1 143 ? 1.312   12.611  7.565   1.00 7.88   ? 143 PRO A CD  1 
ATOM   1130 N  N   . ASN A 1 144 ? -0.409  10.141  9.676   1.00 4.67   ? 144 ASN A N   1 
ATOM   1131 C  CA  . ASN A 1 144 ? -1.303  9.284   10.460  1.00 8.87   ? 144 ASN A CA  1 
ATOM   1132 C  C   . ASN A 1 144 ? -1.240  7.828   10.055  1.00 17.59  ? 144 ASN A C   1 
ATOM   1133 O  O   . ASN A 1 144 ? -1.237  6.923   10.868  1.00 11.41  ? 144 ASN A O   1 
ATOM   1134 C  CB  . ASN A 1 144 ? -2.743  9.642   10.294  1.00 7.60   ? 144 ASN A CB  1 
ATOM   1135 C  CG  . ASN A 1 144 ? -3.064  11.036  10.885  1.00 57.61  ? 144 ASN A CG  1 
ATOM   1136 O  OD1 . ASN A 1 144 ? -2.410  11.493  11.801  1.00 29.09  ? 144 ASN A OD1 1 
ATOM   1137 N  ND2 . ASN A 1 144 ? -4.109  11.750  10.445  1.00 36.23  ? 144 ASN A ND2 1 
ATOM   1138 N  N   . ARG A 1 145 ? -1.225  7.625   8.750   1.00 7.18   ? 145 ARG A N   1 
ATOM   1139 C  CA  . ARG A 1 145 ? -1.092  6.273   8.182   1.00 10.66  ? 145 ARG A CA  1 
ATOM   1140 C  C   . ARG A 1 145 ? 0.300   5.714   8.495   1.00 7.90   ? 145 ARG A C   1 
ATOM   1141 O  O   . ARG A 1 145 ? 0.453   4.597   9.026   1.00 12.70  ? 145 ARG A O   1 
ATOM   1142 C  CB  . ARG A 1 145 ? -1.206  6.258   6.637   1.00 19.86  ? 145 ARG A CB  1 
ATOM   1143 C  CG  . ARG A 1 145 ? -1.472  4.824   6.075   1.00 12.51  ? 145 ARG A CG  1 
ATOM   1144 C  CD  . ARG A 1 145 ? -1.383  4.692   4.614   1.00 28.15  ? 145 ARG A CD  1 
ATOM   1145 N  NE  . ARG A 1 145 ? -1.234  3.330   4.223   1.00 15.00  ? 145 ARG A NE  1 
ATOM   1146 C  CZ  . ARG A 1 145 ? -1.809  3.055   3.081   1.00 16.34  ? 145 ARG A CZ  1 
ATOM   1147 N  NH1 . ARG A 1 145 ? -2.413  4.055   2.491   1.00 11.87  ? 145 ARG A NH1 1 
ATOM   1148 N  NH2 . ARG A 1 145 ? -1.716  1.871   2.486   1.00 11.71  ? 145 ARG A NH2 1 
ATOM   1149 N  N   . ALA A 1 146 ? 1.364   6.466   8.115   1.00 11.30  ? 146 ALA A N   1 
ATOM   1150 C  CA  . ALA A 1 146 ? 2.718   6.037   8.434   1.00 10.23  ? 146 ALA A CA  1 
ATOM   1151 C  C   . ALA A 1 146 ? 2.824   5.642   9.891   1.00 18.03  ? 146 ALA A C   1 
ATOM   1152 O  O   . ALA A 1 146 ? 3.458   4.622   10.156  1.00 14.18  ? 146 ALA A O   1 
ATOM   1153 C  CB  . ALA A 1 146 ? 3.827   7.004   7.959   1.00 9.50   ? 146 ALA A CB  1 
ATOM   1154 N  N   . LYS A 1 147 ? 2.214   6.389   10.838  1.00 18.79  ? 147 LYS A N   1 
ATOM   1155 C  CA  . LYS A 1 147 ? 2.329   6.024   12.258  1.00 12.51  ? 147 LYS A CA  1 
ATOM   1156 C  C   . LYS A 1 147 ? 1.745   4.622   12.602  1.00 14.46  ? 147 LYS A C   1 
ATOM   1157 O  O   . LYS A 1 147 ? 2.283   3.814   13.409  1.00 15.21  ? 147 LYS A O   1 
ATOM   1158 C  CB  . LYS A 1 147 ? 1.606   6.990   13.192  1.00 10.54  ? 147 LYS A CB  1 
ATOM   1159 C  CG  . LYS A 1 147 ? 2.258   8.359   13.166  1.00 24.02  ? 147 LYS A CG  1 
ATOM   1160 C  CD  . LYS A 1 147 ? 1.591   9.424   14.039  1.00 32.60  ? 147 LYS A CD  1 
ATOM   1161 C  CE  . LYS A 1 147 ? 1.778   10.879  13.528  1.00 100.00 ? 147 LYS A CE  1 
ATOM   1162 N  NZ  . LYS A 1 147 ? 0.574   11.774  13.454  1.00 55.89  ? 147 LYS A NZ  1 
ATOM   1163 N  N   . ARG A 1 148 ? 0.647   4.342   11.944  1.00 9.04   ? 148 ARG A N   1 
ATOM   1164 C  CA  . ARG A 1 148 ? -0.045  3.048   12.126  1.00 9.48   ? 148 ARG A CA  1 
ATOM   1165 C  C   . ARG A 1 148 ? 0.784   1.887   11.618  1.00 6.80   ? 148 ARG A C   1 
ATOM   1166 O  O   . ARG A 1 148 ? 0.925   0.876   12.346  1.00 11.31  ? 148 ARG A O   1 
ATOM   1167 C  CB  . ARG A 1 148 ? -1.387  2.923   11.427  1.00 10.51  ? 148 ARG A CB  1 
ATOM   1168 C  CG  . ARG A 1 148 ? -2.446  3.838   12.033  1.00 8.11   ? 148 ARG A CG  1 
ATOM   1169 C  CD  . ARG A 1 148 ? -3.865  3.506   11.671  1.00 10.42  ? 148 ARG A CD  1 
ATOM   1170 N  NE  . ARG A 1 148 ? -4.169  3.884   10.271  1.00 9.53   ? 148 ARG A NE  1 
ATOM   1171 C  CZ  . ARG A 1 148 ? -4.558  5.097   9.891   1.00 22.72  ? 148 ARG A CZ  1 
ATOM   1172 N  NH1 . ARG A 1 148 ? -4.696  6.157   10.708  1.00 12.61  ? 148 ARG A NH1 1 
ATOM   1173 N  NH2 . ARG A 1 148 ? -4.723  5.311   8.625   1.00 15.30  ? 148 ARG A NH2 1 
ATOM   1174 N  N   . VAL A 1 149 ? 1.404   2.086   10.454  1.00 4.20   ? 149 VAL A N   1 
ATOM   1175 C  CA  . VAL A 1 149 ? 2.234   0.997   9.892   1.00 8.30   ? 149 VAL A CA  1 
ATOM   1176 C  C   . VAL A 1 149 ? 3.494   0.814   10.705  1.00 12.75  ? 149 VAL A C   1 
ATOM   1177 O  O   . VAL A 1 149 ? 3.906   -0.332  10.960  1.00 8.37   ? 149 VAL A O   1 
ATOM   1178 C  CB  . VAL A 1 149 ? 2.561   1.257   8.427   1.00 12.81  ? 149 VAL A CB  1 
ATOM   1179 C  CG1 . VAL A 1 149 ? 3.593   0.232   7.890   1.00 7.74   ? 149 VAL A CG1 1 
ATOM   1180 C  CG2 . VAL A 1 149 ? 1.241   1.315   7.616   1.00 11.83  ? 149 VAL A CG2 1 
ATOM   1181 N  N   . ILE A 1 150 ? 4.103   1.965   11.114  1.00 13.36  ? 150 ILE A N   1 
ATOM   1182 C  CA  . ILE A 1 150 ? 5.327   1.956   11.941  1.00 10.72  ? 150 ILE A CA  1 
ATOM   1183 C  C   . ILE A 1 150 ? 5.053   1.241   13.258  1.00 12.97  ? 150 ILE A C   1 
ATOM   1184 O  O   . ILE A 1 150 ? 5.858   0.433   13.741  1.00 12.38  ? 150 ILE A O   1 
ATOM   1185 C  CB  . ILE A 1 150 ? 5.990   3.364   12.086  1.00 9.06   ? 150 ILE A CB  1 
ATOM   1186 C  CG1 . ILE A 1 150 ? 6.419   3.851   10.703  1.00 11.14  ? 150 ILE A CG1 1 
ATOM   1187 C  CG2 . ILE A 1 150 ? 7.172   3.336   13.039  1.00 16.28  ? 150 ILE A CG2 1 
ATOM   1188 C  CD1 . ILE A 1 150 ? 7.004   5.243   10.748  1.00 9.00   ? 150 ILE A CD1 1 
ATOM   1189 N  N   . THR A 1 151 ? 3.916   1.549   13.892  1.00 6.35   ? 151 THR A N   1 
ATOM   1190 C  CA  . THR A 1 151 ? 3.645   0.857   15.147  1.00 12.14  ? 151 THR A CA  1 
ATOM   1191 C  C   . THR A 1 151 ? 3.496   -0.629  14.986  1.00 10.17  ? 151 THR A C   1 
ATOM   1192 O  O   . THR A 1 151 ? 3.750   -1.433  15.892  1.00 11.92  ? 151 THR A O   1 
ATOM   1193 C  CB  . THR A 1 151 ? 2.234   1.223   15.639  1.00 19.11  ? 151 THR A CB  1 
ATOM   1194 O  OG1 . THR A 1 151 ? 2.410   2.561   16.058  1.00 29.55  ? 151 THR A OG1 1 
ATOM   1195 C  CG2 . THR A 1 151 ? 1.571   0.386   16.750  1.00 22.73  ? 151 THR A CG2 1 
ATOM   1196 N  N   . THR A 1 152 ? 2.922   -0.921  13.836  1.00 11.21  ? 152 THR A N   1 
ATOM   1197 C  CA  . THR A 1 152 ? 2.694   -2.286  13.446  1.00 16.19  ? 152 THR A CA  1 
ATOM   1198 C  C   . THR A 1 152 ? 4.063   -2.975  13.331  1.00 25.14  ? 152 THR A C   1 
ATOM   1199 O  O   . THR A 1 152 ? 4.313   -4.070  13.882  1.00 9.48   ? 152 THR A O   1 
ATOM   1200 C  CB  . THR A 1 152 ? 1.718   -2.389  12.220  1.00 3.33   ? 152 THR A CB  1 
ATOM   1201 O  OG1 . THR A 1 152 ? 0.525   -1.712  12.545  1.00 10.57  ? 152 THR A OG1 1 
ATOM   1202 C  CG2 . THR A 1 152 ? 1.459   -3.892  12.017  1.00 13.61  ? 152 THR A CG2 1 
ATOM   1203 N  N   . PHE A 1 153 ? 4.982   -2.349  12.622  1.00 6.27   ? 153 PHE A N   1 
ATOM   1204 C  CA  . PHE A 1 153 ? 6.282   -3.002  12.566  1.00 10.74  ? 153 PHE A CA  1 
ATOM   1205 C  C   . PHE A 1 153 ? 7.018   -3.031  13.936  1.00 22.21  ? 153 PHE A C   1 
ATOM   1206 O  O   . PHE A 1 153 ? 7.811   -3.951  14.262  1.00 17.04  ? 153 PHE A O   1 
ATOM   1207 C  CB  . PHE A 1 153 ? 7.245   -2.193  11.685  1.00 5.69   ? 153 PHE A CB  1 
ATOM   1208 C  CG  . PHE A 1 153 ? 7.070   -2.336  10.202  1.00 11.77  ? 153 PHE A CG  1 
ATOM   1209 C  CD1 . PHE A 1 153 ? 6.803   -1.218  9.402   1.00 15.21  ? 153 PHE A CD1 1 
ATOM   1210 C  CD2 . PHE A 1 153 ? 7.329   -3.577  9.577   1.00 13.45  ? 153 PHE A CD2 1 
ATOM   1211 C  CE1 . PHE A 1 153 ? 6.745   -1.375  8.003   1.00 14.51  ? 153 PHE A CE1 1 
ATOM   1212 C  CE2 . PHE A 1 153 ? 7.301   -3.717  8.184   1.00 12.86  ? 153 PHE A CE2 1 
ATOM   1213 C  CZ  . PHE A 1 153 ? 6.984   -2.605  7.385   1.00 17.49  ? 153 PHE A CZ  1 
ATOM   1214 N  N   . ARG A 1 154 ? 6.804   -1.984  14.747  1.00 11.11  ? 154 ARG A N   1 
ATOM   1215 C  CA  . ARG A 1 154 ? 7.498   -1.935  16.013  1.00 11.02  ? 154 ARG A CA  1 
ATOM   1216 C  C   . ARG A 1 154 ? 7.020   -2.953  17.032  1.00 15.17  ? 154 ARG A C   1 
ATOM   1217 O  O   . ARG A 1 154 ? 7.820   -3.507  17.765  1.00 19.53  ? 154 ARG A O   1 
ATOM   1218 C  CB  . ARG A 1 154 ? 7.297   -0.606  16.709  1.00 16.06  ? 154 ARG A CB  1 
ATOM   1219 C  CG  . ARG A 1 154 ? 8.284   -0.328  17.834  1.00 14.59  ? 154 ARG A CG  1 
ATOM   1220 C  CD  . ARG A 1 154 ? 7.956   0.991   18.549  1.00 16.52  ? 154 ARG A CD  1 
ATOM   1221 N  NE  . ARG A 1 154 ? 8.857   2.037   18.034  1.00 100.00 ? 154 ARG A NE  1 
ATOM   1222 C  CZ  . ARG A 1 154 ? 9.936   2.585   18.667  1.00 100.00 ? 154 ARG A CZ  1 
ATOM   1223 N  NH1 . ARG A 1 154 ? 10.291  2.257   19.930  1.00 100.00 ? 154 ARG A NH1 1 
ATOM   1224 N  NH2 . ARG A 1 154 ? 10.689  3.518   18.048  1.00 100.00 ? 154 ARG A NH2 1 
ATOM   1225 N  N   . THR A 1 155 ? 5.707   -3.169  17.069  1.00 11.80  ? 155 THR A N   1 
ATOM   1226 C  CA  . THR A 1 155 ? 5.104   -4.041  18.013  1.00 10.96  ? 155 THR A CA  1 
ATOM   1227 C  C   . THR A 1 155 ? 4.749   -5.413  17.521  1.00 17.73  ? 155 THR A C   1 
ATOM   1228 O  O   . THR A 1 155 ? 4.564   -6.251  18.366  1.00 19.57  ? 155 THR A O   1 
ATOM   1229 C  CB  . THR A 1 155 ? 3.777   -3.554  18.645  1.00 13.71  ? 155 THR A CB  1 
ATOM   1230 O  OG1 . THR A 1 155 ? 2.835   -3.213  17.679  1.00 15.43  ? 155 THR A OG1 1 
ATOM   1231 C  CG2 . THR A 1 155 ? 4.052   -2.293  19.379  1.00 14.29  ? 155 THR A CG2 1 
ATOM   1232 N  N   . GLY A 1 156 ? 4.596   -5.678  16.214  1.00 14.86  ? 156 GLY A N   1 
ATOM   1233 C  CA  . GLY A 1 156 ? 4.143   -6.991  15.841  1.00 9.76   ? 156 GLY A CA  1 
ATOM   1234 C  C   . GLY A 1 156 ? 2.700   -7.258  16.321  1.00 18.29  ? 156 GLY A C   1 
ATOM   1235 O  O   . GLY A 1 156 ? 2.243   -8.380  16.414  1.00 11.96  ? 156 GLY A O   1 
ATOM   1236 N  N   . THR A 1 157 ? 1.900   -6.269  16.636  1.00 8.35   ? 157 THR A N   1 
ATOM   1237 C  CA  . THR A 1 157 ? 0.499   -6.491  17.060  1.00 10.41  ? 157 THR A CA  1 
ATOM   1238 C  C   . THR A 1 157 ? -0.412  -5.543  16.245  1.00 15.82  ? 157 THR A C   1 
ATOM   1239 O  O   . THR A 1 157 ? 0.082   -4.687  15.524  1.00 12.48  ? 157 THR A O   1 
ATOM   1240 C  CB  . THR A 1 157 ? 0.192   -5.950  18.480  1.00 23.44  ? 157 THR A CB  1 
ATOM   1241 O  OG1 . THR A 1 157 ? 0.272   -4.541  18.453  1.00 16.77  ? 157 THR A OG1 1 
ATOM   1242 C  CG2 . THR A 1 157 ? 1.095   -6.520  19.543  1.00 21.80  ? 157 THR A CG2 1 
ATOM   1243 N  N   . TRP A 1 158 ? -1.745  -5.685  16.310  1.00 12.43  ? 158 TRP A N   1 
ATOM   1244 C  CA  . TRP A 1 158 ? -2.681  -4.867  15.556  1.00 7.00   ? 158 TRP A CA  1 
ATOM   1245 C  C   . TRP A 1 158 ? -3.191  -3.703  16.397  1.00 20.62  ? 158 TRP A C   1 
ATOM   1246 O  O   . TRP A 1 158 ? -4.133  -3.069  16.068  1.00 11.59  ? 158 TRP A O   1 
ATOM   1247 C  CB  . TRP A 1 158 ? -3.971  -5.627  15.277  1.00 8.51   ? 158 TRP A CB  1 
ATOM   1248 C  CG  . TRP A 1 158 ? -3.693  -6.652  14.218  1.00 11.10  ? 158 TRP A CG  1 
ATOM   1249 C  CD1 . TRP A 1 158 ? -3.650  -7.979  14.468  1.00 12.00  ? 158 TRP A CD1 1 
ATOM   1250 C  CD2 . TRP A 1 158 ? -3.340  -6.478  12.783  1.00 23.28  ? 158 TRP A CD2 1 
ATOM   1251 N  NE1 . TRP A 1 158 ? -3.286  -8.650  13.333  1.00 16.25  ? 158 TRP A NE1 1 
ATOM   1252 C  CE2 . TRP A 1 158 ? -3.096  -7.764  12.253  1.00 10.99  ? 158 TRP A CE2 1 
ATOM   1253 C  CE3 . TRP A 1 158 ? -3.184  -5.415  11.869  1.00 16.56  ? 158 TRP A CE3 1 
ATOM   1254 C  CZ2 . TRP A 1 158 ? -2.797  -8.010  10.874  1.00 10.26  ? 158 TRP A CZ2 1 
ATOM   1255 C  CZ3 . TRP A 1 158 ? -2.947  -5.689  10.505  1.00 15.06  ? 158 TRP A CZ3 1 
ATOM   1256 C  CH2 . TRP A 1 158 ? -2.663  -6.959  9.999   1.00 12.97  ? 158 TRP A CH2 1 
ATOM   1257 N  N   . ASP A 1 159 ? -2.530  -3.371  17.480  1.00 15.79  ? 159 ASP A N   1 
ATOM   1258 C  CA  . ASP A 1 159 ? -3.023  -2.262  18.326  1.00 16.82  ? 159 ASP A CA  1 
ATOM   1259 C  C   . ASP A 1 159 ? -3.364  -0.936  17.636  1.00 18.17  ? 159 ASP A C   1 
ATOM   1260 O  O   . ASP A 1 159 ? -4.324  -0.254  17.961  1.00 18.37  ? 159 ASP A O   1 
ATOM   1261 C  CB  . ASP A 1 159 ? -2.169  -2.150  19.651  1.00 30.14  ? 159 ASP A CB  1 
ATOM   1262 C  CG  . ASP A 1 159 ? -1.976  -3.446  20.513  1.00 28.99  ? 159 ASP A CG  1 
ATOM   1263 O  OD1 . ASP A 1 159 ? -2.838  -4.309  20.689  1.00 52.34  ? 159 ASP A OD1 1 
ATOM   1264 O  OD2 . ASP A 1 159 ? -0.752  -3.570  21.009  1.00 85.53  ? 159 ASP A OD2 1 
ATOM   1265 N  N   . ALA A 1 160 ? -2.556  -0.529  16.689  1.00 13.30  ? 160 ALA A N   1 
ATOM   1266 C  CA  . ALA A 1 160 ? -2.742  0.715   15.986  1.00 9.94   ? 160 ALA A CA  1 
ATOM   1267 C  C   . ALA A 1 160 ? -4.003  0.667   15.133  1.00 17.03  ? 160 ALA A C   1 
ATOM   1268 O  O   . ALA A 1 160 ? -4.514  1.694   14.748  1.00 21.31  ? 160 ALA A O   1 
ATOM   1269 C  CB  . ALA A 1 160 ? -1.495  1.021   15.119  1.00 13.13  ? 160 ALA A CB  1 
ATOM   1270 N  N   . TYR A 1 161 ? -4.531  -0.529  14.842  1.00 20.39  ? 161 TYR A N   1 
ATOM   1271 C  CA  . TYR A 1 161 ? -5.727  -0.577  14.048  1.00 13.93  ? 161 TYR A CA  1 
ATOM   1272 C  C   . TYR A 1 161 ? -6.946  -0.868  14.908  1.00 28.64  ? 161 TYR A C   1 
ATOM   1273 O  O   . TYR A 1 161 ? -8.045  -0.997  14.358  1.00 24.60  ? 161 TYR A O   1 
ATOM   1274 C  CB  . TYR A 1 161 ? -5.560  -1.619  12.955  1.00 7.90   ? 161 TYR A CB  1 
ATOM   1275 C  CG  . TYR A 1 161 ? -4.678  -1.076  11.863  1.00 15.22  ? 161 TYR A CG  1 
ATOM   1276 C  CD1 . TYR A 1 161 ? -3.308  -1.175  12.056  1.00 8.56   ? 161 TYR A CD1 1 
ATOM   1277 C  CD2 . TYR A 1 161 ? -5.170  -0.427  10.727  1.00 6.93   ? 161 TYR A CD2 1 
ATOM   1278 C  CE1 . TYR A 1 161 ? -2.436  -0.678  11.089  1.00 9.58   ? 161 TYR A CE1 1 
ATOM   1279 C  CE2 . TYR A 1 161 ? -4.305  0.076   9.742   1.00 5.42   ? 161 TYR A CE2 1 
ATOM   1280 C  CZ  . TYR A 1 161 ? -2.926  -0.070  9.934   1.00 8.90   ? 161 TYR A CZ  1 
ATOM   1281 O  OH  . TYR A 1 161 ? -1.994  0.416   9.028   1.00 13.48  ? 161 TYR A OH  1 
ATOM   1282 N  N   . LYS A 1 162 ? -6.696  -0.947  16.230  1.00 67.25  ? 162 LYS A N   1 
ATOM   1283 C  CA  . LYS A 1 162 ? -7.626  -1.160  17.342  1.00 41.28  ? 162 LYS A CA  1 
ATOM   1284 C  C   . LYS A 1 162 ? -8.154  -2.586  17.317  1.00 100.00 ? 162 LYS A C   1 
ATOM   1285 O  O   . LYS A 1 162 ? -7.373  -3.550  17.440  1.00 65.75  ? 162 LYS A O   1 
ATOM   1286 C  CB  . LYS A 1 162 ? -8.346  0.139   17.629  1.00 29.63  ? 162 LYS A CB  1 
ATOM   1287 C  CG  . LYS A 1 162 ? -9.837  0.097   17.454  1.00 28.83  ? 162 LYS A CG  1 
ATOM   1288 C  CD  . LYS A 1 162 ? -10.332 1.556   17.374  1.00 96.46  ? 162 LYS A CD  1 
ATOM   1289 C  CE  . LYS A 1 162 ? -10.960 2.004   16.039  1.00 89.71  ? 162 LYS A CE  1 
ATOM   1290 N  NZ  . LYS A 1 162 ? -10.029 2.623   15.065  1.00 100.00 ? 162 LYS A NZ  1 
HETATM 1291 CL CL  . CL  B 2 .   ? -2.202  9.891   6.830   1.00 34.25  ? 173 CL  A CL  1 
HETATM 1292 CL CL  . CL  C 2 .   ? -7.886  -5.278  -14.090 1.00 44.74  ? 178 CL  A CL  1 
HETATM 1293 C  C1  . BME D 3 .   ? 0.026   -15.121 -4.912  1.00 30.52  ? 169 BME A C1  1 
HETATM 1294 C  C2  . BME D 3 .   ? 0.394   -14.283 -3.641  1.00 74.89  ? 169 BME A C2  1 
HETATM 1295 O  O1  . BME D 3 .   ? -1.366  -15.118 -5.226  1.00 43.16  ? 169 BME A O1  1 
HETATM 1296 S  S2  . BME D 3 .   ? 2.175   -14.326 -3.216  1.00 76.82  ? 169 BME A S2  1 
HETATM 1297 C  C1  . BME E 3 .   ? -1.408  -13.103 3.915   1.00 18.81  ? 170 BME A C1  1 
HETATM 1298 C  C2  . BME E 3 .   ? -0.867  -13.492 2.518   1.00 64.77  ? 170 BME A C2  1 
HETATM 1299 O  O1  . BME E 3 .   ? -0.980  -11.767 4.366   1.00 30.85  ? 170 BME A O1  1 
HETATM 1300 S  S2  . BME E 3 .   ? -1.801  -12.664 1.214   1.00 66.88  ? 170 BME A S2  1 
HETATM 1301 C  C4  . 1AN F 4 .   ? 9.203   -6.332  2.194   1.00 18.95  ? 401 1AN A C4  1 
HETATM 1302 C  C5  . 1AN F 4 .   ? 8.557   -5.157  1.805   1.00 12.83  ? 401 1AN A C5  1 
HETATM 1303 C  C3  . 1AN F 4 .   ? 9.826   -6.315  3.437   1.00 10.35  ? 401 1AN A C3  1 
HETATM 1304 C  C6  . 1AN F 4 .   ? 8.522   -3.994  2.588   1.00 20.56  ? 401 1AN A C6  1 
HETATM 1305 C  C2  . 1AN F 4 .   ? 9.744   -5.189  4.256   1.00 30.44  ? 401 1AN A C2  1 
HETATM 1306 C  C1  . 1AN F 4 .   ? 9.133   -4.001  3.839   1.00 20.48  ? 401 1AN A C1  1 
HETATM 1307 N  N   . 1AN F 4 .   ? 9.052   -2.917  4.694   1.00 24.90  ? 401 1AN A N   1 
HETATM 1308 F  F2  . 1AN F 4 .   ? 10.338  -5.248  5.394   1.00 30.66  ? 401 1AN A F2  1 
HETATM 1309 O  O   . HOH G 5 .   ? -7.459  -1.659  -5.178  1.00 10.16  ? 171 HOH A O   1 
HETATM 1310 O  O   . HOH G 5 .   ? 3.502   9.191   1.428   1.00 40.72  ? 172 HOH A O   1 
HETATM 1311 O  O   . HOH G 5 .   ? -0.112  15.647  3.354   1.00 18.97  ? 174 HOH A O   1 
HETATM 1312 O  O   . HOH G 5 .   ? -0.536  -1.933  15.145  1.00 21.87  ? 175 HOH A O   1 
HETATM 1313 O  O   . HOH G 5 .   ? -14.561 5.266   -17.258 1.00 18.60  ? 176 HOH A O   1 
HETATM 1314 O  O   . HOH G 5 .   ? -8.979  -11.408 -12.206 1.00 21.11  ? 177 HOH A O   1 
HETATM 1315 O  O   . HOH G 5 .   ? -10.199 -1.231  -5.557  1.00 9.73   ? 179 HOH A O   1 
HETATM 1316 O  O   . HOH G 5 .   ? -1.723  7.290   13.382  1.00 23.77  ? 180 HOH A O   1 
HETATM 1317 O  O   . HOH G 5 .   ? 7.394   -16.054 10.032  1.00 22.68  ? 181 HOH A O   1 
HETATM 1318 O  O   . HOH G 5 .   ? -5.369  -4.558  -10.247 1.00 26.14  ? 182 HOH A O   1 
HETATM 1319 O  O   . HOH G 5 .   ? -10.082 -8.419  -14.162 1.00 25.00  ? 183 HOH A O   1 
HETATM 1320 O  O   . HOH G 5 .   ? -5.103  -12.782 -7.575  1.00 37.61  ? 185 HOH A O   1 
HETATM 1321 O  O   . HOH G 5 .   ? -11.156 -7.805  -1.932  1.00 29.41  ? 186 HOH A O   1 
HETATM 1322 O  O   . HOH G 5 .   ? -9.987  -10.693 11.048  1.00 31.77  ? 187 HOH A O   1 
HETATM 1323 O  O   . HOH G 5 .   ? 5.917   17.327  8.119   1.00 47.77  ? 188 HOH A O   1 
HETATM 1324 O  O   . HOH G 5 .   ? -3.396  11.533  -11.863 1.00 25.91  ? 190 HOH A O   1 
HETATM 1325 O  O   . HOH G 5 .   ? -3.497  14.435  -11.640 1.00 34.66  ? 191 HOH A O   1 
HETATM 1326 O  O   . HOH G 5 .   ? 15.071  -14.482 5.318   1.00 20.85  ? 193 HOH A O   1 
HETATM 1327 O  O   . HOH G 5 .   ? -3.468  -10.901 6.461   1.00 16.38  ? 195 HOH A O   1 
HETATM 1328 O  O   . HOH G 5 .   ? -20.610 2.590   -14.134 1.00 31.49  ? 196 HOH A O   1 
HETATM 1329 O  O   . HOH G 5 .   ? -6.049  3.157   -22.325 1.00 27.70  ? 198 HOH A O   1 
HETATM 1330 O  O   . HOH G 5 .   ? 0.322   -12.825 6.752   1.00 23.49  ? 199 HOH A O   1 
HETATM 1331 O  O   . HOH G 5 .   ? -5.535  0.004   -13.844 1.00 34.02  ? 200 HOH A O   1 
HETATM 1332 O  O   . HOH G 5 .   ? -4.469  -11.115 -8.988  1.00 39.88  ? 201 HOH A O   1 
HETATM 1333 O  O   . HOH G 5 .   ? -3.562  6.053   -5.586  1.00 24.22  ? 203 HOH A O   1 
HETATM 1334 O  O   . HOH G 5 .   ? -4.332  5.677   -2.844  1.00 31.92  ? 204 HOH A O   1 
HETATM 1335 O  O   . HOH G 5 .   ? -2.600  7.059   2.848   1.00 31.83  ? 207 HOH A O   1 
HETATM 1336 O  O   . HOH G 5 .   ? 1.942   2.316   4.117   1.00 9.29   ? 208 HOH A O   1 
HETATM 1337 O  O   . HOH G 5 .   ? 3.684   -10.818 15.858  1.00 27.70  ? 210 HOH A O   1 
HETATM 1338 O  O   . HOH G 5 .   ? -4.411  6.133   13.519  1.00 29.58  ? 211 HOH A O   1 
HETATM 1339 O  O   . HOH G 5 .   ? 12.783  -9.778  10.835  1.00 8.87   ? 213 HOH A O   1 
HETATM 1340 O  O   . HOH G 5 .   ? 10.791  -3.483  20.407  1.00 39.82  ? 217 HOH A O   1 
HETATM 1341 O  O   . HOH G 5 .   ? 17.230  4.162   14.127  1.00 31.66  ? 218 HOH A O   1 
HETATM 1342 O  O   . HOH G 5 .   ? 18.017  6.118   12.069  1.00 22.54  ? 219 HOH A O   1 
HETATM 1343 O  O   . HOH G 5 .   ? -11.822 -13.709 9.531   1.00 43.94  ? 221 HOH A O   1 
HETATM 1344 O  O   . HOH G 5 .   ? 0.334   6.130   -15.282 1.00 52.09  ? 222 HOH A O   1 
HETATM 1345 O  O   . HOH G 5 .   ? -8.909  -12.509 9.458   1.00 29.54  ? 223 HOH A O   1 
HETATM 1346 O  O   . HOH G 5 .   ? 7.957   -17.118 0.339   1.00 31.27  ? 226 HOH A O   1 
HETATM 1347 O  O   . HOH G 5 .   ? -6.634  6.059   -1.243  1.00 31.62  ? 229 HOH A O   1 
HETATM 1348 O  O   . HOH G 5 .   ? -3.034  -7.614  18.034  1.00 45.74  ? 231 HOH A O   1 
HETATM 1349 O  O   . HOH G 5 .   ? 14.062  -2.723  19.747  1.00 30.27  ? 235 HOH A O   1 
HETATM 1350 O  O   . HOH G 5 .   ? 8.583   -4.837  20.186  1.00 29.79  ? 238 HOH A O   1 
HETATM 1351 O  O   . HOH G 5 .   ? -11.504 -6.492  -13.357 1.00 30.03  ? 239 HOH A O   1 
HETATM 1352 O  O   . HOH G 5 .   ? -15.800 -8.595  -5.859  1.00 30.32  ? 240 HOH A O   1 
HETATM 1353 O  O   . HOH G 5 .   ? 3.643   -8.361  -9.096  1.00 44.81  ? 242 HOH A O   1 
HETATM 1354 O  O   . HOH G 5 .   ? 12.272  9.517   13.997  1.00 34.68  ? 251 HOH A O   1 
HETATM 1355 O  O   . HOH G 5 .   ? -2.422  3.379   -4.608  1.00 45.77  ? 256 HOH A O   1 
HETATM 1356 O  O   . HOH G 5 .   ? -17.335 -5.648  -14.197 1.00 45.88  ? 259 HOH A O   1 
HETATM 1357 O  O   . HOH G 5 .   ? -20.484 -5.272  -10.857 1.00 44.51  ? 260 HOH A O   1 
HETATM 1358 O  O   . HOH G 5 .   ? 15.586  -7.963  -7.538  1.00 39.69  ? 268 HOH A O   1 
HETATM 1359 O  O   . HOH G 5 .   ? -7.338  12.151  -1.513  1.00 28.28  ? 269 HOH A O   1 
HETATM 1360 O  O   . HOH G 5 .   ? 10.083  8.406   1.706   1.00 18.10  ? 270 HOH A O   1 
HETATM 1361 O  O   . HOH G 5 .   ? 0.631   -10.245 17.757  1.00 31.28  ? 273 HOH A O   1 
HETATM 1362 O  O   . HOH G 5 .   ? -0.661  -2.433  -5.667  1.00 40.86  ? 274 HOH A O   1 
HETATM 1363 O  O   . HOH G 5 .   ? 8.144   -7.977  19.545  1.00 30.41  ? 277 HOH A O   1 
HETATM 1364 O  O   . HOH G 5 .   ? -16.254 5.444   -19.992 1.00 30.54  ? 278 HOH A O   1 
HETATM 1365 O  O   . HOH G 5 .   ? -3.878  2.111   -14.759 1.00 30.79  ? 281 HOH A O   1 
HETATM 1366 O  O   . HOH G 5 .   ? -5.503  -3.306  -13.548 1.00 22.15  ? 282 HOH A O   1 
HETATM 1367 O  O   . HOH G 5 .   ? -11.238 -2.728  7.785   1.00 42.73  ? 288 HOH A O   1 
HETATM 1368 O  O   . HOH G 5 .   ? 13.516  -14.493 11.046  1.00 27.36  ? 291 HOH A O   1 
HETATM 1369 O  O   . HOH G 5 .   ? 16.020  -1.805  18.531  1.00 23.08  ? 293 HOH A O   1 
HETATM 1370 O  O   . HOH G 5 .   ? -6.783  -10.284 14.625  1.00 41.07  ? 296 HOH A O   1 
HETATM 1371 O  O   . HOH G 5 .   ? -2.139  0.639   -5.703  1.00 61.17  ? 299 HOH A O   1 
HETATM 1372 O  O   . HOH G 5 .   ? 13.489  -5.253  19.489  1.00 35.22  ? 311 HOH A O   1 
HETATM 1373 O  O   . HOH G 5 .   ? -13.267 -10.040 -6.241  1.00 28.45  ? 320 HOH A O   1 
HETATM 1374 O  O   . HOH G 5 .   ? -0.710  -11.443 -9.196  1.00 63.63  ? 321 HOH A O   1 
HETATM 1375 O  O   . HOH G 5 .   ? -13.230 -2.093  -22.095 1.00 29.70  ? 322 HOH A O   1 
HETATM 1376 O  O   . HOH G 5 .   ? -4.771  11.822  7.913   1.00 33.07  ? 323 HOH A O   1 
# 
loop_
_pdbx_poly_seq_scheme.asym_id 
_pdbx_poly_seq_scheme.entity_id 
_pdbx_poly_seq_scheme.seq_id 
_pdbx_poly_seq_scheme.mon_id 
_pdbx_poly_seq_scheme.ndb_seq_num 
_pdbx_poly_seq_scheme.pdb_seq_num 
_pdbx_poly_seq_scheme.auth_seq_num 
_pdbx_poly_seq_scheme.pdb_mon_id 
_pdbx_poly_seq_scheme.auth_mon_id 
_pdbx_poly_seq_scheme.pdb_strand_id 
_pdbx_poly_seq_scheme.pdb_ins_code 
_pdbx_poly_seq_scheme.hetero 
A 1 1   MET 1   1   1   MET MET A . n 
A 1 2   ASN 2   2   2   ASN ASN A . n 
A 1 3   ILE 3   3   3   ILE ILE A . n 
A 1 4   PHE 4   4   4   PHE PHE A . n 
A 1 5   GLU 5   5   5   GLU GLU A . n 
A 1 6   MET 6   6   6   MET MET A . n 
A 1 7   LEU 7   7   7   LEU LEU A . n 
A 1 8   ARG 8   8   8   ARG ARG A . n 
A 1 9   ILE 9   9   9   ILE ILE A . n 
A 1 10  ASP 10  10  10  ASP ASP A . n 
A 1 11  GLU 11  11  11  GLU GLU A . n 
A 1 12  GLY 12  12  12  GLY GLY A . n 
A 1 13  LEU 13  13  13  LEU LEU A . n 
A 1 14  ARG 14  14  14  ARG ARG A . n 
A 1 15  LEU 15  15  15  LEU LEU A . n 
A 1 16  LYS 16  16  16  LYS LYS A . n 
A 1 17  ILE 17  17  17  ILE ILE A . n 
A 1 18  TYR 18  18  18  TYR TYR A . n 
A 1 19  LYS 19  19  19  LYS LYS A . n 
A 1 20  ASP 20  20  20  ASP ASP A . n 
A 1 21  THR 21  21  21  THR THR A . n 
A 1 22  GLU 22  22  22  GLU GLU A . n 
A 1 23  GLY 23  23  23  GLY GLY A . n 
A 1 24  TYR 24  24  24  TYR TYR A . n 
A 1 25  TYR 25  25  25  TYR TYR A . n 
A 1 26  THR 26  26  26  THR THR A . n 
A 1 27  ILE 27  27  27  ILE ILE A . n 
A 1 28  GLY 28  28  28  GLY GLY A . n 
A 1 29  ILE 29  29  29  ILE ILE A . n 
A 1 30  GLY 30  30  30  GLY GLY A . n 
A 1 31  HIS 31  31  31  HIS HIS A . n 
A 1 32  LEU 32  32  32  LEU LEU A . n 
A 1 33  LEU 33  33  33  LEU LEU A . n 
A 1 34  THR 34  34  34  THR THR A . n 
A 1 35  LYS 35  35  35  LYS LYS A . n 
A 1 36  SER 36  36  36  SER SER A . n 
A 1 37  PRO 37  37  37  PRO PRO A . n 
A 1 38  SER 38  38  38  SER SER A . n 
A 1 39  LEU 39  39  39  LEU LEU A . n 
A 1 40  ASN 40  40  40  ASN ASN A . n 
A 1 41  ALA 41  41  41  ALA ALA A . n 
A 1 42  ALA 42  42  42  ALA ALA A . n 
A 1 43  LYS 43  43  43  LYS LYS A . n 
A 1 44  SER 44  44  44  SER SER A . n 
A 1 45  GLU 45  45  45  GLU GLU A . n 
A 1 46  LEU 46  46  46  LEU LEU A . n 
A 1 47  ASP 47  47  47  ASP ASP A . n 
A 1 48  LYS 48  48  48  LYS LYS A . n 
A 1 49  ALA 49  49  49  ALA ALA A . n 
A 1 50  ILE 50  50  50  ILE ILE A . n 
A 1 51  GLY 51  51  51  GLY GLY A . n 
A 1 52  ARG 52  52  52  ARG ARG A . n 
A 1 53  ASN 53  53  53  ASN ASN A . n 
A 1 54  CYS 54  54  54  CYS CYS A . n 
A 1 55  ASN 55  55  55  ASN ASN A . n 
A 1 56  GLY 56  56  56  GLY GLY A . n 
A 1 57  VAL 57  57  57  VAL VAL A . n 
A 1 58  ILE 58  58  58  ILE ILE A . n 
A 1 59  THR 59  59  59  THR THR A . n 
A 1 60  LYS 60  60  60  LYS LYS A . n 
A 1 61  ASP 61  61  61  ASP ASP A . n 
A 1 62  GLU 62  62  62  GLU GLU A . n 
A 1 63  ALA 63  63  63  ALA ALA A . n 
A 1 64  GLU 64  64  64  GLU GLU A . n 
A 1 65  LYS 65  65  65  LYS LYS A . n 
A 1 66  LEU 66  66  66  LEU LEU A . n 
A 1 67  PHE 67  67  67  PHE PHE A . n 
A 1 68  ASN 68  68  68  ASN ASN A . n 
A 1 69  GLN 69  69  69  GLN GLN A . n 
A 1 70  ASP 70  70  70  ASP ASP A . n 
A 1 71  VAL 71  71  71  VAL VAL A . n 
A 1 72  ASP 72  72  72  ASP ASP A . n 
A 1 73  ALA 73  73  73  ALA ALA A . n 
A 1 74  ALA 74  74  74  ALA ALA A . n 
A 1 75  VAL 75  75  75  VAL VAL A . n 
A 1 76  ARG 76  76  76  ARG ARG A . n 
A 1 77  GLY 77  77  77  GLY GLY A . n 
A 1 78  ILE 78  78  78  ILE ILE A . n 
A 1 79  LEU 79  79  79  LEU LEU A . n 
A 1 80  ARG 80  80  80  ARG ARG A . n 
A 1 81  ASN 81  81  81  ASN ASN A . n 
A 1 82  ALA 82  82  82  ALA ALA A . n 
A 1 83  LYS 83  83  83  LYS LYS A . n 
A 1 84  LEU 84  84  84  LEU LEU A . n 
A 1 85  LYS 85  85  85  LYS LYS A . n 
A 1 86  PRO 86  86  86  PRO PRO A . n 
A 1 87  VAL 87  87  87  VAL VAL A . n 
A 1 88  TYR 88  88  88  TYR TYR A . n 
A 1 89  ASP 89  89  89  ASP ASP A . n 
A 1 90  SER 90  90  90  SER SER A . n 
A 1 91  LEU 91  91  91  LEU LEU A . n 
A 1 92  ASP 92  92  92  ASP ASP A . n 
A 1 93  ALA 93  93  93  ALA ALA A . n 
A 1 94  VAL 94  94  94  VAL VAL A . n 
A 1 95  ARG 95  95  95  ARG ARG A . n 
A 1 96  ARG 96  96  96  ARG ARG A . n 
A 1 97  CYS 97  97  97  CYS CYS A . n 
A 1 98  ALA 98  98  98  ALA ALA A . n 
A 1 99  ALA 99  99  99  ALA ALA A . n 
A 1 100 ILE 100 100 100 ILE ILE A . n 
A 1 101 ASN 101 101 101 ASN ASN A . n 
A 1 102 GLN 102 102 102 GLN GLN A . n 
A 1 103 VAL 103 103 103 VAL VAL A . n 
A 1 104 PHE 104 104 104 PHE PHE A . n 
A 1 105 GLN 105 105 105 GLN GLN A . n 
A 1 106 MET 106 106 106 MET MET A . n 
A 1 107 GLY 107 107 107 GLY GLY A . n 
A 1 108 GLU 108 108 108 GLU GLU A . n 
A 1 109 THR 109 109 109 THR THR A . n 
A 1 110 GLY 110 110 110 GLY GLY A . n 
A 1 111 VAL 111 111 111 VAL VAL A . n 
A 1 112 ALA 112 112 112 ALA ALA A . n 
A 1 113 GLY 113 113 113 GLY GLY A . n 
A 1 114 PHE 114 114 114 PHE PHE A . n 
A 1 115 THR 115 115 115 THR THR A . n 
A 1 116 ASN 116 116 116 ASN ASN A . n 
A 1 117 SER 117 117 117 SER SER A . n 
A 1 118 LEU 118 118 118 LEU LEU A . n 
A 1 119 ARG 119 119 119 ARG ARG A . n 
A 1 120 MET 120 120 120 MET MET A . n 
A 1 121 LEU 121 121 121 LEU LEU A . n 
A 1 122 GLN 122 122 122 GLN GLN A . n 
A 1 123 GLN 123 123 123 GLN GLN A . n 
A 1 124 LYS 124 124 124 LYS LYS A . n 
A 1 125 ARG 125 125 125 ARG ARG A . n 
A 1 126 TRP 126 126 126 TRP TRP A . n 
A 1 127 ASP 127 127 127 ASP ASP A . n 
A 1 128 GLU 128 128 128 GLU GLU A . n 
A 1 129 ALA 129 129 129 ALA ALA A . n 
A 1 130 ALA 130 130 130 ALA ALA A . n 
A 1 131 VAL 131 131 131 VAL VAL A . n 
A 1 132 ASN 132 132 132 ASN ASN A . n 
A 1 133 LEU 133 133 133 LEU LEU A . n 
A 1 134 ALA 134 134 134 ALA ALA A . n 
A 1 135 LYS 135 135 135 LYS LYS A . n 
A 1 136 SER 136 136 136 SER SER A . n 
A 1 137 ARG 137 137 137 ARG ARG A . n 
A 1 138 TRP 138 138 138 TRP TRP A . n 
A 1 139 TYR 139 139 139 TYR TYR A . n 
A 1 140 ASN 140 140 140 ASN ASN A . n 
A 1 141 GLN 141 141 141 GLN GLN A . n 
A 1 142 THR 142 142 142 THR THR A . n 
A 1 143 PRO 143 143 143 PRO PRO A . n 
A 1 144 ASN 144 144 144 ASN ASN A . n 
A 1 145 ARG 145 145 145 ARG ARG A . n 
A 1 146 ALA 146 146 146 ALA ALA A . n 
A 1 147 LYS 147 147 147 LYS LYS A . n 
A 1 148 ARG 148 148 148 ARG ARG A . n 
A 1 149 VAL 149 149 149 VAL VAL A . n 
A 1 150 ILE 150 150 150 ILE ILE A . n 
A 1 151 THR 151 151 151 THR THR A . n 
A 1 152 THR 152 152 152 THR THR A . n 
A 1 153 PHE 153 153 153 PHE PHE A . n 
A 1 154 ARG 154 154 154 ARG ARG A . n 
A 1 155 THR 155 155 155 THR THR A . n 
A 1 156 GLY 156 156 156 GLY GLY A . n 
A 1 157 THR 157 157 157 THR THR A . n 
A 1 158 TRP 158 158 158 TRP TRP A . n 
A 1 159 ASP 159 159 159 ASP ASP A . n 
A 1 160 ALA 160 160 160 ALA ALA A . n 
A 1 161 TYR 161 161 161 TYR TYR A . n 
A 1 162 LYS 162 162 162 LYS LYS A . n 
A 1 163 ASN 163 163 ?   ?   ?   A . n 
A 1 164 LEU 164 164 ?   ?   ?   A . n 
# 
loop_
_pdbx_nonpoly_scheme.asym_id 
_pdbx_nonpoly_scheme.entity_id 
_pdbx_nonpoly_scheme.mon_id 
_pdbx_nonpoly_scheme.ndb_seq_num 
_pdbx_nonpoly_scheme.pdb_seq_num 
_pdbx_nonpoly_scheme.auth_seq_num 
_pdbx_nonpoly_scheme.pdb_mon_id 
_pdbx_nonpoly_scheme.auth_mon_id 
_pdbx_nonpoly_scheme.pdb_strand_id 
_pdbx_nonpoly_scheme.pdb_ins_code 
B 2 CL  1  173 173 CL  SOL A . 
C 2 CL  1  178 178 CL  SOL A . 
D 3 BME 1  169 169 BME BME A . 
E 3 BME 1  170 170 BME BME A . 
F 4 1AN 1  401 401 1AN ANI A . 
G 5 HOH 1  171 171 HOH SOL A . 
G 5 HOH 2  172 172 HOH SOL A . 
G 5 HOH 3  174 174 HOH SOL A . 
G 5 HOH 4  175 175 HOH SOL A . 
G 5 HOH 5  176 176 HOH SOL A . 
G 5 HOH 6  177 177 HOH SOL A . 
G 5 HOH 7  179 179 HOH SOL A . 
G 5 HOH 8  180 180 HOH SOL A . 
G 5 HOH 9  181 181 HOH SOL A . 
G 5 HOH 10 182 182 HOH SOL A . 
G 5 HOH 11 183 183 HOH SOL A . 
G 5 HOH 12 185 185 HOH SOL A . 
G 5 HOH 13 186 186 HOH SOL A . 
G 5 HOH 14 187 187 HOH SOL A . 
G 5 HOH 15 188 188 HOH SOL A . 
G 5 HOH 16 190 190 HOH SOL A . 
G 5 HOH 17 191 191 HOH SOL A . 
G 5 HOH 18 193 193 HOH SOL A . 
G 5 HOH 19 195 195 HOH SOL A . 
G 5 HOH 20 196 196 HOH SOL A . 
G 5 HOH 21 198 198 HOH SOL A . 
G 5 HOH 22 199 199 HOH SOL A . 
G 5 HOH 23 200 200 HOH SOL A . 
G 5 HOH 24 201 201 HOH SOL A . 
G 5 HOH 25 203 203 HOH SOL A . 
G 5 HOH 26 204 204 HOH SOL A . 
G 5 HOH 27 207 207 HOH SOL A . 
G 5 HOH 28 208 208 HOH SOL A . 
G 5 HOH 29 210 210 HOH SOL A . 
G 5 HOH 30 211 211 HOH SOL A . 
G 5 HOH 31 213 213 HOH SOL A . 
G 5 HOH 32 217 217 HOH SOL A . 
G 5 HOH 33 218 218 HOH SOL A . 
G 5 HOH 34 219 219 HOH SOL A . 
G 5 HOH 35 221 221 HOH SOL A . 
G 5 HOH 36 222 222 HOH SOL A . 
G 5 HOH 37 223 223 HOH SOL A . 
G 5 HOH 38 226 226 HOH SOL A . 
G 5 HOH 39 229 229 HOH SOL A . 
G 5 HOH 40 231 231 HOH SOL A . 
G 5 HOH 41 235 235 HOH SOL A . 
G 5 HOH 42 238 238 HOH SOL A . 
G 5 HOH 43 239 239 HOH SOL A . 
G 5 HOH 44 240 240 HOH SOL A . 
G 5 HOH 45 242 242 HOH SOL A . 
G 5 HOH 46 251 251 HOH SOL A . 
G 5 HOH 47 256 256 HOH SOL A . 
G 5 HOH 48 259 259 HOH SOL A . 
G 5 HOH 49 260 260 HOH SOL A . 
G 5 HOH 50 268 268 HOH SOL A . 
G 5 HOH 51 269 269 HOH SOL A . 
G 5 HOH 52 270 270 HOH SOL A . 
G 5 HOH 53 273 273 HOH SOL A . 
G 5 HOH 54 274 274 HOH SOL A . 
G 5 HOH 55 277 277 HOH SOL A . 
G 5 HOH 56 278 278 HOH SOL A . 
G 5 HOH 57 281 281 HOH SOL A . 
G 5 HOH 58 282 282 HOH SOL A . 
G 5 HOH 59 288 288 HOH SOL A . 
G 5 HOH 60 291 291 HOH SOL A . 
G 5 HOH 61 293 293 HOH SOL A . 
G 5 HOH 62 296 296 HOH SOL A . 
G 5 HOH 63 299 299 HOH SOL A . 
G 5 HOH 64 311 311 HOH SOL A . 
G 5 HOH 65 320 320 HOH SOL A . 
G 5 HOH 66 321 321 HOH SOL A . 
G 5 HOH 67 322 322 HOH SOL A . 
G 5 HOH 68 323 323 HOH SOL A . 
# 
_pdbx_struct_assembly.id                   1 
_pdbx_struct_assembly.details              author_defined_assembly 
_pdbx_struct_assembly.method_details       ? 
_pdbx_struct_assembly.oligomeric_details   monomeric 
_pdbx_struct_assembly.oligomeric_count     1 
# 
_pdbx_struct_assembly_gen.assembly_id       1 
_pdbx_struct_assembly_gen.oper_expression   1 
_pdbx_struct_assembly_gen.asym_id_list      A,B,C,D,E,F,G 
# 
_pdbx_struct_oper_list.id                   1 
_pdbx_struct_oper_list.type                 'identity operation' 
_pdbx_struct_oper_list.name                 1_555 
_pdbx_struct_oper_list.symmetry_operation   x,y,z 
_pdbx_struct_oper_list.matrix[1][1]         1.0000000000 
_pdbx_struct_oper_list.matrix[1][2]         0.0000000000 
_pdbx_struct_oper_list.matrix[1][3]         0.0000000000 
_pdbx_struct_oper_list.vector[1]            0.0000000000 
_pdbx_struct_oper_list.matrix[2][1]         0.0000000000 
_pdbx_struct_oper_list.matrix[2][2]         1.0000000000 
_pdbx_struct_oper_list.matrix[2][3]         0.0000000000 
_pdbx_struct_oper_list.vector[2]            0.0000000000 
_pdbx_struct_oper_list.matrix[3][1]         0.0000000000 
_pdbx_struct_oper_list.matrix[3][2]         0.0000000000 
_pdbx_struct_oper_list.matrix[3][3]         1.0000000000 
_pdbx_struct_oper_list.vector[3]            0.0000000000 
# 
loop_
_pdbx_audit_revision_history.ordinal 
_pdbx_audit_revision_history.data_content_type 
_pdbx_audit_revision_history.major_revision 
_pdbx_audit_revision_history.minor_revision 
_pdbx_audit_revision_history.revision_date 
1 'Structure model' 1 0 2002-05-08 
2 'Structure model' 1 1 2008-04-28 
3 'Structure model' 1 2 2011-07-13 
4 'Structure model' 1 3 2021-10-27 
5 'Structure model' 1 4 2023-08-16 
# 
_pdbx_audit_revision_details.ordinal             1 
_pdbx_audit_revision_details.revision_ordinal    1 
_pdbx_audit_revision_details.data_content_type   'Structure model' 
_pdbx_audit_revision_details.provider            repository 
_pdbx_audit_revision_details.type                'Initial release' 
_pdbx_audit_revision_details.description         ? 
_pdbx_audit_revision_details.details             ? 
# 
loop_
_pdbx_audit_revision_group.ordinal 
_pdbx_audit_revision_group.revision_ordinal 
_pdbx_audit_revision_group.data_content_type 
_pdbx_audit_revision_group.group 
1 2 'Structure model' 'Version format compliance' 
2 3 'Structure model' 'Version format compliance' 
3 4 'Structure model' 'Database references'       
4 4 'Structure model' 'Derived calculations'      
5 5 'Structure model' 'Data collection'           
6 5 'Structure model' 'Refinement description'    
# 
loop_
_pdbx_audit_revision_category.ordinal 
_pdbx_audit_revision_category.revision_ordinal 
_pdbx_audit_revision_category.data_content_type 
_pdbx_audit_revision_category.category 
1 4 'Structure model' database_2                    
2 4 'Structure model' struct_ref_seq_dif            
3 4 'Structure model' struct_site                   
4 5 'Structure model' chem_comp_atom                
5 5 'Structure model' chem_comp_bond                
6 5 'Structure model' pdbx_initial_refinement_model 
# 
loop_
_pdbx_audit_revision_item.ordinal 
_pdbx_audit_revision_item.revision_ordinal 
_pdbx_audit_revision_item.data_content_type 
_pdbx_audit_revision_item.item 
1 4 'Structure model' '_database_2.pdbx_DOI'                
2 4 'Structure model' '_database_2.pdbx_database_accession' 
3 4 'Structure model' '_struct_ref_seq_dif.details'         
4 4 'Structure model' '_struct_site.pdbx_auth_asym_id'      
5 4 'Structure model' '_struct_site.pdbx_auth_comp_id'      
6 4 'Structure model' '_struct_site.pdbx_auth_seq_id'       
# 
loop_
_software.name 
_software.classification 
_software.version 
_software.citation_id 
_software.pdbx_ordinal 
SDMS   'data collection' . ? 1 
SDMS   'data reduction'  . ? 2 
SQUASH phasing           . ? 3 
TNT    refinement        . ? 4 
SDMS   'data scaling'    . ? 5 
# 
_pdbx_validate_symm_contact.id                1 
_pdbx_validate_symm_contact.PDB_model_num     1 
_pdbx_validate_symm_contact.auth_atom_id_1    O 
_pdbx_validate_symm_contact.auth_asym_id_1    A 
_pdbx_validate_symm_contact.auth_comp_id_1    HOH 
_pdbx_validate_symm_contact.auth_seq_id_1     240 
_pdbx_validate_symm_contact.PDB_ins_code_1    ? 
_pdbx_validate_symm_contact.label_alt_id_1    ? 
_pdbx_validate_symm_contact.site_symmetry_1   1_555 
_pdbx_validate_symm_contact.auth_atom_id_2    O 
_pdbx_validate_symm_contact.auth_asym_id_2    A 
_pdbx_validate_symm_contact.auth_comp_id_2    HOH 
_pdbx_validate_symm_contact.auth_seq_id_2     296 
_pdbx_validate_symm_contact.PDB_ins_code_2    ? 
_pdbx_validate_symm_contact.label_alt_id_2    ? 
_pdbx_validate_symm_contact.site_symmetry_2   5_555 
_pdbx_validate_symm_contact.dist              2.19 
# 
_pdbx_validate_rmsd_bond.id                        1 
_pdbx_validate_rmsd_bond.PDB_model_num             1 
_pdbx_validate_rmsd_bond.auth_atom_id_1            CD 
_pdbx_validate_rmsd_bond.auth_asym_id_1            A 
_pdbx_validate_rmsd_bond.auth_comp_id_1            GLU 
_pdbx_validate_rmsd_bond.auth_seq_id_1             128 
_pdbx_validate_rmsd_bond.PDB_ins_code_1            ? 
_pdbx_validate_rmsd_bond.label_alt_id_1            ? 
_pdbx_validate_rmsd_bond.auth_atom_id_2            OE2 
_pdbx_validate_rmsd_bond.auth_asym_id_2            A 
_pdbx_validate_rmsd_bond.auth_comp_id_2            GLU 
_pdbx_validate_rmsd_bond.auth_seq_id_2             128 
_pdbx_validate_rmsd_bond.PDB_ins_code_2            ? 
_pdbx_validate_rmsd_bond.label_alt_id_2            ? 
_pdbx_validate_rmsd_bond.bond_value                1.325 
_pdbx_validate_rmsd_bond.bond_target_value         1.252 
_pdbx_validate_rmsd_bond.bond_deviation            0.073 
_pdbx_validate_rmsd_bond.bond_standard_deviation   0.011 
_pdbx_validate_rmsd_bond.linker_flag               N 
# 
loop_
_pdbx_validate_rmsd_angle.id 
_pdbx_validate_rmsd_angle.PDB_model_num 
_pdbx_validate_rmsd_angle.auth_atom_id_1 
_pdbx_validate_rmsd_angle.auth_asym_id_1 
_pdbx_validate_rmsd_angle.auth_comp_id_1 
_pdbx_validate_rmsd_angle.auth_seq_id_1 
_pdbx_validate_rmsd_angle.PDB_ins_code_1 
_pdbx_validate_rmsd_angle.label_alt_id_1 
_pdbx_validate_rmsd_angle.auth_atom_id_2 
_pdbx_validate_rmsd_angle.auth_asym_id_2 
_pdbx_validate_rmsd_angle.auth_comp_id_2 
_pdbx_validate_rmsd_angle.auth_seq_id_2 
_pdbx_validate_rmsd_angle.PDB_ins_code_2 
_pdbx_validate_rmsd_angle.label_alt_id_2 
_pdbx_validate_rmsd_angle.auth_atom_id_3 
_pdbx_validate_rmsd_angle.auth_asym_id_3 
_pdbx_validate_rmsd_angle.auth_comp_id_3 
_pdbx_validate_rmsd_angle.auth_seq_id_3 
_pdbx_validate_rmsd_angle.PDB_ins_code_3 
_pdbx_validate_rmsd_angle.label_alt_id_3 
_pdbx_validate_rmsd_angle.angle_value 
_pdbx_validate_rmsd_angle.angle_target_value 
_pdbx_validate_rmsd_angle.angle_deviation 
_pdbx_validate_rmsd_angle.angle_standard_deviation 
_pdbx_validate_rmsd_angle.linker_flag 
1  1 CB  A MET 1   ? ? CA A MET 1   ? ? C   A MET 1   ? ? 124.88 110.40 14.48  2.00 N 
2  1 NE  A ARG 8   ? ? CZ A ARG 8   ? ? NH1 A ARG 8   ? ? 125.26 120.30 4.96   0.50 N 
3  1 NE  A ARG 8   ? ? CZ A ARG 8   ? ? NH2 A ARG 8   ? ? 117.11 120.30 -3.19  0.50 N 
4  1 NE  A ARG 14  ? ? CZ A ARG 14  ? ? NH2 A ARG 14  ? ? 117.10 120.30 -3.20  0.50 N 
5  1 CB  A ASP 20  ? ? CG A ASP 20  ? ? OD1 A ASP 20  ? ? 125.76 118.30 7.46   0.90 N 
6  1 CA  A THR 21  ? ? CB A THR 21  ? ? CG2 A THR 21  ? ? 102.54 112.40 -9.86  1.40 N 
7  1 CA  A THR 26  ? ? CB A THR 26  ? ? CG2 A THR 26  ? ? 124.36 112.40 11.96  1.40 N 
8  1 CB  A ASN 40  ? ? CA A ASN 40  ? ? C   A ASN 40  ? ? 126.14 110.40 15.74  2.00 N 
9  1 CB  A ASP 47  ? ? CG A ASP 47  ? ? OD1 A ASP 47  ? ? 128.53 118.30 10.23  0.90 N 
10 1 CB  A ASP 47  ? ? CG A ASP 47  ? ? OD2 A ASP 47  ? ? 110.11 118.30 -8.19  0.90 N 
11 1 CG1 A VAL 75  ? ? CB A VAL 75  ? ? CG2 A VAL 75  ? ? 99.49  110.90 -11.41 1.60 N 
12 1 CD  A ARG 80  ? ? NE A ARG 80  ? ? CZ  A ARG 80  ? ? 132.04 123.60 8.44   1.40 N 
13 1 NE  A ARG 80  ? ? CZ A ARG 80  ? ? NH1 A ARG 80  ? ? 127.76 120.30 7.46   0.50 N 
14 1 NE  A ARG 80  ? ? CZ A ARG 80  ? ? NH2 A ARG 80  ? ? 116.41 120.30 -3.89  0.50 N 
15 1 NE  A ARG 96  ? ? CZ A ARG 96  ? ? NH1 A ARG 96  ? ? 115.90 120.30 -4.40  0.50 N 
16 1 CG1 A VAL 103 ? ? CB A VAL 103 ? ? CG2 A VAL 103 ? ? 100.28 110.90 -10.62 1.60 N 
17 1 CB  A GLU 108 ? ? CA A GLU 108 ? ? C   A GLU 108 ? ? 122.70 110.40 12.30  2.00 N 
18 1 CA  A THR 109 ? ? CB A THR 109 ? ? CG2 A THR 109 ? ? 99.68  112.40 -12.72 1.40 N 
19 1 CB  A ALA 112 ? ? CA A ALA 112 ? ? C   A ALA 112 ? ? 122.53 110.10 12.43  1.50 N 
20 1 CB  A THR 115 ? ? CA A THR 115 ? ? C   A THR 115 ? ? 94.54  111.60 -17.06 2.70 N 
21 1 CA  A THR 115 ? ? CB A THR 115 ? ? CG2 A THR 115 ? ? 103.39 112.40 -9.01  1.40 N 
22 1 CB  A ASP 127 ? ? CG A ASP 127 ? ? OD1 A ASP 127 ? ? 126.87 118.30 8.57   0.90 N 
23 1 CB  A ASP 127 ? ? CG A ASP 127 ? ? OD2 A ASP 127 ? ? 110.15 118.30 -8.15  0.90 N 
24 1 CG1 A VAL 131 ? ? CB A VAL 131 ? ? CG2 A VAL 131 ? ? 100.40 110.90 -10.50 1.60 N 
25 1 CD  A ARG 145 ? ? NE A ARG 145 ? ? CZ  A ARG 145 ? ? 113.26 123.60 -10.34 1.40 N 
26 1 NE  A ARG 145 ? ? CZ A ARG 145 ? ? NH1 A ARG 145 ? ? 115.83 120.30 -4.47  0.50 N 
27 1 NE  A ARG 148 ? ? CZ A ARG 148 ? ? NH1 A ARG 148 ? ? 125.07 120.30 4.77   0.50 N 
28 1 CB  A ASP 159 ? ? CG A ASP 159 ? ? OD1 A ASP 159 ? ? 124.78 118.30 6.48   0.90 N 
29 1 CB  A TYR 161 ? ? CG A TYR 161 ? ? CD1 A TYR 161 ? ? 116.87 121.00 -4.13  0.60 N 
30 1 CB  A LYS 162 ? ? CA A LYS 162 ? ? C   A LYS 162 ? ? 129.99 110.40 19.59  2.00 N 
# 
loop_
_pdbx_validate_torsion.id 
_pdbx_validate_torsion.PDB_model_num 
_pdbx_validate_torsion.auth_comp_id 
_pdbx_validate_torsion.auth_asym_id 
_pdbx_validate_torsion.auth_seq_id 
_pdbx_validate_torsion.PDB_ins_code 
_pdbx_validate_torsion.label_alt_id 
_pdbx_validate_torsion.phi 
_pdbx_validate_torsion.psi 
1 1 ILE A 29 ? ? -101.55 69.77  
2 1 ARG A 52 ? ? 177.17  163.39 
# 
loop_
_pdbx_unobs_or_zero_occ_residues.id 
_pdbx_unobs_or_zero_occ_residues.PDB_model_num 
_pdbx_unobs_or_zero_occ_residues.polymer_flag 
_pdbx_unobs_or_zero_occ_residues.occupancy_flag 
_pdbx_unobs_or_zero_occ_residues.auth_asym_id 
_pdbx_unobs_or_zero_occ_residues.auth_comp_id 
_pdbx_unobs_or_zero_occ_residues.auth_seq_id 
_pdbx_unobs_or_zero_occ_residues.PDB_ins_code 
_pdbx_unobs_or_zero_occ_residues.label_asym_id 
_pdbx_unobs_or_zero_occ_residues.label_comp_id 
_pdbx_unobs_or_zero_occ_residues.label_seq_id 
1 1 Y 1 A ASN 163 ? A ASN 163 
2 1 Y 1 A LEU 164 ? A LEU 164 
# 
loop_
_chem_comp_atom.comp_id 
_chem_comp_atom.atom_id 
_chem_comp_atom.type_symbol 
_chem_comp_atom.pdbx_aromatic_flag 
_chem_comp_atom.pdbx_stereo_config 
_chem_comp_atom.pdbx_ordinal 
1AN C4   C  Y N 1   
1AN C5   C  Y N 2   
1AN C3   C  Y N 3   
1AN C6   C  Y N 4   
1AN C2   C  Y N 5   
1AN C1   C  Y N 6   
1AN N    N  N N 7   
1AN F2   F  N N 8   
1AN HC4  H  N N 9   
1AN HC5  H  N N 10  
1AN HC3  H  N N 11  
1AN HC6  H  N N 12  
1AN HN1  H  N N 13  
1AN HN2  H  N N 14  
ALA N    N  N N 15  
ALA CA   C  N S 16  
ALA C    C  N N 17  
ALA O    O  N N 18  
ALA CB   C  N N 19  
ALA OXT  O  N N 20  
ALA H    H  N N 21  
ALA H2   H  N N 22  
ALA HA   H  N N 23  
ALA HB1  H  N N 24  
ALA HB2  H  N N 25  
ALA HB3  H  N N 26  
ALA HXT  H  N N 27  
ARG N    N  N N 28  
ARG CA   C  N S 29  
ARG C    C  N N 30  
ARG O    O  N N 31  
ARG CB   C  N N 32  
ARG CG   C  N N 33  
ARG CD   C  N N 34  
ARG NE   N  N N 35  
ARG CZ   C  N N 36  
ARG NH1  N  N N 37  
ARG NH2  N  N N 38  
ARG OXT  O  N N 39  
ARG H    H  N N 40  
ARG H2   H  N N 41  
ARG HA   H  N N 42  
ARG HB2  H  N N 43  
ARG HB3  H  N N 44  
ARG HG2  H  N N 45  
ARG HG3  H  N N 46  
ARG HD2  H  N N 47  
ARG HD3  H  N N 48  
ARG HE   H  N N 49  
ARG HH11 H  N N 50  
ARG HH12 H  N N 51  
ARG HH21 H  N N 52  
ARG HH22 H  N N 53  
ARG HXT  H  N N 54  
ASN N    N  N N 55  
ASN CA   C  N S 56  
ASN C    C  N N 57  
ASN O    O  N N 58  
ASN CB   C  N N 59  
ASN CG   C  N N 60  
ASN OD1  O  N N 61  
ASN ND2  N  N N 62  
ASN OXT  O  N N 63  
ASN H    H  N N 64  
ASN H2   H  N N 65  
ASN HA   H  N N 66  
ASN HB2  H  N N 67  
ASN HB3  H  N N 68  
ASN HD21 H  N N 69  
ASN HD22 H  N N 70  
ASN HXT  H  N N 71  
ASP N    N  N N 72  
ASP CA   C  N S 73  
ASP C    C  N N 74  
ASP O    O  N N 75  
ASP CB   C  N N 76  
ASP CG   C  N N 77  
ASP OD1  O  N N 78  
ASP OD2  O  N N 79  
ASP OXT  O  N N 80  
ASP H    H  N N 81  
ASP H2   H  N N 82  
ASP HA   H  N N 83  
ASP HB2  H  N N 84  
ASP HB3  H  N N 85  
ASP HD2  H  N N 86  
ASP HXT  H  N N 87  
BME C1   C  N N 88  
BME C2   C  N N 89  
BME O1   O  N N 90  
BME S2   S  N N 91  
BME H11  H  N N 92  
BME H12  H  N N 93  
BME H21  H  N N 94  
BME H22  H  N N 95  
BME HO1  H  N N 96  
BME HS2  H  N N 97  
CL  CL   CL N N 98  
CYS N    N  N N 99  
CYS CA   C  N R 100 
CYS C    C  N N 101 
CYS O    O  N N 102 
CYS CB   C  N N 103 
CYS SG   S  N N 104 
CYS OXT  O  N N 105 
CYS H    H  N N 106 
CYS H2   H  N N 107 
CYS HA   H  N N 108 
CYS HB2  H  N N 109 
CYS HB3  H  N N 110 
CYS HG   H  N N 111 
CYS HXT  H  N N 112 
GLN N    N  N N 113 
GLN CA   C  N S 114 
GLN C    C  N N 115 
GLN O    O  N N 116 
GLN CB   C  N N 117 
GLN CG   C  N N 118 
GLN CD   C  N N 119 
GLN OE1  O  N N 120 
GLN NE2  N  N N 121 
GLN OXT  O  N N 122 
GLN H    H  N N 123 
GLN H2   H  N N 124 
GLN HA   H  N N 125 
GLN HB2  H  N N 126 
GLN HB3  H  N N 127 
GLN HG2  H  N N 128 
GLN HG3  H  N N 129 
GLN HE21 H  N N 130 
GLN HE22 H  N N 131 
GLN HXT  H  N N 132 
GLU N    N  N N 133 
GLU CA   C  N S 134 
GLU C    C  N N 135 
GLU O    O  N N 136 
GLU CB   C  N N 137 
GLU CG   C  N N 138 
GLU CD   C  N N 139 
GLU OE1  O  N N 140 
GLU OE2  O  N N 141 
GLU OXT  O  N N 142 
GLU H    H  N N 143 
GLU H2   H  N N 144 
GLU HA   H  N N 145 
GLU HB2  H  N N 146 
GLU HB3  H  N N 147 
GLU HG2  H  N N 148 
GLU HG3  H  N N 149 
GLU HE2  H  N N 150 
GLU HXT  H  N N 151 
GLY N    N  N N 152 
GLY CA   C  N N 153 
GLY C    C  N N 154 
GLY O    O  N N 155 
GLY OXT  O  N N 156 
GLY H    H  N N 157 
GLY H2   H  N N 158 
GLY HA2  H  N N 159 
GLY HA3  H  N N 160 
GLY HXT  H  N N 161 
HIS N    N  N N 162 
HIS CA   C  N S 163 
HIS C    C  N N 164 
HIS O    O  N N 165 
HIS CB   C  N N 166 
HIS CG   C  Y N 167 
HIS ND1  N  Y N 168 
HIS CD2  C  Y N 169 
HIS CE1  C  Y N 170 
HIS NE2  N  Y N 171 
HIS OXT  O  N N 172 
HIS H    H  N N 173 
HIS H2   H  N N 174 
HIS HA   H  N N 175 
HIS HB2  H  N N 176 
HIS HB3  H  N N 177 
HIS HD1  H  N N 178 
HIS HD2  H  N N 179 
HIS HE1  H  N N 180 
HIS HE2  H  N N 181 
HIS HXT  H  N N 182 
HOH O    O  N N 183 
HOH H1   H  N N 184 
HOH H2   H  N N 185 
ILE N    N  N N 186 
ILE CA   C  N S 187 
ILE C    C  N N 188 
ILE O    O  N N 189 
ILE CB   C  N S 190 
ILE CG1  C  N N 191 
ILE CG2  C  N N 192 
ILE CD1  C  N N 193 
ILE OXT  O  N N 194 
ILE H    H  N N 195 
ILE H2   H  N N 196 
ILE HA   H  N N 197 
ILE HB   H  N N 198 
ILE HG12 H  N N 199 
ILE HG13 H  N N 200 
ILE HG21 H  N N 201 
ILE HG22 H  N N 202 
ILE HG23 H  N N 203 
ILE HD11 H  N N 204 
ILE HD12 H  N N 205 
ILE HD13 H  N N 206 
ILE HXT  H  N N 207 
LEU N    N  N N 208 
LEU CA   C  N S 209 
LEU C    C  N N 210 
LEU O    O  N N 211 
LEU CB   C  N N 212 
LEU CG   C  N N 213 
LEU CD1  C  N N 214 
LEU CD2  C  N N 215 
LEU OXT  O  N N 216 
LEU H    H  N N 217 
LEU H2   H  N N 218 
LEU HA   H  N N 219 
LEU HB2  H  N N 220 
LEU HB3  H  N N 221 
LEU HG   H  N N 222 
LEU HD11 H  N N 223 
LEU HD12 H  N N 224 
LEU HD13 H  N N 225 
LEU HD21 H  N N 226 
LEU HD22 H  N N 227 
LEU HD23 H  N N 228 
LEU HXT  H  N N 229 
LYS N    N  N N 230 
LYS CA   C  N S 231 
LYS C    C  N N 232 
LYS O    O  N N 233 
LYS CB   C  N N 234 
LYS CG   C  N N 235 
LYS CD   C  N N 236 
LYS CE   C  N N 237 
LYS NZ   N  N N 238 
LYS OXT  O  N N 239 
LYS H    H  N N 240 
LYS H2   H  N N 241 
LYS HA   H  N N 242 
LYS HB2  H  N N 243 
LYS HB3  H  N N 244 
LYS HG2  H  N N 245 
LYS HG3  H  N N 246 
LYS HD2  H  N N 247 
LYS HD3  H  N N 248 
LYS HE2  H  N N 249 
LYS HE3  H  N N 250 
LYS HZ1  H  N N 251 
LYS HZ2  H  N N 252 
LYS HZ3  H  N N 253 
LYS HXT  H  N N 254 
MET N    N  N N 255 
MET CA   C  N S 256 
MET C    C  N N 257 
MET O    O  N N 258 
MET CB   C  N N 259 
MET CG   C  N N 260 
MET SD   S  N N 261 
MET CE   C  N N 262 
MET OXT  O  N N 263 
MET H    H  N N 264 
MET H2   H  N N 265 
MET HA   H  N N 266 
MET HB2  H  N N 267 
MET HB3  H  N N 268 
MET HG2  H  N N 269 
MET HG3  H  N N 270 
MET HE1  H  N N 271 
MET HE2  H  N N 272 
MET HE3  H  N N 273 
MET HXT  H  N N 274 
PHE N    N  N N 275 
PHE CA   C  N S 276 
PHE C    C  N N 277 
PHE O    O  N N 278 
PHE CB   C  N N 279 
PHE CG   C  Y N 280 
PHE CD1  C  Y N 281 
PHE CD2  C  Y N 282 
PHE CE1  C  Y N 283 
PHE CE2  C  Y N 284 
PHE CZ   C  Y N 285 
PHE OXT  O  N N 286 
PHE H    H  N N 287 
PHE H2   H  N N 288 
PHE HA   H  N N 289 
PHE HB2  H  N N 290 
PHE HB3  H  N N 291 
PHE HD1  H  N N 292 
PHE HD2  H  N N 293 
PHE HE1  H  N N 294 
PHE HE2  H  N N 295 
PHE HZ   H  N N 296 
PHE HXT  H  N N 297 
PRO N    N  N N 298 
PRO CA   C  N S 299 
PRO C    C  N N 300 
PRO O    O  N N 301 
PRO CB   C  N N 302 
PRO CG   C  N N 303 
PRO CD   C  N N 304 
PRO OXT  O  N N 305 
PRO H    H  N N 306 
PRO HA   H  N N 307 
PRO HB2  H  N N 308 
PRO HB3  H  N N 309 
PRO HG2  H  N N 310 
PRO HG3  H  N N 311 
PRO HD2  H  N N 312 
PRO HD3  H  N N 313 
PRO HXT  H  N N 314 
SER N    N  N N 315 
SER CA   C  N S 316 
SER C    C  N N 317 
SER O    O  N N 318 
SER CB   C  N N 319 
SER OG   O  N N 320 
SER OXT  O  N N 321 
SER H    H  N N 322 
SER H2   H  N N 323 
SER HA   H  N N 324 
SER HB2  H  N N 325 
SER HB3  H  N N 326 
SER HG   H  N N 327 
SER HXT  H  N N 328 
THR N    N  N N 329 
THR CA   C  N S 330 
THR C    C  N N 331 
THR O    O  N N 332 
THR CB   C  N R 333 
THR OG1  O  N N 334 
THR CG2  C  N N 335 
THR OXT  O  N N 336 
THR H    H  N N 337 
THR H2   H  N N 338 
THR HA   H  N N 339 
THR HB   H  N N 340 
THR HG1  H  N N 341 
THR HG21 H  N N 342 
THR HG22 H  N N 343 
THR HG23 H  N N 344 
THR HXT  H  N N 345 
TRP N    N  N N 346 
TRP CA   C  N S 347 
TRP C    C  N N 348 
TRP O    O  N N 349 
TRP CB   C  N N 350 
TRP CG   C  Y N 351 
TRP CD1  C  Y N 352 
TRP CD2  C  Y N 353 
TRP NE1  N  Y N 354 
TRP CE2  C  Y N 355 
TRP CE3  C  Y N 356 
TRP CZ2  C  Y N 357 
TRP CZ3  C  Y N 358 
TRP CH2  C  Y N 359 
TRP OXT  O  N N 360 
TRP H    H  N N 361 
TRP H2   H  N N 362 
TRP HA   H  N N 363 
TRP HB2  H  N N 364 
TRP HB3  H  N N 365 
TRP HD1  H  N N 366 
TRP HE1  H  N N 367 
TRP HE3  H  N N 368 
TRP HZ2  H  N N 369 
TRP HZ3  H  N N 370 
TRP HH2  H  N N 371 
TRP HXT  H  N N 372 
TYR N    N  N N 373 
TYR CA   C  N S 374 
TYR C    C  N N 375 
TYR O    O  N N 376 
TYR CB   C  N N 377 
TYR CG   C  Y N 378 
TYR CD1  C  Y N 379 
TYR CD2  C  Y N 380 
TYR CE1  C  Y N 381 
TYR CE2  C  Y N 382 
TYR CZ   C  Y N 383 
TYR OH   O  N N 384 
TYR OXT  O  N N 385 
TYR H    H  N N 386 
TYR H2   H  N N 387 
TYR HA   H  N N 388 
TYR HB2  H  N N 389 
TYR HB3  H  N N 390 
TYR HD1  H  N N 391 
TYR HD2  H  N N 392 
TYR HE1  H  N N 393 
TYR HE2  H  N N 394 
TYR HH   H  N N 395 
TYR HXT  H  N N 396 
VAL N    N  N N 397 
VAL CA   C  N S 398 
VAL C    C  N N 399 
VAL O    O  N N 400 
VAL CB   C  N N 401 
VAL CG1  C  N N 402 
VAL CG2  C  N N 403 
VAL OXT  O  N N 404 
VAL H    H  N N 405 
VAL H2   H  N N 406 
VAL HA   H  N N 407 
VAL HB   H  N N 408 
VAL HG11 H  N N 409 
VAL HG12 H  N N 410 
VAL HG13 H  N N 411 
VAL HG21 H  N N 412 
VAL HG22 H  N N 413 
VAL HG23 H  N N 414 
VAL HXT  H  N N 415 
# 
loop_
_chem_comp_bond.comp_id 
_chem_comp_bond.atom_id_1 
_chem_comp_bond.atom_id_2 
_chem_comp_bond.value_order 
_chem_comp_bond.pdbx_aromatic_flag 
_chem_comp_bond.pdbx_stereo_config 
_chem_comp_bond.pdbx_ordinal 
1AN C4  C5   doub Y N 1   
1AN C4  C3   sing Y N 2   
1AN C4  HC4  sing N N 3   
1AN C5  C6   sing Y N 4   
1AN C5  HC5  sing N N 5   
1AN C3  C2   doub Y N 6   
1AN C3  HC3  sing N N 7   
1AN C6  C1   doub Y N 8   
1AN C6  HC6  sing N N 9   
1AN C2  C1   sing Y N 10  
1AN C2  F2   sing N N 11  
1AN C1  N    sing N N 12  
1AN N   HN1  sing N N 13  
1AN N   HN2  sing N N 14  
ALA N   CA   sing N N 15  
ALA N   H    sing N N 16  
ALA N   H2   sing N N 17  
ALA CA  C    sing N N 18  
ALA CA  CB   sing N N 19  
ALA CA  HA   sing N N 20  
ALA C   O    doub N N 21  
ALA C   OXT  sing N N 22  
ALA CB  HB1  sing N N 23  
ALA CB  HB2  sing N N 24  
ALA CB  HB3  sing N N 25  
ALA OXT HXT  sing N N 26  
ARG N   CA   sing N N 27  
ARG N   H    sing N N 28  
ARG N   H2   sing N N 29  
ARG CA  C    sing N N 30  
ARG CA  CB   sing N N 31  
ARG CA  HA   sing N N 32  
ARG C   O    doub N N 33  
ARG C   OXT  sing N N 34  
ARG CB  CG   sing N N 35  
ARG CB  HB2  sing N N 36  
ARG CB  HB3  sing N N 37  
ARG CG  CD   sing N N 38  
ARG CG  HG2  sing N N 39  
ARG CG  HG3  sing N N 40  
ARG CD  NE   sing N N 41  
ARG CD  HD2  sing N N 42  
ARG CD  HD3  sing N N 43  
ARG NE  CZ   sing N N 44  
ARG NE  HE   sing N N 45  
ARG CZ  NH1  sing N N 46  
ARG CZ  NH2  doub N N 47  
ARG NH1 HH11 sing N N 48  
ARG NH1 HH12 sing N N 49  
ARG NH2 HH21 sing N N 50  
ARG NH2 HH22 sing N N 51  
ARG OXT HXT  sing N N 52  
ASN N   CA   sing N N 53  
ASN N   H    sing N N 54  
ASN N   H2   sing N N 55  
ASN CA  C    sing N N 56  
ASN CA  CB   sing N N 57  
ASN CA  HA   sing N N 58  
ASN C   O    doub N N 59  
ASN C   OXT  sing N N 60  
ASN CB  CG   sing N N 61  
ASN CB  HB2  sing N N 62  
ASN CB  HB3  sing N N 63  
ASN CG  OD1  doub N N 64  
ASN CG  ND2  sing N N 65  
ASN ND2 HD21 sing N N 66  
ASN ND2 HD22 sing N N 67  
ASN OXT HXT  sing N N 68  
ASP N   CA   sing N N 69  
ASP N   H    sing N N 70  
ASP N   H2   sing N N 71  
ASP CA  C    sing N N 72  
ASP CA  CB   sing N N 73  
ASP CA  HA   sing N N 74  
ASP C   O    doub N N 75  
ASP C   OXT  sing N N 76  
ASP CB  CG   sing N N 77  
ASP CB  HB2  sing N N 78  
ASP CB  HB3  sing N N 79  
ASP CG  OD1  doub N N 80  
ASP CG  OD2  sing N N 81  
ASP OD2 HD2  sing N N 82  
ASP OXT HXT  sing N N 83  
BME C1  C2   sing N N 84  
BME C1  O1   sing N N 85  
BME C1  H11  sing N N 86  
BME C1  H12  sing N N 87  
BME C2  S2   sing N N 88  
BME C2  H21  sing N N 89  
BME C2  H22  sing N N 90  
BME O1  HO1  sing N N 91  
BME S2  HS2  sing N N 92  
CYS N   CA   sing N N 93  
CYS N   H    sing N N 94  
CYS N   H2   sing N N 95  
CYS CA  C    sing N N 96  
CYS CA  CB   sing N N 97  
CYS CA  HA   sing N N 98  
CYS C   O    doub N N 99  
CYS C   OXT  sing N N 100 
CYS CB  SG   sing N N 101 
CYS CB  HB2  sing N N 102 
CYS CB  HB3  sing N N 103 
CYS SG  HG   sing N N 104 
CYS OXT HXT  sing N N 105 
GLN N   CA   sing N N 106 
GLN N   H    sing N N 107 
GLN N   H2   sing N N 108 
GLN CA  C    sing N N 109 
GLN CA  CB   sing N N 110 
GLN CA  HA   sing N N 111 
GLN C   O    doub N N 112 
GLN C   OXT  sing N N 113 
GLN CB  CG   sing N N 114 
GLN CB  HB2  sing N N 115 
GLN CB  HB3  sing N N 116 
GLN CG  CD   sing N N 117 
GLN CG  HG2  sing N N 118 
GLN CG  HG3  sing N N 119 
GLN CD  OE1  doub N N 120 
GLN CD  NE2  sing N N 121 
GLN NE2 HE21 sing N N 122 
GLN NE2 HE22 sing N N 123 
GLN OXT HXT  sing N N 124 
GLU N   CA   sing N N 125 
GLU N   H    sing N N 126 
GLU N   H2   sing N N 127 
GLU CA  C    sing N N 128 
GLU CA  CB   sing N N 129 
GLU CA  HA   sing N N 130 
GLU C   O    doub N N 131 
GLU C   OXT  sing N N 132 
GLU CB  CG   sing N N 133 
GLU CB  HB2  sing N N 134 
GLU CB  HB3  sing N N 135 
GLU CG  CD   sing N N 136 
GLU CG  HG2  sing N N 137 
GLU CG  HG3  sing N N 138 
GLU CD  OE1  doub N N 139 
GLU CD  OE2  sing N N 140 
GLU OE2 HE2  sing N N 141 
GLU OXT HXT  sing N N 142 
GLY N   CA   sing N N 143 
GLY N   H    sing N N 144 
GLY N   H2   sing N N 145 
GLY CA  C    sing N N 146 
GLY CA  HA2  sing N N 147 
GLY CA  HA3  sing N N 148 
GLY C   O    doub N N 149 
GLY C   OXT  sing N N 150 
GLY OXT HXT  sing N N 151 
HIS N   CA   sing N N 152 
HIS N   H    sing N N 153 
HIS N   H2   sing N N 154 
HIS CA  C    sing N N 155 
HIS CA  CB   sing N N 156 
HIS CA  HA   sing N N 157 
HIS C   O    doub N N 158 
HIS C   OXT  sing N N 159 
HIS CB  CG   sing N N 160 
HIS CB  HB2  sing N N 161 
HIS CB  HB3  sing N N 162 
HIS CG  ND1  sing Y N 163 
HIS CG  CD2  doub Y N 164 
HIS ND1 CE1  doub Y N 165 
HIS ND1 HD1  sing N N 166 
HIS CD2 NE2  sing Y N 167 
HIS CD2 HD2  sing N N 168 
HIS CE1 NE2  sing Y N 169 
HIS CE1 HE1  sing N N 170 
HIS NE2 HE2  sing N N 171 
HIS OXT HXT  sing N N 172 
HOH O   H1   sing N N 173 
HOH O   H2   sing N N 174 
ILE N   CA   sing N N 175 
ILE N   H    sing N N 176 
ILE N   H2   sing N N 177 
ILE CA  C    sing N N 178 
ILE CA  CB   sing N N 179 
ILE CA  HA   sing N N 180 
ILE C   O    doub N N 181 
ILE C   OXT  sing N N 182 
ILE CB  CG1  sing N N 183 
ILE CB  CG2  sing N N 184 
ILE CB  HB   sing N N 185 
ILE CG1 CD1  sing N N 186 
ILE CG1 HG12 sing N N 187 
ILE CG1 HG13 sing N N 188 
ILE CG2 HG21 sing N N 189 
ILE CG2 HG22 sing N N 190 
ILE CG2 HG23 sing N N 191 
ILE CD1 HD11 sing N N 192 
ILE CD1 HD12 sing N N 193 
ILE CD1 HD13 sing N N 194 
ILE OXT HXT  sing N N 195 
LEU N   CA   sing N N 196 
LEU N   H    sing N N 197 
LEU N   H2   sing N N 198 
LEU CA  C    sing N N 199 
LEU CA  CB   sing N N 200 
LEU CA  HA   sing N N 201 
LEU C   O    doub N N 202 
LEU C   OXT  sing N N 203 
LEU CB  CG   sing N N 204 
LEU CB  HB2  sing N N 205 
LEU CB  HB3  sing N N 206 
LEU CG  CD1  sing N N 207 
LEU CG  CD2  sing N N 208 
LEU CG  HG   sing N N 209 
LEU CD1 HD11 sing N N 210 
LEU CD1 HD12 sing N N 211 
LEU CD1 HD13 sing N N 212 
LEU CD2 HD21 sing N N 213 
LEU CD2 HD22 sing N N 214 
LEU CD2 HD23 sing N N 215 
LEU OXT HXT  sing N N 216 
LYS N   CA   sing N N 217 
LYS N   H    sing N N 218 
LYS N   H2   sing N N 219 
LYS CA  C    sing N N 220 
LYS CA  CB   sing N N 221 
LYS CA  HA   sing N N 222 
LYS C   O    doub N N 223 
LYS C   OXT  sing N N 224 
LYS CB  CG   sing N N 225 
LYS CB  HB2  sing N N 226 
LYS CB  HB3  sing N N 227 
LYS CG  CD   sing N N 228 
LYS CG  HG2  sing N N 229 
LYS CG  HG3  sing N N 230 
LYS CD  CE   sing N N 231 
LYS CD  HD2  sing N N 232 
LYS CD  HD3  sing N N 233 
LYS CE  NZ   sing N N 234 
LYS CE  HE2  sing N N 235 
LYS CE  HE3  sing N N 236 
LYS NZ  HZ1  sing N N 237 
LYS NZ  HZ2  sing N N 238 
LYS NZ  HZ3  sing N N 239 
LYS OXT HXT  sing N N 240 
MET N   CA   sing N N 241 
MET N   H    sing N N 242 
MET N   H2   sing N N 243 
MET CA  C    sing N N 244 
MET CA  CB   sing N N 245 
MET CA  HA   sing N N 246 
MET C   O    doub N N 247 
MET C   OXT  sing N N 248 
MET CB  CG   sing N N 249 
MET CB  HB2  sing N N 250 
MET CB  HB3  sing N N 251 
MET CG  SD   sing N N 252 
MET CG  HG2  sing N N 253 
MET CG  HG3  sing N N 254 
MET SD  CE   sing N N 255 
MET CE  HE1  sing N N 256 
MET CE  HE2  sing N N 257 
MET CE  HE3  sing N N 258 
MET OXT HXT  sing N N 259 
PHE N   CA   sing N N 260 
PHE N   H    sing N N 261 
PHE N   H2   sing N N 262 
PHE CA  C    sing N N 263 
PHE CA  CB   sing N N 264 
PHE CA  HA   sing N N 265 
PHE C   O    doub N N 266 
PHE C   OXT  sing N N 267 
PHE CB  CG   sing N N 268 
PHE CB  HB2  sing N N 269 
PHE CB  HB3  sing N N 270 
PHE CG  CD1  doub Y N 271 
PHE CG  CD2  sing Y N 272 
PHE CD1 CE1  sing Y N 273 
PHE CD1 HD1  sing N N 274 
PHE CD2 CE2  doub Y N 275 
PHE CD2 HD2  sing N N 276 
PHE CE1 CZ   doub Y N 277 
PHE CE1 HE1  sing N N 278 
PHE CE2 CZ   sing Y N 279 
PHE CE2 HE2  sing N N 280 
PHE CZ  HZ   sing N N 281 
PHE OXT HXT  sing N N 282 
PRO N   CA   sing N N 283 
PRO N   CD   sing N N 284 
PRO N   H    sing N N 285 
PRO CA  C    sing N N 286 
PRO CA  CB   sing N N 287 
PRO CA  HA   sing N N 288 
PRO C   O    doub N N 289 
PRO C   OXT  sing N N 290 
PRO CB  CG   sing N N 291 
PRO CB  HB2  sing N N 292 
PRO CB  HB3  sing N N 293 
PRO CG  CD   sing N N 294 
PRO CG  HG2  sing N N 295 
PRO CG  HG3  sing N N 296 
PRO CD  HD2  sing N N 297 
PRO CD  HD3  sing N N 298 
PRO OXT HXT  sing N N 299 
SER N   CA   sing N N 300 
SER N   H    sing N N 301 
SER N   H2   sing N N 302 
SER CA  C    sing N N 303 
SER CA  CB   sing N N 304 
SER CA  HA   sing N N 305 
SER C   O    doub N N 306 
SER C   OXT  sing N N 307 
SER CB  OG   sing N N 308 
SER CB  HB2  sing N N 309 
SER CB  HB3  sing N N 310 
SER OG  HG   sing N N 311 
SER OXT HXT  sing N N 312 
THR N   CA   sing N N 313 
THR N   H    sing N N 314 
THR N   H2   sing N N 315 
THR CA  C    sing N N 316 
THR CA  CB   sing N N 317 
THR CA  HA   sing N N 318 
THR C   O    doub N N 319 
THR C   OXT  sing N N 320 
THR CB  OG1  sing N N 321 
THR CB  CG2  sing N N 322 
THR CB  HB   sing N N 323 
THR OG1 HG1  sing N N 324 
THR CG2 HG21 sing N N 325 
THR CG2 HG22 sing N N 326 
THR CG2 HG23 sing N N 327 
THR OXT HXT  sing N N 328 
TRP N   CA   sing N N 329 
TRP N   H    sing N N 330 
TRP N   H2   sing N N 331 
TRP CA  C    sing N N 332 
TRP CA  CB   sing N N 333 
TRP CA  HA   sing N N 334 
TRP C   O    doub N N 335 
TRP C   OXT  sing N N 336 
TRP CB  CG   sing N N 337 
TRP CB  HB2  sing N N 338 
TRP CB  HB3  sing N N 339 
TRP CG  CD1  doub Y N 340 
TRP CG  CD2  sing Y N 341 
TRP CD1 NE1  sing Y N 342 
TRP CD1 HD1  sing N N 343 
TRP CD2 CE2  doub Y N 344 
TRP CD2 CE3  sing Y N 345 
TRP NE1 CE2  sing Y N 346 
TRP NE1 HE1  sing N N 347 
TRP CE2 CZ2  sing Y N 348 
TRP CE3 CZ3  doub Y N 349 
TRP CE3 HE3  sing N N 350 
TRP CZ2 CH2  doub Y N 351 
TRP CZ2 HZ2  sing N N 352 
TRP CZ3 CH2  sing Y N 353 
TRP CZ3 HZ3  sing N N 354 
TRP CH2 HH2  sing N N 355 
TRP OXT HXT  sing N N 356 
TYR N   CA   sing N N 357 
TYR N   H    sing N N 358 
TYR N   H2   sing N N 359 
TYR CA  C    sing N N 360 
TYR CA  CB   sing N N 361 
TYR CA  HA   sing N N 362 
TYR C   O    doub N N 363 
TYR C   OXT  sing N N 364 
TYR CB  CG   sing N N 365 
TYR CB  HB2  sing N N 366 
TYR CB  HB3  sing N N 367 
TYR CG  CD1  doub Y N 368 
TYR CG  CD2  sing Y N 369 
TYR CD1 CE1  sing Y N 370 
TYR CD1 HD1  sing N N 371 
TYR CD2 CE2  doub Y N 372 
TYR CD2 HD2  sing N N 373 
TYR CE1 CZ   doub Y N 374 
TYR CE1 HE1  sing N N 375 
TYR CE2 CZ   sing Y N 376 
TYR CE2 HE2  sing N N 377 
TYR CZ  OH   sing N N 378 
TYR OH  HH   sing N N 379 
TYR OXT HXT  sing N N 380 
VAL N   CA   sing N N 381 
VAL N   H    sing N N 382 
VAL N   H2   sing N N 383 
VAL CA  C    sing N N 384 
VAL CA  CB   sing N N 385 
VAL CA  HA   sing N N 386 
VAL C   O    doub N N 387 
VAL C   OXT  sing N N 388 
VAL CB  CG1  sing N N 389 
VAL CB  CG2  sing N N 390 
VAL CB  HB   sing N N 391 
VAL CG1 HG11 sing N N 392 
VAL CG1 HG12 sing N N 393 
VAL CG1 HG13 sing N N 394 
VAL CG2 HG21 sing N N 395 
VAL CG2 HG22 sing N N 396 
VAL CG2 HG23 sing N N 397 
VAL OXT HXT  sing N N 398 
# 
loop_
_pdbx_entity_nonpoly.entity_id 
_pdbx_entity_nonpoly.name 
_pdbx_entity_nonpoly.comp_id 
2 'CHLORIDE ION'       CL  
3 BETA-MERCAPTOETHANOL BME 
4 2-FLUOROANILINE      1AN 
5 water                HOH 
# 
_pdbx_initial_refinement_model.id               1 
_pdbx_initial_refinement_model.entity_id_list   ? 
_pdbx_initial_refinement_model.type             'experimental model' 
_pdbx_initial_refinement_model.source_name      PDB 
_pdbx_initial_refinement_model.accession_code   1LGU 
_pdbx_initial_refinement_model.details          'PDB ENTRY 1LGU' 
# 
